data_5ZSA
#
_entry.id   5ZSA
#
_cell.length_a   99.184
_cell.length_b   139.730
_cell.length_c   150.378
_cell.angle_alpha   90.00
_cell.angle_beta   90.00
_cell.angle_gamma   90.00
#
_symmetry.space_group_name_H-M   'P 21 21 21'
#
loop_
_entity.id
_entity.type
_entity.pdbx_description
1 polymer 'Toll-like receptor 7'
2 polymer "RNA (5'-R(P*UP*UP*UP*U)-3')"
3 branched 2-acetamido-2-deoxy-beta-D-glucopyranose-(1-4)-2-acetamido-2-deoxy-beta-D-glucopyranose
4 non-polymer 2-acetamido-2-deoxy-beta-D-glucopyranose
5 non-polymer 1-[[4-(aminomethyl)phenyl]methyl]-2-butyl-imidazo[4,5-c]quinolin-4-amine
6 non-polymer 'SULFATE ION'
7 water water
#
loop_
_entity_poly.entity_id
_entity_poly.type
_entity_poly.pdbx_seq_one_letter_code
_entity_poly.pdbx_strand_id
1 'polypeptide(L)'
;RSPWARWFPKTLPCDVTLDVSKNHVIVDCTDKHLTEIPGGIPTNTTNLTLTINHIPDISPASFHRLVHLVEIDFRCNCVP
IRLGSKSNMCPRRLQIKPRSFSGLTYLKSLYLDGNQLLEIPQGLPPSLQLLSLEANNIFSIRKEQLTELANIEILYLGQN
CYYRNPCYVSYSIEKDAFLNLTKLKVLSLKDNNVTTVPTVLPSTLTELYLYNNMIAEIQEDDFNNLNQLQILDLSGNCPR
CYNAPFPCTPCKNNSPLQIPVNAFDALTELKVLRLHSNSLQHVPPRWFKNINNLQELDLSQNFLAKEIGDAKFLHFLPNL
IQLDLSFNFELQVYRASMNLSQAFSSLKSLKILRIRGYVFKELKSFQLSPLHNLQNLEVLDLGTNFIKIANLSMFKQFKR
LKVIDLSVNKISPSGDSLVPRGSSNARTSVESYEPQVLEQLYYFRYDKYARSCRFKNKEASFTSVQESCYKYGQTLDLSK
NSIFFIKSSDFQHLSFLKCLNLSGNLISQTLNGSEFQPLAELRYLDFSNNRLDLLHSTAFEELRKLEVLDISSNSHYFQS
EGITHMLNFTKNLKVLQKLMMNDNDISSSTSRTMESESLRTLEFRGNHLDVLWRDGDNRYLQLFKNLLKLEELDISKNSL
SFLPSGVFDGMPPNLKNLSLAKNGLKSFIWEKLRYLKNLETLDLSHNQLTTVPERLSNCSRSLKNLILKNNQIRSLTKYF
LQDAFQLRYLDLSSNKIQMIQKTSFPENVLNNLKMLLLHHNRFLCTCDAVWFVWWVQHTEVTIPYLATDVTCVGPGAHKG
QSVISLDLYTCELDLTNEFLVPR
;
B,A
2 'polyribonucleotide' UUUUUU C,D
#
loop_
_chem_comp.id
_chem_comp.type
_chem_comp.name
_chem_comp.formula
IDQ non-polymer 1-[[4-(aminomethyl)phenyl]methyl]-2-butyl-imidazo[4,5-c]quinolin-4-amine 'C22 H25 N5'
NAG D-saccharide, beta linking 2-acetamido-2-deoxy-beta-D-glucopyranose 'C8 H15 N O6'
SO4 non-polymer 'SULFATE ION' 'O4 S -2'
U RNA linking URIDINE-5'-MONOPHOSPHATE 'C9 H13 N2 O9 P'
#
# COMPACT_ATOMS: atom_id res chain seq x y z
N ALA A 5 -44.76 -6.03 9.16
CA ALA A 5 -44.96 -4.96 10.13
C ALA A 5 -45.15 -3.60 9.42
N ARG A 6 -45.13 -3.61 8.09
CA ARG A 6 -45.50 -2.45 7.28
C ARG A 6 -46.58 -2.88 6.30
N TRP A 7 -47.62 -2.07 6.15
CA TRP A 7 -48.67 -2.40 5.21
C TRP A 7 -48.38 -1.84 3.82
N PHE A 8 -47.49 -0.85 3.71
CA PHE A 8 -47.18 -0.23 2.42
C PHE A 8 -45.66 -0.08 2.30
N PRO A 9 -45.00 -0.99 1.58
CA PRO A 9 -43.54 -0.90 1.45
C PRO A 9 -43.14 0.43 0.83
N LYS A 10 -42.02 0.98 1.33
CA LYS A 10 -41.51 2.19 0.71
C LYS A 10 -40.69 1.81 -0.51
N THR A 11 -41.05 2.38 -1.65
CA THR A 11 -40.43 2.07 -2.91
C THR A 11 -39.73 3.27 -3.55
N LEU A 12 -39.99 4.47 -3.06
CA LEU A 12 -39.34 5.68 -3.56
C LEU A 12 -37.84 5.56 -3.36
N PRO A 13 -37.02 5.88 -4.38
CA PRO A 13 -35.57 5.70 -4.26
C PRO A 13 -34.84 6.78 -3.45
N CYS A 14 -35.50 7.41 -2.47
CA CYS A 14 -34.91 8.51 -1.72
C CYS A 14 -35.11 8.27 -0.24
N ASP A 15 -34.12 8.66 0.56
CA ASP A 15 -34.31 8.60 2.00
C ASP A 15 -35.34 9.63 2.46
N VAL A 16 -36.33 9.19 3.24
CA VAL A 16 -37.38 10.06 3.78
C VAL A 16 -37.27 10.12 5.30
N THR A 17 -37.33 11.33 5.84
CA THR A 17 -37.16 11.57 7.27
C THR A 17 -38.18 12.61 7.69
N LEU A 18 -38.66 12.49 8.93
CA LEU A 18 -39.60 13.44 9.51
C LEU A 18 -39.01 14.04 10.76
N ASP A 19 -38.94 15.36 10.80
CA ASP A 19 -38.54 16.12 11.99
C ASP A 19 -39.77 16.92 12.39
N VAL A 20 -40.65 16.29 13.18
CA VAL A 20 -41.95 16.90 13.43
C VAL A 20 -41.88 18.00 14.46
N SER A 21 -40.74 18.16 15.14
CA SER A 21 -40.50 19.40 15.89
C SER A 21 -40.56 20.60 14.97
N LYS A 22 -39.75 20.59 13.90
CA LYS A 22 -39.68 21.67 12.95
C LYS A 22 -40.62 21.48 11.74
N ASN A 23 -41.57 20.56 11.81
CA ASN A 23 -42.53 20.33 10.71
C ASN A 23 -41.84 20.16 9.35
N HIS A 24 -40.78 19.36 9.35
CA HIS A 24 -39.99 19.11 8.14
C HIS A 24 -40.18 17.65 7.72
N VAL A 25 -40.53 17.44 6.46
CA VAL A 25 -40.42 16.10 5.89
C VAL A 25 -39.34 16.17 4.80
N ILE A 26 -38.24 15.47 5.05
CA ILE A 26 -37.01 15.61 4.28
C ILE A 26 -36.87 14.44 3.33
N VAL A 27 -36.77 14.71 2.04
CA VAL A 27 -36.65 13.70 1.02
C VAL A 27 -35.30 13.90 0.34
N ASP A 28 -34.34 12.99 0.61
CA ASP A 28 -32.98 13.09 0.05
C ASP A 28 -32.79 12.06 -1.05
N CYS A 29 -32.78 12.52 -2.30
CA CYS A 29 -32.45 11.70 -3.47
C CYS A 29 -31.06 11.98 -4.01
N THR A 30 -30.11 12.29 -3.13
CA THR A 30 -28.76 12.55 -3.62
C THR A 30 -28.21 11.33 -4.33
N ASP A 31 -27.69 11.54 -5.54
CA ASP A 31 -26.89 10.54 -6.23
C ASP A 31 -27.63 9.19 -6.36
N LYS A 32 -28.76 9.22 -7.08
CA LYS A 32 -29.52 8.00 -7.31
C LYS A 32 -29.67 7.71 -8.79
N HIS A 33 -28.80 8.28 -9.63
CA HIS A 33 -28.77 8.00 -11.06
C HIS A 33 -30.13 8.23 -11.70
N LEU A 34 -30.83 9.24 -11.18
CA LEU A 34 -32.16 9.56 -11.66
C LEU A 34 -32.10 10.35 -12.96
N THR A 35 -32.98 10.00 -13.90
CA THR A 35 -33.19 10.80 -15.10
C THR A 35 -34.52 11.54 -15.05
N GLU A 36 -35.33 11.31 -14.03
CA GLU A 36 -36.58 12.02 -13.82
C GLU A 36 -36.78 12.24 -12.34
N ILE A 37 -37.51 13.28 -11.99
CA ILE A 37 -37.88 13.36 -10.58
C ILE A 37 -38.72 12.14 -10.25
N PRO A 38 -38.38 11.37 -9.23
CA PRO A 38 -39.16 10.14 -8.97
C PRO A 38 -40.59 10.49 -8.64
N GLY A 39 -41.50 9.62 -9.06
CA GLY A 39 -42.89 9.80 -8.73
C GLY A 39 -43.18 9.39 -7.30
N GLY A 40 -44.21 10.00 -6.72
CA GLY A 40 -44.64 9.59 -5.40
C GLY A 40 -43.86 10.20 -4.25
N ILE A 41 -43.13 11.29 -4.50
CA ILE A 41 -42.56 12.08 -3.40
C ILE A 41 -43.69 12.56 -2.51
N PRO A 42 -43.57 12.46 -1.17
CA PRO A 42 -44.69 12.83 -0.29
C PRO A 42 -45.19 14.24 -0.55
N THR A 43 -46.51 14.42 -0.46
CA THR A 43 -47.08 15.73 -0.72
C THR A 43 -46.69 16.73 0.35
N ASN A 44 -46.53 16.27 1.56
CA ASN A 44 -46.05 17.18 2.59
C ASN A 44 -44.56 17.55 2.45
N THR A 45 -43.87 17.30 1.33
CA THR A 45 -42.42 17.50 1.29
C THR A 45 -42.05 18.96 1.48
N THR A 46 -41.14 19.19 2.42
CA THR A 46 -40.60 20.52 2.69
C THR A 46 -39.17 20.69 2.19
N ASN A 47 -38.25 19.76 2.49
CA ASN A 47 -36.88 19.79 2.00
C ASN A 47 -36.67 18.63 1.04
N LEU A 48 -36.34 18.94 -0.23
CA LEU A 48 -36.15 17.97 -1.29
C LEU A 48 -34.79 18.17 -1.95
N THR A 49 -33.94 17.15 -1.91
CA THR A 49 -32.61 17.21 -2.50
C THR A 49 -32.48 16.27 -3.68
N LEU A 50 -32.05 16.80 -4.81
CA LEU A 50 -31.87 16.01 -6.02
C LEU A 50 -30.47 16.21 -6.60
N THR A 51 -29.48 16.52 -5.76
CA THR A 51 -28.12 16.75 -6.24
C THR A 51 -27.53 15.49 -6.83
N ILE A 52 -26.70 15.69 -7.85
CA ILE A 52 -25.95 14.64 -8.53
C ILE A 52 -26.92 13.63 -9.12
N ASN A 53 -27.69 14.06 -10.12
CA ASN A 53 -28.47 13.13 -10.91
C ASN A 53 -28.38 13.65 -12.33
N HIS A 54 -29.18 13.10 -13.22
CA HIS A 54 -29.14 13.53 -14.61
C HIS A 54 -30.55 13.83 -15.08
N ILE A 55 -31.26 14.62 -14.29
CA ILE A 55 -32.60 15.09 -14.62
C ILE A 55 -32.47 16.24 -15.60
N PRO A 56 -32.89 16.07 -16.86
CA PRO A 56 -32.56 17.07 -17.88
C PRO A 56 -33.41 18.32 -17.87
N ASP A 57 -34.57 18.32 -17.20
CA ASP A 57 -35.46 19.45 -17.30
C ASP A 57 -36.23 19.64 -15.99
N ILE A 58 -36.64 20.87 -15.75
CA ILE A 58 -37.60 21.22 -14.71
C ILE A 58 -38.79 21.88 -15.39
N SER A 59 -39.98 21.61 -14.86
CA SER A 59 -41.21 22.11 -15.46
C SER A 59 -42.23 22.29 -14.35
N PRO A 60 -43.36 22.95 -14.65
CA PRO A 60 -44.44 23.05 -13.65
C PRO A 60 -44.87 21.70 -13.10
N ALA A 61 -44.72 20.62 -13.87
CA ALA A 61 -44.98 19.29 -13.36
C ALA A 61 -43.96 18.86 -12.30
N SER A 62 -42.75 19.45 -12.32
CA SER A 62 -41.67 18.97 -11.46
C SER A 62 -42.09 18.96 -10.00
N PHE A 63 -42.69 20.06 -9.52
CA PHE A 63 -43.07 20.22 -8.13
C PHE A 63 -44.57 20.46 -7.98
N HIS A 64 -45.35 19.93 -8.92
CA HIS A 64 -46.80 20.20 -9.03
C HIS A 64 -47.53 20.05 -7.70
N ARG A 65 -47.38 18.90 -7.06
CA ARG A 65 -48.09 18.64 -5.82
C ARG A 65 -47.35 19.12 -4.59
N LEU A 66 -46.10 19.55 -4.74
CA LEU A 66 -45.19 19.79 -3.63
C LEU A 66 -45.28 21.23 -3.11
N VAL A 67 -46.51 21.69 -2.83
CA VAL A 67 -46.69 23.10 -2.51
C VAL A 67 -46.12 23.49 -1.15
N HIS A 68 -45.82 22.54 -0.28
CA HIS A 68 -45.26 22.88 1.01
C HIS A 68 -43.74 23.02 0.97
N LEU A 69 -43.15 23.08 -0.23
CA LEU A 69 -41.71 23.04 -0.34
C LEU A 69 -41.10 24.31 0.22
N VAL A 70 -40.15 24.13 1.12
CA VAL A 70 -39.38 25.23 1.70
C VAL A 70 -37.99 25.35 1.05
N GLU A 71 -37.35 24.20 0.76
CA GLU A 71 -36.02 24.13 0.19
C GLU A 71 -36.00 23.14 -0.98
N ILE A 72 -35.38 23.56 -2.09
CA ILE A 72 -35.10 22.66 -3.20
C ILE A 72 -33.60 22.66 -3.44
N ASP A 73 -32.97 21.49 -3.32
CA ASP A 73 -31.53 21.35 -3.60
C ASP A 73 -31.43 20.61 -4.92
N PHE A 74 -31.28 21.34 -6.02
CA PHE A 74 -31.23 20.75 -7.35
C PHE A 74 -29.87 21.01 -8.00
N ARG A 75 -28.78 20.70 -7.31
CA ARG A 75 -27.44 20.98 -7.83
C ARG A 75 -26.88 19.81 -8.66
N CYS A 76 -25.99 20.17 -9.60
CA CYS A 76 -25.11 19.20 -10.26
C CYS A 76 -25.90 18.10 -10.97
N ASN A 77 -26.93 18.52 -11.69
CA ASN A 77 -27.56 17.64 -12.66
C ASN A 77 -27.05 17.92 -14.05
N CYS A 78 -26.17 18.91 -14.21
CA CYS A 78 -25.44 19.13 -15.45
C CYS A 78 -24.19 19.97 -15.20
N VAL A 79 -23.18 19.40 -14.53
CA VAL A 79 -22.08 20.27 -14.10
C VAL A 79 -21.19 20.61 -15.29
N PRO A 80 -20.54 21.78 -15.29
CA PRO A 80 -19.68 22.15 -16.41
C PRO A 80 -18.60 21.12 -16.68
N ILE A 81 -18.27 21.01 -17.96
CA ILE A 81 -17.45 19.96 -18.58
C ILE A 81 -16.22 19.63 -17.76
N ARG A 82 -15.39 20.64 -17.44
CA ARG A 82 -14.13 20.36 -16.74
C ARG A 82 -14.33 20.06 -15.26
N LEU A 83 -15.47 20.44 -14.70
CA LEU A 83 -15.73 20.21 -13.29
C LEU A 83 -16.35 18.85 -13.00
N GLY A 84 -16.96 18.22 -14.00
CA GLY A 84 -17.73 17.02 -13.79
C GLY A 84 -17.02 15.75 -14.24
N SER A 85 -17.77 14.65 -14.11
CA SER A 85 -17.28 13.33 -14.52
C SER A 85 -16.90 13.34 -15.99
N LYS A 86 -15.69 12.86 -16.29
CA LYS A 86 -15.33 12.69 -17.68
C LYS A 86 -15.84 11.37 -18.27
N SER A 87 -16.40 10.49 -17.45
CA SER A 87 -17.05 9.27 -17.93
C SER A 87 -18.54 9.45 -18.19
N ASN A 88 -19.20 10.43 -17.57
CA ASN A 88 -20.60 10.73 -17.83
C ASN A 88 -20.76 12.25 -17.94
N MET A 89 -20.27 12.81 -19.05
CA MET A 89 -20.41 14.23 -19.29
C MET A 89 -21.86 14.59 -19.58
N CYS A 90 -22.25 15.75 -19.14
CA CYS A 90 -23.59 16.24 -19.39
C CYS A 90 -23.76 16.73 -20.82
N PRO A 91 -24.76 16.25 -21.55
CA PRO A 91 -24.88 16.64 -22.96
C PRO A 91 -25.51 18.03 -23.22
N ARG A 92 -26.43 18.44 -22.32
CA ARG A 92 -27.15 19.70 -22.30
C ARG A 92 -27.48 20.24 -20.94
N ARG A 93 -27.10 21.52 -20.75
N ARG A 93 -27.12 21.54 -20.76
CA ARG A 93 -27.53 22.36 -19.65
CA ARG A 93 -27.57 22.40 -19.68
C ARG A 93 -28.98 22.06 -19.29
C ARG A 93 -28.99 22.03 -19.30
N LEU A 94 -29.25 22.06 -17.99
CA LEU A 94 -30.60 21.92 -17.49
C LEU A 94 -31.55 22.93 -18.15
N GLN A 95 -32.76 22.46 -18.48
CA GLN A 95 -33.80 23.30 -19.06
C GLN A 95 -34.82 23.60 -17.98
N ILE A 96 -34.98 24.88 -17.66
CA ILE A 96 -35.98 25.29 -16.67
C ILE A 96 -37.12 25.97 -17.42
N LYS A 97 -38.28 25.32 -17.44
CA LYS A 97 -39.44 25.83 -18.16
C LYS A 97 -40.18 26.87 -17.34
N PRO A 98 -40.95 27.75 -18.00
CA PRO A 98 -41.67 28.80 -17.28
C PRO A 98 -42.58 28.19 -16.25
N ARG A 99 -42.76 28.91 -15.14
CA ARG A 99 -43.75 28.63 -14.09
C ARG A 99 -43.07 27.69 -13.10
N SER A 100 -41.88 27.09 -13.41
CA SER A 100 -41.45 25.88 -12.72
C SER A 100 -41.46 26.07 -11.21
N PHE A 101 -41.24 27.31 -10.73
CA PHE A 101 -41.16 27.59 -9.30
C PHE A 101 -42.21 28.56 -8.77
N SER A 102 -42.94 29.27 -9.64
CA SER A 102 -43.77 30.39 -9.20
C SER A 102 -44.85 29.97 -8.22
N GLY A 103 -45.35 28.74 -8.33
CA GLY A 103 -46.36 28.22 -7.44
C GLY A 103 -45.88 27.81 -6.06
N LEU A 104 -44.57 27.77 -5.84
CA LEU A 104 -44.03 27.31 -4.56
C LEU A 104 -44.02 28.47 -3.57
N THR A 105 -45.22 28.83 -3.16
CA THR A 105 -45.52 29.93 -2.25
C THR A 105 -44.60 30.02 -1.05
N TYR A 106 -44.10 28.88 -0.56
CA TYR A 106 -43.31 28.88 0.66
C TYR A 106 -41.81 28.68 0.42
N LEU A 107 -41.38 28.68 -0.83
CA LEU A 107 -39.99 28.34 -1.15
C LEU A 107 -39.05 29.39 -0.55
N LYS A 108 -38.13 28.94 0.32
CA LYS A 108 -37.16 29.83 0.95
C LYS A 108 -35.72 29.65 0.50
N SER A 109 -35.33 28.47 0.00
CA SER A 109 -33.94 28.21 -0.38
C SER A 109 -33.94 27.43 -1.68
N LEU A 110 -33.23 27.94 -2.68
CA LEU A 110 -33.17 27.30 -4.00
C LEU A 110 -31.72 27.20 -4.43
N TYR A 111 -31.23 25.98 -4.60
CA TYR A 111 -29.88 25.70 -5.07
C TYR A 111 -29.95 25.19 -6.50
N LEU A 112 -29.35 25.92 -7.43
CA LEU A 112 -29.27 25.45 -8.80
C LEU A 112 -27.84 25.45 -9.30
N ASP A 113 -26.89 25.24 -8.40
CA ASP A 113 -25.49 25.23 -8.76
C ASP A 113 -25.17 24.02 -9.64
N GLY A 114 -24.19 24.19 -10.51
CA GLY A 114 -23.66 23.09 -11.31
C GLY A 114 -24.58 22.52 -12.37
N ASN A 115 -25.33 23.37 -13.08
CA ASN A 115 -26.28 22.90 -14.09
C ASN A 115 -26.08 23.54 -15.46
N GLN A 116 -25.03 24.36 -15.64
CA GLN A 116 -24.68 25.00 -16.90
C GLN A 116 -25.70 26.04 -17.34
N LEU A 117 -26.38 26.64 -16.36
CA LEU A 117 -27.34 27.70 -16.67
C LEU A 117 -26.65 28.91 -17.30
N LEU A 118 -27.34 29.54 -18.24
CA LEU A 118 -26.82 30.70 -18.96
C LEU A 118 -27.31 32.03 -18.40
N GLU A 119 -28.36 32.01 -17.57
CA GLU A 119 -29.02 33.21 -17.12
C GLU A 119 -29.59 33.00 -15.74
N ILE A 120 -29.93 34.09 -15.08
CA ILE A 120 -30.54 33.98 -13.77
C ILE A 120 -31.97 33.48 -13.98
N PRO A 121 -32.32 32.29 -13.49
CA PRO A 121 -33.68 31.78 -13.69
C PRO A 121 -34.71 32.75 -13.14
N GLN A 122 -35.78 32.96 -13.90
CA GLN A 122 -36.81 33.91 -13.56
C GLN A 122 -38.04 33.21 -12.99
N GLY A 123 -39.03 34.01 -12.58
CA GLY A 123 -40.22 33.41 -12.01
C GLY A 123 -40.05 32.92 -10.60
N LEU A 124 -39.07 33.41 -9.90
CA LEU A 124 -38.93 32.82 -8.59
C LEU A 124 -39.88 33.49 -7.61
N PRO A 125 -40.44 32.74 -6.68
CA PRO A 125 -41.45 33.31 -5.80
C PRO A 125 -40.85 34.32 -4.86
N PRO A 126 -41.64 35.28 -4.35
CA PRO A 126 -41.12 36.30 -3.43
C PRO A 126 -40.78 35.79 -2.06
N SER A 127 -41.05 34.52 -1.76
CA SER A 127 -40.70 33.99 -0.45
C SER A 127 -39.21 33.72 -0.34
N LEU A 128 -38.50 33.75 -1.47
CA LEU A 128 -37.15 33.22 -1.56
C LEU A 128 -36.16 34.09 -0.80
N GLN A 129 -35.43 33.48 0.12
CA GLN A 129 -34.35 34.13 0.84
C GLN A 129 -32.96 33.77 0.32
N LEU A 130 -32.74 32.53 -0.15
CA LEU A 130 -31.43 32.04 -0.57
C LEU A 130 -31.50 31.51 -2.00
N LEU A 131 -30.63 32.03 -2.85
CA LEU A 131 -30.48 31.50 -4.21
C LEU A 131 -29.01 31.19 -4.45
N SER A 132 -28.73 30.01 -5.00
CA SER A 132 -27.36 29.56 -5.21
C SER A 132 -27.22 29.16 -6.66
N LEU A 133 -26.24 29.79 -7.34
CA LEU A 133 -26.01 29.59 -8.76
C LEU A 133 -24.53 29.35 -9.06
N GLU A 134 -23.76 28.87 -8.08
CA GLU A 134 -22.34 28.61 -8.31
C GLU A 134 -22.17 27.63 -9.46
N ALA A 135 -21.02 27.72 -10.14
CA ALA A 135 -20.61 26.71 -11.13
C ALA A 135 -21.60 26.58 -12.28
N ASN A 136 -22.26 27.68 -12.64
CA ASN A 136 -23.04 27.76 -13.88
C ASN A 136 -22.24 28.58 -14.90
N ASN A 137 -22.93 29.14 -15.89
CA ASN A 137 -22.31 29.93 -16.94
C ASN A 137 -22.97 31.31 -17.04
N ILE A 138 -23.25 31.94 -15.90
CA ILE A 138 -23.91 33.25 -15.83
C ILE A 138 -22.81 34.26 -15.53
N PHE A 139 -22.47 35.13 -16.48
CA PHE A 139 -21.37 36.06 -16.26
C PHE A 139 -21.71 37.47 -16.70
N SER A 140 -22.99 37.82 -16.72
CA SER A 140 -23.42 39.20 -16.91
C SER A 140 -24.65 39.42 -16.05
N ILE A 141 -24.53 40.33 -15.08
CA ILE A 141 -25.60 40.61 -14.13
C ILE A 141 -26.30 41.91 -14.53
N ARG A 142 -27.62 41.85 -14.69
CA ARG A 142 -28.44 42.98 -15.09
C ARG A 142 -29.50 43.23 -14.04
N LYS A 143 -29.65 44.51 -13.65
CA LYS A 143 -30.63 44.90 -12.64
C LYS A 143 -32.00 44.28 -12.90
N GLU A 144 -32.39 44.17 -14.17
CA GLU A 144 -33.75 43.71 -14.46
C GLU A 144 -33.93 42.24 -14.13
N GLN A 145 -32.87 41.43 -14.24
CA GLN A 145 -32.96 40.02 -13.87
C GLN A 145 -32.95 39.81 -12.37
N LEU A 146 -32.73 40.86 -11.58
CA LEU A 146 -32.72 40.76 -10.13
C LEU A 146 -33.92 41.42 -9.47
N THR A 147 -34.85 42.00 -10.24
CA THR A 147 -36.05 42.57 -9.65
C THR A 147 -36.82 41.51 -8.87
N GLU A 148 -36.98 40.32 -9.47
CA GLU A 148 -37.71 39.20 -8.88
C GLU A 148 -37.16 38.77 -7.52
N LEU A 149 -35.95 39.18 -7.13
CA LEU A 149 -35.31 38.74 -5.91
C LEU A 149 -35.45 39.73 -4.77
N ALA A 150 -36.59 40.42 -4.68
CA ALA A 150 -36.74 41.55 -3.76
C ALA A 150 -36.46 41.17 -2.31
N ASN A 151 -36.88 39.98 -1.89
CA ASN A 151 -36.70 39.58 -0.51
C ASN A 151 -35.41 38.81 -0.27
N ILE A 152 -34.49 38.78 -1.23
CA ILE A 152 -33.35 37.89 -1.12
C ILE A 152 -32.40 38.38 -0.03
N GLU A 153 -31.83 37.42 0.69
CA GLU A 153 -30.84 37.70 1.72
C GLU A 153 -29.50 37.04 1.44
N ILE A 154 -29.48 35.90 0.76
CA ILE A 154 -28.25 35.15 0.52
C ILE A 154 -28.19 34.79 -0.95
N LEU A 155 -27.15 35.27 -1.64
CA LEU A 155 -27.01 35.16 -3.08
C LEU A 155 -25.58 34.71 -3.43
N TYR A 156 -25.46 33.52 -4.04
CA TYR A 156 -24.19 32.92 -4.41
C TYR A 156 -24.10 32.88 -5.93
N LEU A 157 -23.10 33.56 -6.49
CA LEU A 157 -22.92 33.58 -7.94
C LEU A 157 -21.51 33.25 -8.39
N GLY A 158 -20.65 32.72 -7.50
CA GLY A 158 -19.28 32.48 -7.82
C GLY A 158 -19.05 31.27 -8.71
N GLN A 159 -17.78 31.08 -9.07
CA GLN A 159 -17.30 29.93 -9.85
C GLN A 159 -18.01 29.81 -11.19
N ASN A 160 -18.47 30.93 -11.72
CA ASN A 160 -19.08 30.97 -13.04
C ASN A 160 -18.13 31.39 -14.14
N CYS A 161 -16.94 31.91 -13.81
CA CYS A 161 -15.98 32.32 -14.86
C CYS A 161 -14.56 32.27 -14.26
N TYR A 162 -13.90 31.13 -14.42
CA TYR A 162 -12.54 30.94 -13.92
C TYR A 162 -11.92 29.76 -14.63
N TYR A 163 -10.66 29.46 -14.30
CA TYR A 163 -9.86 28.59 -15.16
C TYR A 163 -10.54 27.24 -15.39
N ARG A 164 -11.16 26.67 -14.36
CA ARG A 164 -11.86 25.40 -14.52
C ARG A 164 -13.22 25.54 -15.21
N ASN A 165 -13.78 26.74 -15.34
CA ASN A 165 -15.11 26.92 -15.92
C ASN A 165 -15.13 28.24 -16.68
N PRO A 166 -14.35 28.34 -17.73
CA PRO A 166 -14.09 29.66 -18.34
C PRO A 166 -15.28 30.20 -19.11
N CYS A 167 -15.41 31.54 -19.05
CA CYS A 167 -16.37 32.29 -19.85
C CYS A 167 -15.72 33.21 -20.88
N TYR A 168 -14.41 33.38 -20.84
CA TYR A 168 -13.62 34.00 -21.89
C TYR A 168 -13.87 35.51 -22.04
N VAL A 169 -14.54 36.15 -21.08
CA VAL A 169 -14.71 37.60 -21.07
C VAL A 169 -14.59 38.08 -19.63
N SER A 170 -14.59 39.40 -19.45
CA SER A 170 -14.71 39.94 -18.12
C SER A 170 -16.14 39.78 -17.62
N TYR A 171 -16.25 39.57 -16.32
CA TYR A 171 -17.55 39.58 -15.67
C TYR A 171 -18.15 40.99 -15.77
N SER A 172 -19.47 41.07 -15.92
CA SER A 172 -20.17 42.33 -16.14
C SER A 172 -21.28 42.45 -15.13
N ILE A 173 -21.28 43.56 -14.39
CA ILE A 173 -22.32 43.84 -13.40
C ILE A 173 -22.82 45.25 -13.67
N GLU A 174 -24.11 45.38 -13.90
CA GLU A 174 -24.66 46.71 -14.11
C GLU A 174 -24.53 47.55 -12.85
N LYS A 175 -24.44 48.86 -13.06
CA LYS A 175 -24.43 49.82 -11.98
C LYS A 175 -25.65 49.60 -11.09
N ASP A 176 -25.43 49.63 -9.78
CA ASP A 176 -26.53 49.47 -8.81
C ASP A 176 -27.37 48.23 -9.08
N ALA A 177 -26.79 47.20 -9.69
CA ALA A 177 -27.56 45.98 -9.99
C ALA A 177 -28.16 45.41 -8.72
N PHE A 178 -27.43 45.47 -7.59
CA PHE A 178 -27.87 44.90 -6.32
C PHE A 178 -28.47 45.93 -5.37
N LEU A 179 -28.50 47.20 -5.77
CA LEU A 179 -28.83 48.26 -4.82
C LEU A 179 -30.24 48.10 -4.25
N ASN A 180 -31.19 47.65 -5.05
CA ASN A 180 -32.56 47.51 -4.58
C ASN A 180 -32.85 46.17 -3.90
N LEU A 181 -31.85 45.31 -3.75
CA LEU A 181 -32.02 44.11 -2.92
C LEU A 181 -31.80 44.56 -1.48
N THR A 182 -32.86 45.16 -0.93
CA THR A 182 -32.80 45.86 0.35
C THR A 182 -32.61 44.94 1.55
N LYS A 183 -32.76 43.63 1.38
CA LYS A 183 -32.53 42.70 2.47
C LYS A 183 -31.26 41.87 2.28
N LEU A 184 -30.51 42.12 1.22
CA LEU A 184 -29.38 41.27 0.89
C LEU A 184 -28.32 41.32 1.98
N LYS A 185 -28.01 40.15 2.55
CA LYS A 185 -27.02 40.06 3.62
C LYS A 185 -25.69 39.51 3.16
N VAL A 186 -25.72 38.46 2.34
CA VAL A 186 -24.54 37.70 1.90
C VAL A 186 -24.49 37.75 0.38
N LEU A 187 -23.37 38.24 -0.15
CA LEU A 187 -23.16 38.33 -1.60
C LEU A 187 -21.81 37.71 -1.92
N SER A 188 -21.82 36.69 -2.77
CA SER A 188 -20.62 35.95 -3.11
C SER A 188 -20.39 36.05 -4.61
N LEU A 189 -19.32 36.74 -5.01
CA LEU A 189 -18.94 36.83 -6.41
C LEU A 189 -17.53 36.29 -6.64
N LYS A 190 -17.12 35.31 -5.84
CA LYS A 190 -15.79 34.72 -5.95
C LYS A 190 -15.57 34.02 -7.30
N ASP A 191 -14.31 33.85 -7.68
CA ASP A 191 -13.91 32.99 -8.82
C ASP A 191 -14.70 33.31 -10.09
N ASN A 192 -14.78 34.61 -10.45
CA ASN A 192 -15.70 35.01 -11.50
C ASN A 192 -15.14 35.94 -12.58
N ASN A 193 -13.85 36.30 -12.55
CA ASN A 193 -13.27 37.24 -13.51
C ASN A 193 -13.90 38.64 -13.36
N VAL A 194 -14.22 39.02 -12.13
CA VAL A 194 -14.73 40.36 -11.89
C VAL A 194 -13.58 41.35 -11.99
N THR A 195 -13.83 42.52 -12.60
CA THR A 195 -12.77 43.52 -12.72
C THR A 195 -12.92 44.72 -11.78
N THR A 196 -14.11 45.01 -11.26
CA THR A 196 -14.23 46.10 -10.28
C THR A 196 -15.21 45.71 -9.18
N VAL A 197 -15.02 46.29 -7.99
CA VAL A 197 -16.05 46.20 -6.96
C VAL A 197 -17.37 46.72 -7.54
N PRO A 198 -18.42 45.92 -7.65
CA PRO A 198 -19.68 46.46 -8.15
C PRO A 198 -20.25 47.42 -7.12
N THR A 199 -20.78 48.54 -7.61
CA THR A 199 -21.33 49.61 -6.78
C THR A 199 -22.62 50.08 -7.44
N VAL A 200 -23.54 50.64 -6.66
CA VAL A 200 -23.49 50.69 -5.20
C VAL A 200 -24.14 49.43 -4.65
N LEU A 201 -23.62 48.91 -3.55
CA LEU A 201 -24.21 47.71 -2.94
C LEU A 201 -25.13 48.12 -1.82
N PRO A 202 -26.11 47.28 -1.47
CA PRO A 202 -27.03 47.66 -0.40
C PRO A 202 -26.35 47.60 0.95
N SER A 203 -26.63 48.61 1.79
CA SER A 203 -26.01 48.78 3.10
C SER A 203 -26.40 47.68 4.08
N THR A 204 -27.29 46.78 3.69
CA THR A 204 -27.63 45.65 4.54
C THR A 204 -26.56 44.56 4.56
N LEU A 205 -25.60 44.58 3.64
CA LEU A 205 -24.61 43.51 3.52
C LEU A 205 -23.88 43.23 4.83
N THR A 206 -23.77 41.94 5.16
CA THR A 206 -22.91 41.54 6.28
C THR A 206 -21.67 40.81 5.82
N GLU A 207 -21.74 40.16 4.67
CA GLU A 207 -20.63 39.36 4.16
C GLU A 207 -20.49 39.59 2.66
N LEU A 208 -19.27 39.93 2.25
CA LEU A 208 -18.98 40.17 0.84
C LEU A 208 -17.75 39.36 0.43
N TYR A 209 -17.91 38.50 -0.57
CA TYR A 209 -16.86 37.63 -1.07
C TYR A 209 -16.59 38.04 -2.51
N LEU A 210 -15.42 38.68 -2.73
CA LEU A 210 -14.96 39.09 -4.05
C LEU A 210 -13.63 38.43 -4.42
N TYR A 211 -13.30 37.30 -3.80
CA TYR A 211 -11.94 36.81 -3.95
C TYR A 211 -11.76 36.01 -5.25
N ASN A 212 -10.49 35.83 -5.62
CA ASN A 212 -10.08 35.16 -6.86
C ASN A 212 -10.72 35.78 -8.11
N ASN A 213 -10.42 37.05 -8.33
CA ASN A 213 -11.01 37.79 -9.46
C ASN A 213 -9.89 38.60 -10.12
N MET A 214 -10.28 39.60 -10.92
CA MET A 214 -9.36 40.44 -11.67
C MET A 214 -9.44 41.90 -11.24
N ILE A 215 -9.60 42.15 -9.95
CA ILE A 215 -9.73 43.49 -9.41
C ILE A 215 -8.34 43.99 -9.05
N ALA A 216 -7.90 45.07 -9.70
CA ALA A 216 -6.58 45.61 -9.44
C ALA A 216 -6.58 46.77 -8.47
N GLU A 217 -7.71 47.46 -8.34
CA GLU A 217 -7.84 48.66 -7.53
C GLU A 217 -9.16 48.68 -6.77
N ILE A 218 -9.09 49.10 -5.52
CA ILE A 218 -10.27 49.47 -4.76
C ILE A 218 -10.46 50.97 -4.88
N GLN A 219 -11.65 51.39 -5.30
CA GLN A 219 -11.93 52.82 -5.21
C GLN A 219 -12.16 53.21 -3.75
N GLU A 220 -11.83 54.46 -3.42
CA GLU A 220 -11.91 54.88 -2.02
C GLU A 220 -13.32 54.80 -1.47
N ASP A 221 -14.34 54.84 -2.33
CA ASP A 221 -15.74 54.81 -1.93
C ASP A 221 -16.43 53.47 -2.19
N ASP A 222 -15.68 52.44 -2.63
CA ASP A 222 -16.32 51.18 -3.01
C ASP A 222 -17.13 50.57 -1.86
N PHE A 223 -16.68 50.73 -0.61
CA PHE A 223 -17.36 50.18 0.55
C PHE A 223 -18.01 51.26 1.43
N ASN A 224 -18.41 52.40 0.83
CA ASN A 224 -18.75 53.60 1.59
C ASN A 224 -19.93 53.40 2.52
N ASN A 225 -20.95 52.68 2.07
CA ASN A 225 -22.19 52.57 2.82
C ASN A 225 -22.32 51.29 3.62
N LEU A 226 -21.32 50.41 3.62
CA LEU A 226 -21.49 49.09 4.24
C LEU A 226 -21.10 49.12 5.72
N ASN A 227 -21.87 49.90 6.47
CA ASN A 227 -21.64 50.02 7.90
C ASN A 227 -22.13 48.80 8.68
N GLN A 228 -22.69 47.82 7.98
CA GLN A 228 -23.07 46.55 8.60
C GLN A 228 -22.16 45.40 8.17
N LEU A 229 -21.19 45.64 7.31
CA LEU A 229 -20.37 44.55 6.80
C LEU A 229 -19.57 43.90 7.92
N GLN A 230 -19.61 42.56 8.00
CA GLN A 230 -18.84 41.86 9.02
C GLN A 230 -17.69 41.06 8.47
N ILE A 231 -17.83 40.55 7.25
CA ILE A 231 -16.81 39.73 6.61
C ILE A 231 -16.56 40.33 5.24
N LEU A 232 -15.27 40.57 4.94
CA LEU A 232 -14.85 41.09 3.65
C LEU A 232 -13.66 40.27 3.16
N ASP A 233 -13.80 39.67 1.98
CA ASP A 233 -12.76 38.83 1.39
C ASP A 233 -12.42 39.37 0.01
N LEU A 234 -11.21 39.92 -0.13
CA LEU A 234 -10.71 40.46 -1.40
C LEU A 234 -9.50 39.67 -1.89
N SER A 235 -9.28 38.48 -1.35
CA SER A 235 -8.10 37.68 -1.64
C SER A 235 -7.98 37.35 -3.12
N GLY A 236 -6.76 37.07 -3.55
CA GLY A 236 -6.58 36.56 -4.90
C GLY A 236 -6.92 37.57 -5.98
N ASN A 237 -6.80 38.85 -5.70
CA ASN A 237 -6.76 39.90 -6.70
C ASN A 237 -5.35 40.47 -6.72
N CYS A 238 -4.65 40.34 -7.85
CA CYS A 238 -3.19 40.46 -7.89
C CYS A 238 -2.55 39.35 -7.04
N PRO A 239 -2.68 38.09 -7.47
CA PRO A 239 -2.16 36.98 -6.68
C PRO A 239 -0.64 36.94 -6.64
N ARG A 240 -0.13 36.45 -5.53
CA ARG A 240 1.24 35.98 -5.45
C ARG A 240 1.28 34.60 -6.11
N CYS A 241 1.86 34.49 -7.29
CA CYS A 241 1.73 33.25 -8.06
C CYS A 241 2.87 32.26 -7.85
N TYR A 242 3.85 32.55 -7.01
CA TYR A 242 4.97 31.63 -6.86
C TYR A 242 4.50 30.29 -6.28
N ASN A 243 4.84 29.20 -6.96
CA ASN A 243 4.48 27.84 -6.61
C ASN A 243 2.98 27.61 -6.51
N ALA A 244 2.20 28.38 -7.26
CA ALA A 244 0.75 28.14 -7.26
C ALA A 244 0.45 26.85 -8.02
N PRO A 245 -0.34 25.96 -7.46
CA PRO A 245 -0.66 24.73 -8.20
C PRO A 245 -1.91 24.86 -9.07
N PHE A 246 -2.24 26.07 -9.50
CA PHE A 246 -3.31 26.35 -10.44
C PHE A 246 -2.80 27.43 -11.37
N PRO A 247 -3.32 27.52 -12.60
CA PRO A 247 -2.92 28.63 -13.48
C PRO A 247 -3.18 29.96 -12.80
N CYS A 248 -2.16 30.82 -12.77
CA CYS A 248 -2.14 32.02 -11.96
C CYS A 248 -1.53 33.15 -12.78
N THR A 249 -2.26 34.25 -12.93
CA THR A 249 -1.78 35.42 -13.66
C THR A 249 -1.63 36.61 -12.72
N PRO A 250 -0.40 37.07 -12.48
CA PRO A 250 -0.20 38.22 -11.59
C PRO A 250 -0.61 39.52 -12.25
N CYS A 251 -0.82 40.53 -11.42
CA CYS A 251 -0.97 41.91 -11.90
C CYS A 251 0.33 42.41 -12.54
N LYS A 252 0.18 43.34 -13.50
CA LYS A 252 1.33 43.97 -14.14
C LYS A 252 2.35 44.52 -13.14
N ASN A 253 3.62 44.39 -13.52
CA ASN A 253 4.73 45.07 -12.85
C ASN A 253 4.88 44.68 -11.40
N ASN A 254 4.47 43.46 -11.05
CA ASN A 254 4.37 43.03 -9.67
C ASN A 254 3.59 44.03 -8.81
N SER A 255 2.53 44.58 -9.37
CA SER A 255 1.76 45.55 -8.63
C SER A 255 0.94 44.81 -7.59
N PRO A 256 0.73 45.40 -6.42
CA PRO A 256 -0.25 44.84 -5.48
C PRO A 256 -1.66 45.27 -5.82
N LEU A 257 -2.62 44.59 -5.22
CA LEU A 257 -3.96 45.13 -5.19
C LEU A 257 -3.87 46.49 -4.52
N GLN A 258 -4.39 47.52 -5.18
CA GLN A 258 -4.25 48.87 -4.64
C GLN A 258 -5.47 49.25 -3.82
N ILE A 259 -5.25 49.63 -2.58
CA ILE A 259 -6.32 49.94 -1.64
C ILE A 259 -6.07 51.30 -1.00
N PRO A 260 -6.90 52.30 -1.26
CA PRO A 260 -6.71 53.59 -0.59
C PRO A 260 -6.72 53.43 0.92
N VAL A 261 -5.99 54.32 1.59
CA VAL A 261 -5.81 54.25 3.03
C VAL A 261 -7.13 54.45 3.79
N ASN A 262 -8.14 55.02 3.12
CA ASN A 262 -9.44 55.28 3.73
C ASN A 262 -10.52 54.35 3.20
N ALA A 263 -10.14 53.31 2.47
CA ALA A 263 -11.10 52.40 1.84
C ALA A 263 -11.98 51.67 2.85
N PHE A 264 -11.53 51.53 4.10
CA PHE A 264 -12.27 50.74 5.08
C PHE A 264 -12.95 51.62 6.11
N ASP A 265 -12.95 52.95 5.88
CA ASP A 265 -13.43 53.88 6.90
C ASP A 265 -14.85 53.60 7.35
N ALA A 266 -15.72 53.15 6.45
CA ALA A 266 -17.10 52.92 6.87
C ALA A 266 -17.34 51.60 7.58
N LEU A 267 -16.39 50.67 7.56
CA LEU A 267 -16.67 49.29 7.97
C LEU A 267 -16.49 49.13 9.49
N THR A 268 -17.29 49.91 10.24
CA THR A 268 -17.09 49.95 11.69
C THR A 268 -17.42 48.61 12.35
N GLU A 269 -18.21 47.76 11.70
CA GLU A 269 -18.58 46.45 12.23
C GLU A 269 -17.70 45.29 11.72
N LEU A 270 -16.67 45.57 10.93
CA LEU A 270 -15.90 44.52 10.28
C LEU A 270 -15.23 43.59 11.30
N LYS A 271 -15.57 42.31 11.25
CA LYS A 271 -14.88 41.34 12.10
C LYS A 271 -13.85 40.53 11.35
N VAL A 272 -14.04 40.28 10.05
CA VAL A 272 -13.15 39.39 9.31
C VAL A 272 -12.70 40.09 8.03
N LEU A 273 -11.38 40.21 7.88
CA LEU A 273 -10.75 40.79 6.72
C LEU A 273 -9.72 39.82 6.19
N ARG A 274 -9.95 39.34 4.97
CA ARG A 274 -9.04 38.43 4.30
C ARG A 274 -8.39 39.13 3.12
N LEU A 275 -7.06 39.27 3.18
CA LEU A 275 -6.25 39.81 2.10
C LEU A 275 -5.12 38.81 1.79
N HIS A 276 -5.55 37.60 1.47
CA HIS A 276 -4.65 36.51 1.13
C HIS A 276 -4.28 36.62 -0.35
N SER A 277 -2.98 36.49 -0.68
CA SER A 277 -2.53 36.49 -2.06
C SER A 277 -3.04 37.72 -2.84
N ASN A 278 -2.69 38.89 -2.30
CA ASN A 278 -2.91 40.17 -2.95
C ASN A 278 -1.60 40.88 -3.23
N SER A 279 -0.46 40.17 -3.13
CA SER A 279 0.88 40.69 -3.43
C SER A 279 1.19 41.98 -2.68
N LEU A 280 0.67 42.09 -1.46
CA LEU A 280 0.92 43.25 -0.61
C LEU A 280 2.38 43.37 -0.19
N GLN A 281 2.90 44.59 -0.26
CA GLN A 281 4.19 44.90 0.33
C GLN A 281 4.11 45.77 1.55
N HIS A 282 2.97 46.41 1.82
CA HIS A 282 2.84 47.26 2.99
C HIS A 282 1.44 47.11 3.55
N VAL A 283 1.32 47.26 4.86
CA VAL A 283 0.01 47.26 5.49
C VAL A 283 -0.11 48.61 6.20
N PRO A 284 -0.59 49.64 5.52
CA PRO A 284 -0.63 50.96 6.14
C PRO A 284 -1.50 50.95 7.38
N PRO A 285 -0.96 51.42 8.52
CA PRO A 285 -1.79 51.57 9.72
C PRO A 285 -3.07 52.35 9.47
N ARG A 286 -3.06 53.27 8.49
CA ARG A 286 -4.25 54.07 8.24
C ARG A 286 -5.46 53.19 7.91
N TRP A 287 -5.23 51.99 7.35
CA TRP A 287 -6.34 51.09 7.00
C TRP A 287 -7.26 50.81 8.18
N PHE A 288 -6.71 50.71 9.39
CA PHE A 288 -7.49 50.15 10.51
C PHE A 288 -7.91 51.19 11.54
N LYS A 289 -7.99 52.46 11.15
CA LYS A 289 -8.23 53.48 12.18
C LYS A 289 -9.69 53.57 12.58
N ASN A 290 -10.63 53.24 11.70
CA ASN A 290 -12.04 53.20 12.11
C ASN A 290 -12.59 51.78 12.23
N ILE A 291 -11.75 50.77 12.18
CA ILE A 291 -12.17 49.42 12.49
C ILE A 291 -11.54 49.09 13.83
N ASN A 292 -12.35 48.96 14.87
CA ASN A 292 -11.81 48.62 16.16
C ASN A 292 -12.30 47.26 16.64
N ASN A 293 -13.10 46.58 15.83
CA ASN A 293 -13.66 45.29 16.18
C ASN A 293 -13.03 44.13 15.42
N LEU A 294 -12.04 44.37 14.57
CA LEU A 294 -11.52 43.30 13.73
C LEU A 294 -11.01 42.15 14.59
N GLN A 295 -11.52 40.94 14.32
CA GLN A 295 -11.15 39.74 15.06
C GLN A 295 -10.22 38.82 14.29
N GLU A 296 -10.38 38.73 12.97
CA GLU A 296 -9.62 37.81 12.13
C GLU A 296 -9.03 38.58 10.96
N LEU A 297 -7.71 38.44 10.77
CA LEU A 297 -6.99 39.09 9.70
C LEU A 297 -6.07 38.07 9.04
N ASP A 298 -6.34 37.78 7.75
CA ASP A 298 -5.53 36.90 6.94
C ASP A 298 -4.69 37.74 5.99
N LEU A 299 -3.37 37.74 6.20
CA LEU A 299 -2.41 38.40 5.32
C LEU A 299 -1.41 37.42 4.74
N SER A 300 -1.84 36.17 4.49
CA SER A 300 -0.95 35.15 3.96
C SER A 300 -0.74 35.31 2.44
N GLN A 301 0.40 34.83 1.96
CA GLN A 301 0.74 34.86 0.54
C GLN A 301 0.82 36.30 0.00
N ASN A 302 1.56 37.15 0.70
CA ASN A 302 1.89 38.44 0.10
C ASN A 302 3.40 38.60 0.06
N PHE A 303 3.89 39.84 0.03
CA PHE A 303 5.33 40.07 0.09
C PHE A 303 5.62 40.94 1.30
N LEU A 304 5.15 40.51 2.48
CA LEU A 304 5.22 41.32 3.69
C LEU A 304 6.36 40.93 4.60
N ALA A 305 7.36 40.24 4.05
CA ALA A 305 8.52 39.79 4.84
C ALA A 305 9.14 40.92 5.65
N LYS A 306 9.47 42.03 4.97
CA LYS A 306 10.04 43.18 5.68
C LYS A 306 9.03 43.81 6.63
N GLU A 307 7.78 43.97 6.18
CA GLU A 307 6.74 44.56 7.01
C GLU A 307 6.54 43.82 8.33
N ILE A 308 6.77 42.50 8.34
CA ILE A 308 6.63 41.74 9.58
C ILE A 308 7.58 42.28 10.65
N GLY A 309 8.75 42.77 10.24
CA GLY A 309 9.70 43.38 11.17
C GLY A 309 9.39 44.80 11.61
N ASP A 310 8.32 45.39 11.09
CA ASP A 310 7.97 46.78 11.38
C ASP A 310 6.54 46.80 11.91
N ALA A 311 5.58 46.67 11.01
CA ALA A 311 4.23 46.24 11.35
C ALA A 311 3.53 47.18 12.34
N LYS A 312 3.65 48.48 12.06
CA LYS A 312 3.02 49.46 12.94
C LYS A 312 1.53 49.23 13.05
N PHE A 313 0.90 48.65 12.00
CA PHE A 313 -0.56 48.50 12.02
C PHE A 313 -1.07 47.62 13.17
N LEU A 314 -0.21 46.78 13.76
CA LEU A 314 -0.65 45.92 14.85
C LEU A 314 -1.15 46.75 16.03
N HIS A 315 -0.60 47.96 16.22
CA HIS A 315 -1.00 48.87 17.29
C HIS A 315 -2.47 49.25 17.19
N PHE A 316 -3.08 49.14 16.01
CA PHE A 316 -4.48 49.50 15.86
C PHE A 316 -5.43 48.33 16.02
N LEU A 317 -4.95 47.18 16.53
CA LEU A 317 -5.71 45.93 16.48
C LEU A 317 -5.76 45.28 17.85
N PRO A 318 -6.18 46.00 18.89
CA PRO A 318 -6.14 45.41 20.25
C PRO A 318 -7.10 44.25 20.43
N ASN A 319 -8.10 44.12 19.56
CA ASN A 319 -9.14 43.11 19.69
C ASN A 319 -8.93 41.87 18.82
N LEU A 320 -7.83 41.81 18.07
CA LEU A 320 -7.67 40.78 17.06
C LEU A 320 -7.50 39.40 17.70
N ILE A 321 -8.24 38.41 17.20
CA ILE A 321 -8.14 37.03 17.70
C ILE A 321 -7.13 36.22 16.88
N GLN A 322 -7.25 36.22 15.56
CA GLN A 322 -6.35 35.44 14.68
C GLN A 322 -5.61 36.36 13.73
N LEU A 323 -4.32 36.08 13.55
CA LEU A 323 -3.46 36.79 12.61
C LEU A 323 -2.69 35.75 11.82
N ASP A 324 -2.84 35.77 10.50
CA ASP A 324 -2.11 34.85 9.65
C ASP A 324 -1.17 35.64 8.74
N LEU A 325 0.14 35.46 8.93
CA LEU A 325 1.17 36.09 8.08
C LEU A 325 2.00 35.07 7.31
N SER A 326 1.46 33.88 7.06
CA SER A 326 2.20 32.80 6.45
C SER A 326 2.53 33.08 4.99
N PHE A 327 3.69 32.57 4.56
CA PHE A 327 4.14 32.59 3.17
C PHE A 327 4.25 34.02 2.62
N ASN A 328 5.02 34.86 3.33
CA ASN A 328 5.43 36.17 2.86
C ASN A 328 6.93 36.23 2.55
N PHE A 329 7.63 35.10 2.49
CA PHE A 329 9.08 35.15 2.28
C PHE A 329 9.40 35.83 0.97
N GLU A 330 10.57 36.45 0.91
CA GLU A 330 11.06 36.95 -0.36
C GLU A 330 11.71 35.83 -1.15
N LEU A 331 11.50 35.83 -2.47
CA LEU A 331 11.96 34.72 -3.28
C LEU A 331 13.48 34.62 -3.23
N GLN A 332 13.96 33.38 -3.17
CA GLN A 332 15.37 32.99 -3.19
C GLN A 332 16.14 33.45 -1.95
N VAL A 333 15.45 33.83 -0.88
CA VAL A 333 16.10 34.34 0.32
C VAL A 333 15.92 33.37 1.47
N TYR A 334 17.01 32.99 2.10
CA TYR A 334 17.03 32.13 3.27
C TYR A 334 17.56 32.95 4.45
N ARG A 335 16.67 33.72 5.07
CA ARG A 335 17.07 34.57 6.19
C ARG A 335 17.74 33.76 7.31
N ALA A 336 18.54 34.47 8.10
CA ALA A 336 19.22 33.86 9.23
C ALA A 336 18.32 33.69 10.45
N SER A 337 17.37 34.60 10.66
CA SER A 337 16.59 34.60 11.88
C SER A 337 15.22 35.24 11.61
N MET A 338 14.35 35.22 12.61
CA MET A 338 13.01 35.77 12.46
C MET A 338 12.94 37.10 13.19
N ASN A 339 12.65 38.15 12.44
CA ASN A 339 12.53 39.52 12.95
C ASN A 339 11.04 39.84 13.13
N LEU A 340 10.55 39.63 14.35
CA LEU A 340 9.19 40.00 14.71
C LEU A 340 9.20 41.36 15.39
N SER A 341 8.49 42.33 14.81
CA SER A 341 8.44 43.67 15.37
C SER A 341 7.85 43.68 16.77
N GLN A 342 8.37 44.58 17.62
CA GLN A 342 7.83 44.74 18.95
C GLN A 342 6.35 45.07 18.94
N ALA A 343 5.83 45.56 17.82
CA ALA A 343 4.41 45.89 17.74
C ALA A 343 3.53 44.68 18.03
N PHE A 344 4.04 43.46 17.88
CA PHE A 344 3.23 42.28 18.17
C PHE A 344 2.70 42.26 19.59
N SER A 345 3.47 42.80 20.55
CA SER A 345 3.01 42.86 21.95
C SER A 345 1.73 43.65 22.11
N SER A 346 1.34 44.42 21.11
CA SER A 346 0.11 45.18 21.26
C SER A 346 -1.14 44.37 20.93
N LEU A 347 -1.01 43.08 20.63
CA LEU A 347 -2.14 42.26 20.19
C LEU A 347 -2.77 41.55 21.39
N LYS A 348 -3.35 42.35 22.29
CA LYS A 348 -3.74 41.87 23.62
C LYS A 348 -4.70 40.69 23.57
N SER A 349 -5.58 40.63 22.56
CA SER A 349 -6.57 39.57 22.45
C SER A 349 -6.10 38.35 21.65
N LEU A 350 -4.92 38.43 21.04
CA LEU A 350 -4.50 37.43 20.07
C LEU A 350 -4.50 36.02 20.65
N LYS A 351 -5.29 35.13 20.05
CA LYS A 351 -5.29 33.72 20.37
C LYS A 351 -4.45 32.87 19.43
N ILE A 352 -4.41 33.20 18.13
CA ILE A 352 -3.82 32.34 17.11
C ILE A 352 -2.90 33.15 16.22
N LEU A 353 -1.62 32.77 16.19
CA LEU A 353 -0.65 33.40 15.32
C LEU A 353 -0.08 32.34 14.38
N ARG A 354 -0.12 32.62 13.08
CA ARG A 354 0.40 31.70 12.08
C ARG A 354 1.40 32.44 11.19
N ILE A 355 2.63 31.95 11.18
CA ILE A 355 3.69 32.48 10.34
C ILE A 355 4.48 31.32 9.77
N ARG A 356 3.81 30.51 8.95
CA ARG A 356 4.51 29.54 8.14
C ARG A 356 5.20 30.25 6.99
N GLY A 357 6.20 29.61 6.40
CA GLY A 357 6.79 30.13 5.18
C GLY A 357 7.36 31.54 5.27
N TYR A 358 7.93 31.90 6.43
CA TYR A 358 8.83 33.06 6.56
C TYR A 358 10.23 32.72 6.05
N VAL A 359 10.70 31.49 6.32
CA VAL A 359 11.93 30.88 5.79
C VAL A 359 13.17 31.48 6.44
N PHE A 360 13.67 30.82 7.47
CA PHE A 360 14.80 31.33 8.22
C PHE A 360 15.51 30.17 8.90
N LYS A 361 16.82 30.35 9.13
CA LYS A 361 17.69 29.24 9.52
C LYS A 361 17.56 28.91 11.01
N GLU A 362 17.39 29.90 11.86
CA GLU A 362 17.64 29.71 13.29
C GLU A 362 16.62 30.48 14.11
N LEU A 363 15.92 29.77 14.99
CA LEU A 363 14.96 30.38 15.92
C LEU A 363 15.57 30.44 17.31
N LYS A 364 15.62 31.64 17.89
CA LYS A 364 16.22 31.85 19.19
C LYS A 364 15.25 32.59 20.09
N SER A 365 15.36 32.28 21.39
CA SER A 365 14.34 32.63 22.37
C SER A 365 13.92 34.10 22.37
N PHE A 366 14.87 35.02 22.27
CA PHE A 366 14.55 36.45 22.29
C PHE A 366 13.63 36.83 21.12
N GLN A 367 13.80 36.19 19.94
CA GLN A 367 13.00 36.55 18.78
C GLN A 367 11.49 36.43 19.04
N LEU A 368 11.08 35.64 20.04
CA LEU A 368 9.66 35.52 20.36
C LEU A 368 9.25 36.45 21.49
N SER A 369 10.18 37.27 21.99
CA SER A 369 9.88 38.13 23.12
C SER A 369 8.70 39.07 22.90
N PRO A 370 8.46 39.61 21.69
CA PRO A 370 7.23 40.39 21.51
C PRO A 370 5.97 39.63 21.88
N LEU A 371 6.03 38.30 21.98
CA LEU A 371 4.85 37.50 22.30
C LEU A 371 4.73 37.12 23.78
N HIS A 372 5.76 37.37 24.61
CA HIS A 372 5.81 36.78 25.95
C HIS A 372 4.61 37.17 26.82
N ASN A 373 4.07 38.36 26.66
CA ASN A 373 2.97 38.81 27.50
C ASN A 373 1.64 38.86 26.76
N LEU A 374 1.53 38.17 25.61
CA LEU A 374 0.21 37.98 25.02
C LEU A 374 -0.51 36.89 25.81
N GLN A 375 -1.41 37.31 26.70
CA GLN A 375 -1.92 36.40 27.71
C GLN A 375 -2.89 35.38 27.13
N ASN A 376 -3.53 35.71 26.02
CA ASN A 376 -4.53 34.83 25.43
C ASN A 376 -3.96 33.93 24.33
N LEU A 377 -2.65 34.00 24.05
CA LEU A 377 -2.10 33.22 22.96
C LEU A 377 -2.29 31.73 23.22
N GLU A 378 -2.94 31.05 22.29
CA GLU A 378 -3.18 29.61 22.39
C GLU A 378 -2.44 28.77 21.35
N VAL A 379 -2.22 29.29 20.14
CA VAL A 379 -1.63 28.53 19.04
C VAL A 379 -0.53 29.38 18.41
N LEU A 380 0.67 28.82 18.29
CA LEU A 380 1.76 29.50 17.60
C LEU A 380 2.28 28.56 16.53
N ASP A 381 2.11 28.95 15.25
CA ASP A 381 2.36 28.09 14.10
C ASP A 381 3.58 28.59 13.32
N LEU A 382 4.71 27.91 13.47
CA LEU A 382 5.93 28.24 12.73
C LEU A 382 6.35 27.12 11.80
N GLY A 383 5.37 26.43 11.19
CA GLY A 383 5.66 25.34 10.28
C GLY A 383 6.18 25.81 8.92
N THR A 384 6.70 24.85 8.17
CA THR A 384 7.25 25.07 6.82
C THR A 384 8.12 26.34 6.78
N ASN A 385 9.15 26.33 7.60
CA ASN A 385 10.09 27.45 7.67
C ASN A 385 11.54 27.08 7.46
N PHE A 386 11.85 25.80 7.22
CA PHE A 386 13.23 25.35 7.03
C PHE A 386 14.13 25.79 8.19
N ILE A 387 13.56 25.90 9.38
CA ILE A 387 14.36 26.10 10.57
C ILE A 387 15.30 24.92 10.75
N LYS A 388 16.59 25.20 10.93
CA LYS A 388 17.60 24.15 11.15
C LYS A 388 17.99 24.01 12.60
N ILE A 389 17.78 25.04 13.42
CA ILE A 389 18.34 25.13 14.77
C ILE A 389 17.29 25.72 15.70
N ALA A 390 16.98 25.02 16.80
CA ALA A 390 15.95 25.49 17.73
C ALA A 390 16.14 24.91 19.13
N ASN A 391 16.47 25.76 20.11
CA ASN A 391 16.52 25.31 21.50
C ASN A 391 15.09 25.16 21.98
N LEU A 392 14.63 23.91 22.08
CA LEU A 392 13.26 23.64 22.48
C LEU A 392 12.91 24.20 23.86
N SER A 393 13.91 24.51 24.69
CA SER A 393 13.64 25.00 26.04
C SER A 393 13.02 26.40 26.05
N MET A 394 13.11 27.14 24.94
CA MET A 394 12.51 28.47 24.93
C MET A 394 11.01 28.43 25.18
N PHE A 395 10.36 27.30 24.94
CA PHE A 395 8.91 27.31 25.09
C PHE A 395 8.48 27.16 26.55
N LYS A 396 9.44 27.08 27.49
CA LYS A 396 9.09 27.18 28.90
C LYS A 396 8.39 28.50 29.21
N GLN A 397 8.67 29.54 28.43
CA GLN A 397 7.93 30.79 28.53
C GLN A 397 6.59 30.76 27.81
N PHE A 398 6.15 29.59 27.35
CA PHE A 398 4.88 29.54 26.61
C PHE A 398 4.01 28.41 27.14
N LYS A 399 4.18 28.06 28.42
CA LYS A 399 3.42 26.99 29.06
C LYS A 399 1.91 27.21 28.95
N ARG A 400 1.46 28.46 28.78
CA ARG A 400 0.04 28.76 28.65
C ARG A 400 -0.52 28.33 27.28
N LEU A 401 0.34 28.09 26.29
CA LEU A 401 -0.13 27.81 24.93
C LEU A 401 -0.71 26.40 24.82
N LYS A 402 -1.71 26.25 23.94
CA LYS A 402 -2.34 24.95 23.68
C LYS A 402 -1.58 24.14 22.65
N VAL A 403 -1.05 24.78 21.61
CA VAL A 403 -0.34 24.11 20.52
C VAL A 403 0.83 25.00 20.08
N ILE A 404 2.03 24.42 20.07
CA ILE A 404 3.22 24.98 19.42
C ILE A 404 3.58 24.08 18.25
N ASP A 405 3.46 24.62 17.04
CA ASP A 405 3.55 23.86 15.80
C ASP A 405 4.85 24.19 15.09
N LEU A 406 5.82 23.28 15.16
CA LEU A 406 7.04 23.43 14.36
C LEU A 406 7.12 22.36 13.29
N SER A 407 5.96 21.87 12.86
CA SER A 407 5.88 20.85 11.83
C SER A 407 6.50 21.30 10.51
N VAL A 408 7.20 20.36 9.86
CA VAL A 408 7.79 20.53 8.52
C VAL A 408 8.89 21.58 8.58
N ASN A 409 9.96 21.28 9.30
CA ASN A 409 11.10 22.14 9.38
C ASN A 409 12.30 21.21 9.25
N LYS A 410 13.50 21.73 9.46
CA LYS A 410 14.71 20.90 9.34
C LYS A 410 15.44 20.84 10.67
N ILE A 411 14.70 20.96 11.76
CA ILE A 411 15.32 21.03 13.08
C ILE A 411 16.06 19.72 13.39
N SER A 412 17.23 19.85 14.05
CA SER A 412 18.01 18.70 14.54
C SER A 412 19.03 19.12 15.59
N PRO A 413 18.96 18.57 16.83
CA PRO A 413 19.99 18.81 17.86
C PRO A 413 21.15 17.82 17.78
N VAL A 437 -6.82 21.86 13.38
CA VAL A 437 -5.82 21.33 12.45
C VAL A 437 -6.17 21.64 10.98
N LEU A 438 -5.27 22.31 10.27
CA LEU A 438 -5.50 22.66 8.88
C LEU A 438 -5.18 21.49 7.94
N GLU A 439 -5.79 21.52 6.75
CA GLU A 439 -5.59 20.49 5.74
C GLU A 439 -4.17 20.54 5.15
N GLN A 440 -3.68 19.39 4.70
CA GLN A 440 -2.41 19.27 3.97
C GLN A 440 -2.27 20.35 2.89
N LEU A 441 -3.32 20.58 2.11
CA LEU A 441 -3.30 21.65 1.11
C LEU A 441 -4.22 22.75 1.63
N TYR A 442 -3.64 23.91 1.94
CA TYR A 442 -4.34 24.96 2.66
C TYR A 442 -3.93 26.33 2.13
N TYR A 443 -2.68 26.70 2.37
CA TYR A 443 -2.19 27.97 1.84
C TYR A 443 -2.05 27.98 0.33
N PHE A 444 -2.01 26.82 -0.33
CA PHE A 444 -1.79 26.81 -1.76
C PHE A 444 -3.01 26.31 -2.52
N ARG A 445 -4.16 26.21 -1.88
CA ARG A 445 -5.39 25.89 -2.61
C ARG A 445 -5.88 27.11 -3.36
N TYR A 446 -6.59 26.85 -4.45
CA TYR A 446 -7.22 27.92 -5.20
C TYR A 446 -8.35 28.55 -4.39
N ASP A 447 -9.37 27.75 -4.06
CA ASP A 447 -10.50 28.22 -3.28
C ASP A 447 -10.73 27.20 -2.15
N LYS A 448 -10.15 27.47 -0.98
CA LYS A 448 -10.30 26.52 0.11
C LYS A 448 -11.73 26.45 0.66
N TYR A 449 -12.64 27.35 0.30
CA TYR A 449 -14.03 27.32 0.78
C TYR A 449 -14.99 26.87 -0.30
N ALA A 450 -14.49 26.21 -1.34
CA ALA A 450 -15.41 25.78 -2.38
C ALA A 450 -16.30 24.68 -1.87
N ARG A 451 -17.55 24.71 -2.29
CA ARG A 451 -18.58 23.75 -1.94
C ARG A 451 -18.49 22.56 -2.89
N SER A 452 -18.70 21.34 -2.37
CA SER A 452 -18.78 20.18 -3.25
C SER A 452 -20.23 19.98 -3.67
N CYS A 453 -20.43 19.11 -4.65
CA CYS A 453 -21.79 18.81 -5.08
C CYS A 453 -22.53 18.02 -4.02
N ARG A 454 -21.81 17.31 -3.17
CA ARG A 454 -22.47 16.37 -2.29
C ARG A 454 -23.18 17.04 -1.12
N PHE A 455 -22.59 18.09 -0.55
CA PHE A 455 -23.05 18.65 0.72
C PHE A 455 -23.16 20.18 0.63
N LYS A 456 -23.15 20.82 1.81
CA LYS A 456 -23.12 22.28 1.93
C LYS A 456 -22.29 22.75 3.14
N SER A 468 -5.93 12.81 16.83
CA SER A 468 -5.20 14.03 17.17
C SER A 468 -5.05 14.20 18.68
N CYS A 469 -3.94 14.77 19.13
CA CYS A 469 -3.62 14.78 20.56
C CYS A 469 -3.79 16.16 21.21
N TYR A 470 -4.34 17.14 20.49
CA TYR A 470 -4.53 18.46 21.07
C TYR A 470 -5.36 18.40 22.35
N LYS A 471 -6.34 17.49 22.43
CA LYS A 471 -7.24 17.47 23.59
C LYS A 471 -6.55 17.10 24.90
N TYR A 472 -5.35 16.50 24.85
CA TYR A 472 -4.65 16.11 26.07
C TYR A 472 -4.01 17.29 26.78
N GLY A 473 -3.92 18.45 26.13
CA GLY A 473 -3.27 19.58 26.77
C GLY A 473 -2.18 20.16 25.92
N GLN A 474 -1.15 20.70 26.54
CA GLN A 474 -0.10 21.40 25.81
C GLN A 474 0.64 20.47 24.87
N THR A 475 0.69 20.85 23.59
CA THR A 475 1.24 20.03 22.51
C THR A 475 2.41 20.74 21.82
N LEU A 476 3.52 20.02 21.69
CA LEU A 476 4.68 20.50 20.96
C LEU A 476 4.81 19.60 19.73
N ASP A 477 4.46 20.15 18.56
CA ASP A 477 4.48 19.39 17.32
C ASP A 477 5.84 19.58 16.64
N LEU A 478 6.68 18.54 16.67
CA LEU A 478 7.92 18.55 15.92
C LEU A 478 7.89 17.56 14.78
N SER A 479 6.71 17.20 14.30
CA SER A 479 6.60 16.23 13.23
C SER A 479 7.27 16.71 11.93
N LYS A 480 7.76 15.74 11.14
CA LYS A 480 8.37 16.00 9.84
C LYS A 480 9.52 17.00 9.95
N ASN A 481 10.43 16.72 10.87
CA ASN A 481 11.66 17.47 11.01
C ASN A 481 12.83 16.51 10.77
N SER A 482 14.04 16.88 11.16
CA SER A 482 15.22 16.08 10.86
C SER A 482 15.91 15.58 12.11
N ILE A 483 15.14 15.25 13.14
CA ILE A 483 15.72 14.84 14.41
C ILE A 483 16.21 13.40 14.25
N PHE A 484 17.52 13.18 14.36
CA PHE A 484 18.11 11.86 14.25
C PHE A 484 18.51 11.25 15.59
N PHE A 485 18.67 12.06 16.63
CA PHE A 485 19.06 11.55 17.94
C PHE A 485 18.45 12.46 18.99
N ILE A 486 17.93 11.87 20.05
CA ILE A 486 17.40 12.65 21.16
C ILE A 486 18.14 12.29 22.44
N LYS A 487 18.28 13.27 23.31
CA LYS A 487 18.75 13.02 24.66
C LYS A 487 18.00 13.96 25.59
N SER A 488 18.02 13.59 26.87
CA SER A 488 17.06 14.15 27.82
C SER A 488 17.14 15.66 27.91
N SER A 489 18.34 16.24 27.77
CA SER A 489 18.49 17.69 27.87
C SER A 489 17.80 18.43 26.73
N ASP A 490 17.51 17.76 25.61
CA ASP A 490 16.75 18.42 24.53
C ASP A 490 15.41 18.94 25.01
N PHE A 491 14.86 18.38 26.09
CA PHE A 491 13.56 18.72 26.61
C PHE A 491 13.63 19.43 27.97
N GLN A 492 14.80 19.95 28.33
CA GLN A 492 14.93 20.65 29.60
C GLN A 492 13.93 21.79 29.65
N HIS A 493 13.30 21.95 30.81
CA HIS A 493 12.32 23.00 31.09
C HIS A 493 10.98 22.80 30.38
N LEU A 494 10.64 21.58 29.93
CA LEU A 494 9.35 21.37 29.29
C LEU A 494 8.51 20.31 30.02
N SER A 495 8.67 20.18 31.33
CA SER A 495 7.84 19.22 32.06
C SER A 495 6.35 19.46 31.86
N PHE A 496 5.93 20.68 31.51
CA PHE A 496 4.50 20.94 31.38
C PHE A 496 3.86 20.24 30.18
N LEU A 497 4.65 19.69 29.24
CA LEU A 497 4.06 19.19 28.01
C LEU A 497 3.14 18.00 28.27
N LYS A 498 1.98 17.99 27.60
CA LYS A 498 1.11 16.83 27.67
C LYS A 498 1.17 15.96 26.41
N CYS A 499 1.46 16.54 25.25
CA CYS A 499 1.58 15.77 24.01
C CYS A 499 2.81 16.23 23.25
N LEU A 500 3.65 15.27 22.86
CA LEU A 500 4.81 15.56 22.03
C LEU A 500 4.66 14.79 20.73
N ASN A 501 4.75 15.49 19.59
CA ASN A 501 4.64 14.84 18.29
C ASN A 501 6.03 14.78 17.65
N LEU A 502 6.63 13.60 17.63
CA LEU A 502 7.87 13.38 16.90
C LEU A 502 7.66 12.60 15.63
N SER A 503 6.45 12.61 15.09
CA SER A 503 6.18 11.78 13.93
C SER A 503 7.06 12.16 12.74
N GLY A 504 7.58 11.16 12.04
CA GLY A 504 8.27 11.44 10.81
C GLY A 504 9.57 12.17 10.96
N ASN A 505 10.31 11.89 12.03
CA ASN A 505 11.65 12.43 12.07
C ASN A 505 12.59 11.36 11.56
N LEU A 506 13.84 11.35 12.00
CA LEU A 506 14.79 10.36 11.53
C LEU A 506 15.40 9.58 12.69
N ILE A 507 14.64 9.38 13.77
CA ILE A 507 15.19 8.85 15.00
C ILE A 507 15.48 7.37 14.82
N SER A 508 16.76 7.01 14.89
CA SER A 508 17.22 5.66 14.59
C SER A 508 18.13 5.21 15.74
N GLN A 509 17.51 4.92 16.88
CA GLN A 509 18.17 4.94 18.18
C GLN A 509 17.55 3.86 19.07
N THR A 510 18.36 3.33 19.99
CA THR A 510 17.92 2.29 20.92
C THR A 510 17.52 2.96 22.24
N LEU A 511 16.30 3.48 22.27
CA LEU A 511 15.82 4.16 23.48
C LEU A 511 15.94 3.24 24.69
N ASN A 512 16.45 3.80 25.80
CA ASN A 512 16.65 2.98 26.99
C ASN A 512 15.99 3.57 28.22
N GLY A 513 15.11 4.55 28.06
CA GLY A 513 14.46 5.15 29.21
C GLY A 513 15.12 6.41 29.71
N SER A 514 16.24 6.81 29.12
CA SER A 514 16.93 8.02 29.54
C SER A 514 16.67 9.21 28.64
N GLU A 515 15.91 9.04 27.56
CA GLU A 515 15.88 10.07 26.54
C GLU A 515 14.83 11.15 26.80
N PHE A 516 13.79 10.85 27.56
CA PHE A 516 12.65 11.75 27.72
C PHE A 516 12.47 12.24 29.15
N GLN A 517 13.54 12.34 29.94
CA GLN A 517 13.35 12.41 31.39
C GLN A 517 12.68 13.69 31.89
N PRO A 518 12.87 14.87 31.28
CA PRO A 518 12.12 16.06 31.76
C PRO A 518 10.61 15.97 31.58
N LEU A 519 10.10 15.03 30.77
CA LEU A 519 8.70 15.08 30.32
C LEU A 519 7.77 14.36 31.28
N ALA A 520 7.74 14.89 32.51
CA ALA A 520 7.09 14.21 33.61
C ALA A 520 5.57 14.21 33.50
N GLU A 521 4.98 15.09 32.68
CA GLU A 521 3.52 15.11 32.54
C GLU A 521 3.02 14.60 31.20
N LEU A 522 3.91 14.12 30.33
CA LEU A 522 3.50 13.76 28.98
C LEU A 522 2.46 12.65 29.02
N ARG A 523 1.34 12.88 28.33
CA ARG A 523 0.26 11.91 28.25
C ARG A 523 0.21 11.19 26.90
N TYR A 524 0.81 11.77 25.87
CA TYR A 524 0.71 11.25 24.50
C TYR A 524 2.03 11.53 23.81
N LEU A 525 2.69 10.48 23.33
CA LEU A 525 3.85 10.58 22.47
C LEU A 525 3.51 9.95 21.13
N ASP A 526 3.60 10.73 20.06
CA ASP A 526 3.50 10.20 18.70
C ASP A 526 4.93 10.02 18.21
N PHE A 527 5.36 8.76 18.11
CA PHE A 527 6.71 8.40 17.69
C PHE A 527 6.68 7.70 16.34
N SER A 528 5.57 7.83 15.63
CA SER A 528 5.39 7.09 14.38
C SER A 528 6.33 7.61 13.29
N ASN A 529 6.55 6.77 12.27
CA ASN A 529 7.42 7.10 11.14
C ASN A 529 8.80 7.53 11.60
N ASN A 530 9.41 6.71 12.44
CA ASN A 530 10.81 6.90 12.80
C ASN A 530 11.51 5.57 12.58
N ARG A 531 12.65 5.39 13.24
CA ARG A 531 13.34 4.10 13.18
C ARG A 531 13.68 3.65 14.60
N LEU A 532 12.67 3.53 15.45
CA LEU A 532 12.87 2.97 16.78
C LEU A 532 13.56 1.62 16.68
N ASP A 533 14.53 1.40 17.56
CA ASP A 533 15.21 0.12 17.73
C ASP A 533 14.88 -0.38 19.13
N LEU A 534 13.86 -1.24 19.23
CA LEU A 534 13.43 -1.74 20.54
C LEU A 534 14.37 -2.79 21.12
N LEU A 535 15.66 -2.47 21.20
CA LEU A 535 16.61 -3.37 21.84
C LEU A 535 16.32 -3.51 23.34
N HIS A 536 15.94 -2.42 24.00
CA HIS A 536 15.81 -2.39 25.46
C HIS A 536 14.34 -2.36 25.84
N SER A 537 13.95 -3.25 26.74
CA SER A 537 12.58 -3.28 27.25
C SER A 537 12.32 -2.18 28.26
N THR A 538 13.29 -1.32 28.51
CA THR A 538 13.12 -0.16 29.37
C THR A 538 12.88 1.11 28.58
N ALA A 539 12.70 1.01 27.26
CA ALA A 539 12.44 2.21 26.48
C ALA A 539 11.12 2.82 26.89
N PHE A 540 11.08 4.16 26.94
CA PHE A 540 9.87 4.92 27.27
C PHE A 540 9.47 4.85 28.73
N GLU A 541 10.16 4.03 29.54
CA GLU A 541 9.67 3.87 30.92
C GLU A 541 9.80 5.15 31.73
N GLU A 542 10.60 6.12 31.28
CA GLU A 542 10.64 7.37 32.01
C GLU A 542 9.36 8.19 31.86
N LEU A 543 8.52 7.92 30.87
CA LEU A 543 7.29 8.70 30.70
C LEU A 543 6.20 8.09 31.58
N ARG A 544 6.35 8.35 32.89
CA ARG A 544 5.54 7.67 33.89
C ARG A 544 4.06 8.02 33.82
N LYS A 545 3.67 9.10 33.14
CA LYS A 545 2.26 9.46 33.00
C LYS A 545 1.70 9.15 31.61
N LEU A 546 2.48 8.52 30.72
CA LEU A 546 2.07 8.23 29.34
C LEU A 546 0.78 7.41 29.26
N GLU A 547 -0.22 7.95 28.56
CA GLU A 547 -1.45 7.19 28.34
C GLU A 547 -1.54 6.60 26.95
N VAL A 548 -1.00 7.28 25.93
CA VAL A 548 -1.06 6.81 24.54
C VAL A 548 0.34 6.86 23.94
N LEU A 549 0.76 5.76 23.30
CA LEU A 549 2.06 5.67 22.66
C LEU A 549 1.84 5.18 21.23
N ASP A 550 2.23 5.99 20.26
CA ASP A 550 2.20 5.61 18.85
C ASP A 550 3.61 5.32 18.39
N ILE A 551 3.93 4.04 18.18
CA ILE A 551 5.20 3.68 17.56
C ILE A 551 4.96 2.99 16.23
N SER A 552 3.88 3.34 15.54
CA SER A 552 3.57 2.77 14.23
C SER A 552 4.60 3.19 13.18
N SER A 553 4.73 2.38 12.14
CA SER A 553 5.58 2.72 11.00
C SER A 553 7.01 2.98 11.46
N ASN A 554 7.50 2.11 12.34
CA ASN A 554 8.90 2.11 12.75
C ASN A 554 9.49 0.77 12.34
N SER A 555 9.21 0.36 11.11
CA SER A 555 9.47 -1.00 10.65
C SER A 555 10.94 -1.29 10.37
N HIS A 556 11.75 -0.26 10.13
CA HIS A 556 13.14 -0.41 9.65
C HIS A 556 13.89 -1.56 10.32
N TYR A 557 14.09 -1.49 11.64
CA TYR A 557 14.89 -2.52 12.31
C TYR A 557 14.16 -3.84 12.45
N PHE A 558 12.85 -3.87 12.26
CA PHE A 558 12.11 -5.15 12.27
C PHE A 558 12.23 -5.89 10.94
N GLN A 559 12.79 -5.26 9.90
CA GLN A 559 12.89 -5.85 8.58
C GLN A 559 14.17 -6.63 8.34
N SER A 560 15.15 -6.54 9.24
CA SER A 560 16.42 -7.22 9.08
C SER A 560 16.48 -8.40 10.05
N GLU A 561 16.89 -9.56 9.55
CA GLU A 561 16.84 -10.79 10.35
C GLU A 561 17.87 -10.78 11.47
N GLY A 562 17.55 -11.47 12.56
CA GLY A 562 18.49 -11.71 13.62
C GLY A 562 18.68 -10.58 14.62
N ILE A 563 17.86 -9.56 14.57
CA ILE A 563 18.03 -8.40 15.41
C ILE A 563 17.08 -8.55 16.59
N THR A 564 17.56 -8.24 17.80
CA THR A 564 16.75 -8.43 19.00
C THR A 564 15.71 -7.32 19.10
N HIS A 565 14.46 -7.71 19.38
CA HIS A 565 13.36 -6.80 19.58
C HIS A 565 12.65 -7.20 20.86
N MET A 566 12.50 -6.27 21.80
CA MET A 566 11.86 -6.54 23.08
C MET A 566 10.44 -5.96 23.07
N LEU A 567 9.48 -6.80 22.70
CA LEU A 567 8.09 -6.37 22.72
C LEU A 567 7.46 -6.36 24.11
N ASN A 568 8.18 -6.74 25.17
CA ASN A 568 7.64 -6.63 26.52
C ASN A 568 7.95 -5.30 27.19
N PHE A 569 8.28 -4.26 26.42
CA PHE A 569 8.52 -2.95 27.01
C PHE A 569 7.29 -2.34 27.67
N THR A 570 6.11 -2.96 27.53
CA THR A 570 4.87 -2.39 28.06
C THR A 570 4.69 -2.56 29.56
N LYS A 571 5.33 -3.56 30.16
CA LYS A 571 5.13 -3.80 31.59
C LYS A 571 5.45 -2.57 32.43
N ASN A 572 6.41 -1.75 31.98
CA ASN A 572 6.86 -0.60 32.75
C ASN A 572 5.94 0.60 32.67
N LEU A 573 5.05 0.68 31.69
CA LEU A 573 4.17 1.83 31.51
C LEU A 573 2.88 1.60 32.27
N LYS A 574 2.81 2.17 33.48
CA LYS A 574 1.79 1.77 34.45
C LYS A 574 0.44 2.43 34.20
N VAL A 575 0.38 3.49 33.40
CA VAL A 575 -0.92 4.07 33.09
C VAL A 575 -1.20 4.07 31.59
N LEU A 576 -0.45 3.28 30.82
CA LEU A 576 -0.65 3.24 29.38
C LEU A 576 -2.02 2.65 29.07
N GLN A 577 -2.85 3.41 28.34
CA GLN A 577 -4.16 2.94 27.89
C GLN A 577 -4.14 2.35 26.49
N LYS A 578 -3.42 3.00 25.57
CA LYS A 578 -3.52 2.73 24.14
C LYS A 578 -2.13 2.68 23.51
N LEU A 579 -1.85 1.59 22.79
CA LEU A 579 -0.59 1.37 22.13
C LEU A 579 -0.87 1.08 20.67
N MET A 580 -0.25 1.84 19.78
CA MET A 580 -0.36 1.66 18.34
C MET A 580 1.00 1.20 17.80
N MET A 581 1.04 0.02 17.20
CA MET A 581 2.23 -0.56 16.59
C MET A 581 1.92 -1.01 15.18
N ASN A 582 1.19 -0.20 14.42
CA ASN A 582 0.84 -0.61 13.07
C ASN A 582 2.03 -0.53 12.13
N ASP A 583 2.00 -1.39 11.10
CA ASP A 583 2.86 -1.24 9.93
C ASP A 583 4.33 -1.30 10.33
N ASN A 584 4.63 -2.16 11.28
CA ASN A 584 5.99 -2.33 11.72
C ASN A 584 6.62 -3.56 11.11
N ASP A 585 5.85 -4.36 10.39
CA ASP A 585 6.40 -5.52 9.71
C ASP A 585 6.96 -6.53 10.72
N ILE A 586 6.41 -6.58 11.92
CA ILE A 586 6.97 -7.45 12.96
C ILE A 586 6.71 -8.91 12.60
N SER A 587 7.79 -9.66 12.39
CA SER A 587 7.72 -11.08 12.10
C SER A 587 8.54 -11.93 13.07
N SER A 588 9.09 -11.34 14.13
CA SER A 588 9.95 -12.01 15.10
C SER A 588 9.99 -11.17 16.36
N SER A 589 10.19 -11.84 17.50
CA SER A 589 10.24 -11.14 18.78
C SER A 589 11.12 -11.91 19.76
N THR A 590 12.06 -11.22 20.39
CA THR A 590 12.88 -11.90 21.39
C THR A 590 12.05 -12.29 22.62
N SER A 591 11.21 -11.39 23.10
CA SER A 591 10.29 -11.73 24.18
C SER A 591 9.06 -12.43 23.63
N ARG A 592 8.48 -13.32 24.44
CA ARG A 592 7.36 -14.12 23.97
C ARG A 592 6.00 -13.61 24.43
N THR A 593 5.95 -12.75 25.43
CA THR A 593 4.70 -12.19 25.89
C THR A 593 4.84 -10.68 26.03
N MET A 594 3.73 -9.99 25.85
CA MET A 594 3.62 -8.60 26.23
C MET A 594 2.75 -8.50 27.47
N GLU A 595 3.17 -7.67 28.42
CA GLU A 595 2.54 -7.53 29.71
C GLU A 595 2.10 -6.09 29.96
N SER A 596 0.87 -5.95 30.48
CA SER A 596 0.38 -4.66 30.94
C SER A 596 -0.78 -4.89 31.89
N GLU A 597 -0.82 -4.10 32.95
CA GLU A 597 -1.98 -4.06 33.82
C GLU A 597 -2.95 -2.96 33.43
N SER A 598 -2.56 -2.07 32.54
CA SER A 598 -3.37 -0.90 32.22
C SER A 598 -3.92 -0.87 30.81
N LEU A 599 -3.19 -1.47 29.86
CA LEU A 599 -3.46 -1.26 28.43
C LEU A 599 -4.85 -1.75 28.02
N ARG A 600 -5.61 -0.89 27.34
CA ARG A 600 -6.96 -1.22 26.89
C ARG A 600 -7.10 -1.41 25.38
N THR A 601 -6.27 -0.76 24.58
CA THR A 601 -6.34 -0.81 23.13
C THR A 601 -4.96 -1.05 22.55
N LEU A 602 -4.83 -2.09 21.73
CA LEU A 602 -3.61 -2.38 21.00
C LEU A 602 -3.91 -2.49 19.51
N GLU A 603 -3.30 -1.62 18.73
CA GLU A 603 -3.37 -1.69 17.27
C GLU A 603 -2.08 -2.36 16.77
N PHE A 604 -2.24 -3.53 16.14
CA PHE A 604 -1.14 -4.36 15.72
C PHE A 604 -1.28 -4.71 14.25
N ARG A 605 -1.87 -3.78 13.50
CA ARG A 605 -2.19 -3.95 12.09
C ARG A 605 -0.93 -3.87 11.23
N GLY A 606 -0.89 -4.63 10.15
CA GLY A 606 0.25 -4.48 9.23
C GLY A 606 1.57 -5.05 9.75
N ASN A 607 1.52 -6.25 10.31
CA ASN A 607 2.68 -6.91 10.89
C ASN A 607 2.66 -8.34 10.37
N HIS A 608 3.51 -9.23 10.89
CA HIS A 608 3.47 -10.60 10.39
C HIS A 608 3.20 -11.64 11.45
N LEU A 609 2.03 -11.57 12.08
CA LEU A 609 1.58 -12.65 12.97
C LEU A 609 1.46 -13.96 12.22
N ASP A 610 1.34 -13.94 10.89
CA ASP A 610 1.36 -15.21 10.18
C ASP A 610 2.69 -15.90 10.40
N VAL A 611 3.77 -15.13 10.45
CA VAL A 611 5.09 -15.71 10.69
C VAL A 611 5.27 -16.08 12.17
N LEU A 612 4.97 -15.16 13.10
CA LEU A 612 5.09 -15.47 14.52
C LEU A 612 4.26 -16.68 14.94
N TRP A 613 3.11 -16.90 14.31
CA TRP A 613 2.21 -18.01 14.62
C TRP A 613 2.29 -19.11 13.56
N ARG A 614 3.43 -19.25 12.89
CA ARG A 614 3.66 -20.33 11.93
C ARG A 614 3.19 -21.65 12.52
N ASP A 615 2.41 -22.39 11.74
CA ASP A 615 1.92 -23.69 12.19
C ASP A 615 3.11 -24.53 12.61
N GLY A 616 3.03 -25.07 13.84
CA GLY A 616 4.12 -25.80 14.43
C GLY A 616 4.90 -25.02 15.47
N ASP A 617 4.89 -23.71 15.42
CA ASP A 617 5.61 -22.89 16.38
C ASP A 617 4.62 -22.34 17.39
N ASN A 618 4.75 -22.77 18.64
CA ASN A 618 3.82 -22.45 19.71
C ASN A 618 4.30 -21.33 20.59
N ARG A 619 5.50 -20.80 20.35
CA ARG A 619 6.11 -19.88 21.32
C ARG A 619 5.35 -18.56 21.46
N TYR A 620 4.65 -18.10 20.43
CA TYR A 620 4.03 -16.77 20.50
C TYR A 620 2.51 -16.81 20.63
N LEU A 621 1.93 -17.97 20.97
CA LEU A 621 0.47 -18.08 21.01
C LEU A 621 -0.15 -17.40 22.23
N GLN A 622 0.65 -16.90 23.17
CA GLN A 622 0.10 -16.11 24.27
C GLN A 622 0.76 -14.72 24.34
N LEU A 623 1.09 -14.18 23.16
CA LEU A 623 1.76 -12.88 23.06
C LEU A 623 0.94 -11.76 23.70
N PHE A 624 -0.39 -11.82 23.60
CA PHE A 624 -1.25 -10.79 24.14
C PHE A 624 -1.97 -11.22 25.42
N LYS A 625 -1.79 -12.47 25.85
CA LYS A 625 -2.58 -13.03 26.96
C LYS A 625 -2.44 -12.23 28.25
N ASN A 626 -1.27 -11.67 28.50
CA ASN A 626 -1.02 -10.96 29.74
C ASN A 626 -1.26 -9.46 29.64
N LEU A 627 -1.92 -8.99 28.58
CA LEU A 627 -2.48 -7.65 28.53
C LEU A 627 -3.86 -7.70 29.18
N LEU A 628 -3.87 -7.80 30.51
CA LEU A 628 -5.07 -8.32 31.19
C LEU A 628 -6.25 -7.39 31.09
N LYS A 629 -6.03 -6.11 30.85
CA LYS A 629 -7.14 -5.19 30.74
C LYS A 629 -7.54 -4.90 29.31
N LEU A 630 -6.96 -5.60 28.33
CA LEU A 630 -7.16 -5.26 26.93
C LEU A 630 -8.58 -5.54 26.50
N GLU A 631 -9.24 -4.53 25.94
CA GLU A 631 -10.57 -4.70 25.41
C GLU A 631 -10.63 -4.64 23.89
N GLU A 632 -9.66 -3.99 23.25
CA GLU A 632 -9.68 -3.77 21.80
C GLU A 632 -8.37 -4.23 21.18
N LEU A 633 -8.46 -5.12 20.20
CA LEU A 633 -7.28 -5.63 19.51
C LEU A 633 -7.51 -5.61 18.01
N ASP A 634 -6.70 -4.83 17.30
CA ASP A 634 -6.73 -4.81 15.85
C ASP A 634 -5.56 -5.64 15.31
N ILE A 635 -5.85 -6.82 14.79
CA ILE A 635 -4.79 -7.60 14.15
C ILE A 635 -5.19 -7.87 12.69
N SER A 636 -5.79 -6.86 12.07
CA SER A 636 -6.05 -6.90 10.64
C SER A 636 -4.72 -6.82 9.88
N LYS A 637 -4.75 -7.17 8.59
CA LYS A 637 -3.59 -6.99 7.71
C LYS A 637 -2.33 -7.64 8.30
N ASN A 638 -2.47 -8.91 8.69
CA ASN A 638 -1.33 -9.65 9.23
C ASN A 638 -1.11 -10.93 8.44
N SER A 639 -1.67 -11.03 7.23
CA SER A 639 -1.51 -12.21 6.36
C SER A 639 -1.97 -13.49 7.03
N LEU A 640 -2.95 -13.40 7.93
CA LEU A 640 -3.40 -14.60 8.60
C LEU A 640 -4.39 -15.30 7.67
N SER A 641 -3.89 -16.23 6.87
CA SER A 641 -4.77 -16.99 5.98
C SER A 641 -5.53 -18.07 6.72
N PHE A 642 -5.02 -18.51 7.87
CA PHE A 642 -5.74 -19.38 8.78
C PHE A 642 -5.34 -18.97 10.19
N LEU A 643 -6.09 -19.43 11.18
CA LEU A 643 -5.72 -19.14 12.55
C LEU A 643 -5.25 -20.42 13.23
N PRO A 644 -4.00 -20.48 13.65
CA PRO A 644 -3.52 -21.64 14.42
C PRO A 644 -4.35 -21.83 15.68
N SER A 645 -4.61 -23.10 16.03
CA SER A 645 -5.29 -23.37 17.30
C SER A 645 -4.39 -22.93 18.43
N GLY A 646 -5.01 -22.32 19.45
CA GLY A 646 -4.28 -21.71 20.54
C GLY A 646 -4.27 -20.20 20.48
N VAL A 647 -4.60 -19.62 19.33
CA VAL A 647 -4.71 -18.16 19.21
C VAL A 647 -5.83 -17.63 20.09
N PHE A 648 -7.01 -18.25 20.03
CA PHE A 648 -8.15 -17.74 20.80
C PHE A 648 -8.01 -18.01 22.28
N ASP A 649 -7.53 -19.22 22.63
CA ASP A 649 -7.17 -19.51 24.02
C ASP A 649 -6.14 -18.52 24.54
N GLY A 650 -5.21 -18.09 23.68
CA GLY A 650 -4.21 -17.11 24.10
C GLY A 650 -4.72 -15.71 24.27
N MET A 651 -5.94 -15.43 23.94
CA MET A 651 -6.35 -14.04 23.99
C MET A 651 -6.60 -13.61 25.43
N PRO A 652 -6.28 -12.36 25.77
CA PRO A 652 -6.55 -11.90 27.14
C PRO A 652 -8.01 -11.98 27.46
N PRO A 653 -8.36 -12.11 28.75
CA PRO A 653 -9.73 -12.53 29.10
C PRO A 653 -10.80 -11.50 28.81
N ASN A 654 -10.46 -10.22 28.70
CA ASN A 654 -11.48 -9.20 28.55
C ASN A 654 -11.62 -8.66 27.13
N LEU A 655 -11.03 -9.32 26.14
CA LEU A 655 -11.14 -8.87 24.76
C LEU A 655 -12.62 -8.72 24.38
N LYS A 656 -13.00 -7.50 23.97
CA LYS A 656 -14.37 -7.16 23.57
C LYS A 656 -14.52 -6.96 22.07
N ASN A 657 -13.51 -6.32 21.45
CA ASN A 657 -13.52 -5.83 20.08
C ASN A 657 -12.26 -6.36 19.37
N LEU A 658 -12.45 -7.32 18.47
CA LEU A 658 -11.37 -7.98 17.75
C LEU A 658 -11.58 -7.79 16.25
N SER A 659 -10.58 -7.23 15.58
CA SER A 659 -10.57 -7.17 14.12
C SER A 659 -9.56 -8.17 13.55
N LEU A 660 -10.06 -9.03 12.67
CA LEU A 660 -9.23 -9.89 11.83
C LEU A 660 -9.41 -9.54 10.36
N ALA A 661 -9.77 -8.30 10.07
CA ALA A 661 -10.07 -7.90 8.70
C ALA A 661 -8.80 -7.94 7.83
N LYS A 662 -9.01 -8.08 6.52
CA LYS A 662 -7.96 -7.91 5.48
C LYS A 662 -6.77 -8.84 5.70
N ASN A 663 -7.09 -10.10 5.97
CA ASN A 663 -6.07 -11.09 6.23
C ASN A 663 -6.00 -12.18 5.16
N GLY A 664 -6.95 -12.23 4.24
CA GLY A 664 -6.99 -13.39 3.37
C GLY A 664 -7.36 -14.65 4.11
N LEU A 665 -8.15 -14.54 5.19
CA LEU A 665 -8.64 -15.72 5.90
C LEU A 665 -9.43 -16.61 4.96
N LYS A 666 -8.96 -17.82 4.74
CA LYS A 666 -9.73 -18.72 3.90
C LYS A 666 -10.63 -19.62 4.71
N SER A 667 -10.38 -19.75 6.02
CA SER A 667 -11.18 -20.64 6.83
C SER A 667 -11.19 -20.12 8.26
N PHE A 668 -12.22 -20.52 9.00
CA PHE A 668 -12.42 -20.01 10.35
C PHE A 668 -13.26 -21.03 11.10
N ILE A 669 -12.73 -21.50 12.23
CA ILE A 669 -13.45 -22.44 13.10
C ILE A 669 -14.29 -21.60 14.07
N TRP A 670 -15.57 -21.39 13.73
CA TRP A 670 -16.42 -20.50 14.50
C TRP A 670 -16.53 -20.93 15.96
N GLU A 671 -16.45 -22.25 16.23
CA GLU A 671 -16.56 -22.75 17.59
C GLU A 671 -15.48 -22.18 18.51
N LYS A 672 -14.30 -21.87 17.97
CA LYS A 672 -13.28 -21.34 18.85
C LYS A 672 -13.62 -19.98 19.45
N LEU A 673 -14.69 -19.32 19.01
CA LEU A 673 -15.09 -18.06 19.62
C LEU A 673 -15.54 -18.26 21.07
N ARG A 674 -15.91 -19.49 21.43
CA ARG A 674 -16.33 -19.79 22.79
C ARG A 674 -15.28 -19.41 23.81
N TYR A 675 -13.99 -19.42 23.43
CA TYR A 675 -12.95 -18.99 24.37
C TYR A 675 -13.03 -17.50 24.69
N LEU A 676 -13.69 -16.69 23.86
CA LEU A 676 -13.68 -15.24 23.99
C LEU A 676 -14.95 -14.81 24.70
N LYS A 677 -14.94 -14.95 26.02
CA LYS A 677 -16.22 -14.84 26.73
C LYS A 677 -16.70 -13.39 26.85
N ASN A 678 -15.90 -12.41 26.47
CA ASN A 678 -16.38 -11.04 26.48
C ASN A 678 -16.49 -10.44 25.09
N LEU A 679 -16.34 -11.26 24.05
CA LEU A 679 -16.38 -10.77 22.68
C LEU A 679 -17.75 -10.17 22.36
N GLU A 680 -17.75 -8.90 21.99
CA GLU A 680 -18.93 -8.18 21.55
C GLU A 680 -18.90 -7.77 20.08
N THR A 681 -17.71 -7.46 19.52
CA THR A 681 -17.56 -7.04 18.12
C THR A 681 -16.51 -7.91 17.44
N LEU A 682 -16.90 -8.56 16.36
CA LEU A 682 -16.01 -9.40 15.55
C LEU A 682 -16.00 -8.82 14.14
N ASP A 683 -14.84 -8.31 13.71
CA ASP A 683 -14.69 -7.76 12.36
C ASP A 683 -13.89 -8.75 11.51
N LEU A 684 -14.58 -9.40 10.58
CA LEU A 684 -13.96 -10.36 9.67
C LEU A 684 -14.03 -9.90 8.22
N SER A 685 -14.20 -8.61 8.00
CA SER A 685 -14.41 -8.09 6.68
C SER A 685 -13.16 -8.25 5.78
N HIS A 686 -13.39 -8.29 4.47
CA HIS A 686 -12.33 -8.34 3.46
C HIS A 686 -11.45 -9.55 3.72
N ASN A 687 -12.07 -10.72 3.67
CA ASN A 687 -11.36 -11.98 3.81
C ASN A 687 -11.89 -12.91 2.72
N GLN A 688 -11.69 -14.21 2.91
CA GLN A 688 -12.05 -15.22 1.92
C GLN A 688 -12.96 -16.29 2.50
N LEU A 689 -13.78 -15.94 3.46
CA LEU A 689 -14.65 -16.95 4.08
C LEU A 689 -15.78 -17.35 3.14
N THR A 690 -16.16 -18.61 3.19
CA THR A 690 -17.23 -19.12 2.34
C THR A 690 -18.45 -19.62 3.09
N THR A 691 -18.40 -19.72 4.42
CA THR A 691 -19.51 -20.23 5.20
C THR A 691 -19.62 -19.46 6.51
N VAL A 692 -20.82 -19.50 7.10
CA VAL A 692 -21.09 -18.93 8.42
C VAL A 692 -21.37 -20.11 9.36
N PRO A 693 -21.28 -19.93 10.68
CA PRO A 693 -21.51 -21.07 11.58
C PRO A 693 -22.94 -21.57 11.51
N GLU A 694 -23.10 -22.87 11.79
CA GLU A 694 -24.43 -23.49 11.76
C GLU A 694 -25.39 -22.80 12.72
N ARG A 695 -24.91 -22.46 13.93
CA ARG A 695 -25.71 -21.72 14.90
C ARG A 695 -24.78 -20.74 15.60
N LEU A 696 -24.87 -19.46 15.20
CA LEU A 696 -23.99 -18.47 15.78
C LEU A 696 -24.13 -18.39 17.29
N SER A 697 -25.34 -18.64 17.84
CA SER A 697 -25.53 -18.60 19.29
C SER A 697 -24.72 -19.68 19.98
N ASN A 698 -24.52 -20.83 19.35
CA ASN A 698 -23.71 -21.89 19.93
C ASN A 698 -22.21 -21.60 19.88
N CYS A 699 -21.80 -20.48 19.27
CA CYS A 699 -20.39 -20.12 19.13
C CYS A 699 -19.96 -19.02 20.08
N SER A 700 -20.88 -18.14 20.43
CA SER A 700 -20.57 -16.99 21.24
C SER A 700 -21.88 -16.53 21.85
N ARG A 701 -21.92 -16.45 23.18
CA ARG A 701 -23.11 -15.96 23.86
C ARG A 701 -23.08 -14.47 24.08
N SER A 702 -21.96 -13.83 23.77
CA SER A 702 -21.77 -12.42 24.04
C SER A 702 -21.82 -11.56 22.81
N LEU A 703 -21.59 -12.15 21.63
CA LEU A 703 -21.34 -11.41 20.39
C LEU A 703 -22.53 -10.57 19.99
N LYS A 704 -22.28 -9.27 19.81
CA LYS A 704 -23.28 -8.27 19.44
C LYS A 704 -23.13 -7.73 18.03
N ASN A 705 -21.90 -7.57 17.53
CA ASN A 705 -21.61 -6.96 16.23
C ASN A 705 -20.73 -7.89 15.40
N LEU A 706 -21.28 -8.40 14.31
CA LEU A 706 -20.58 -9.35 13.45
C LEU A 706 -20.47 -8.69 12.07
N ILE A 707 -19.24 -8.40 11.66
CA ILE A 707 -18.98 -7.78 10.37
C ILE A 707 -18.39 -8.85 9.47
N LEU A 708 -19.15 -9.22 8.45
CA LEU A 708 -18.71 -10.21 7.48
C LEU A 708 -18.62 -9.66 6.07
N LYS A 709 -18.65 -8.34 5.90
CA LYS A 709 -18.65 -7.77 4.55
C LYS A 709 -17.40 -8.17 3.77
N ASN A 710 -17.55 -8.22 2.44
CA ASN A 710 -16.46 -8.46 1.50
C ASN A 710 -15.79 -9.80 1.75
N ASN A 711 -16.62 -10.84 1.67
CA ASN A 711 -16.14 -12.21 1.70
C ASN A 711 -16.75 -12.95 0.52
N GLN A 712 -16.72 -14.27 0.59
CA GLN A 712 -17.12 -15.12 -0.52
C GLN A 712 -18.31 -15.99 -0.14
N ILE A 713 -19.19 -15.51 0.74
CA ILE A 713 -20.23 -16.37 1.28
C ILE A 713 -21.35 -16.50 0.26
N ARG A 714 -21.72 -17.74 -0.04
CA ARG A 714 -22.69 -18.03 -1.08
C ARG A 714 -24.02 -18.46 -0.52
N SER A 715 -24.10 -18.78 0.77
CA SER A 715 -25.36 -19.17 1.38
C SER A 715 -25.25 -19.15 2.91
N LEU A 716 -26.38 -19.03 3.56
CA LEU A 716 -26.42 -19.05 5.01
C LEU A 716 -26.88 -20.42 5.51
N THR A 717 -26.33 -20.83 6.65
CA THR A 717 -26.74 -22.10 7.22
C THR A 717 -28.23 -22.05 7.57
N LYS A 718 -28.83 -23.23 7.64
CA LYS A 718 -30.27 -23.34 7.86
C LYS A 718 -30.74 -22.51 9.06
N TYR A 719 -30.02 -22.61 10.19
CA TYR A 719 -30.44 -21.94 11.42
C TYR A 719 -29.40 -20.95 11.94
N PHE A 720 -28.65 -20.34 11.02
CA PHE A 720 -27.62 -19.36 11.30
C PHE A 720 -27.89 -18.56 12.57
N LEU A 721 -28.96 -17.74 12.62
CA LEU A 721 -29.16 -16.83 13.75
C LEU A 721 -30.16 -17.33 14.78
N GLN A 722 -30.46 -18.62 14.81
CA GLN A 722 -31.43 -19.11 15.77
C GLN A 722 -30.97 -18.88 17.22
N ASP A 723 -31.78 -18.14 17.97
CA ASP A 723 -31.60 -17.86 19.39
C ASP A 723 -30.39 -17.00 19.68
N ALA A 724 -29.95 -16.21 18.69
CA ALA A 724 -28.79 -15.33 18.86
C ALA A 724 -29.23 -14.02 19.47
N PHE A 725 -29.71 -14.10 20.72
CA PHE A 725 -30.45 -12.98 21.30
C PHE A 725 -29.56 -11.76 21.49
N GLN A 726 -28.26 -11.96 21.67
CA GLN A 726 -27.39 -10.80 21.86
C GLN A 726 -27.05 -10.06 20.58
N LEU A 727 -27.36 -10.62 19.39
CA LEU A 727 -26.95 -9.99 18.14
C LEU A 727 -27.67 -8.66 17.93
N ARG A 728 -26.92 -7.60 17.67
CA ARG A 728 -27.48 -6.30 17.34
C ARG A 728 -27.09 -5.77 15.97
N TYR A 729 -25.99 -6.24 15.38
CA TYR A 729 -25.46 -5.65 14.15
C TYR A 729 -24.86 -6.74 13.28
N LEU A 730 -25.25 -6.75 12.02
CA LEU A 730 -24.81 -7.83 11.15
C LEU A 730 -24.59 -7.29 9.76
N ASP A 731 -23.36 -7.42 9.26
CA ASP A 731 -22.99 -6.94 7.94
C ASP A 731 -22.68 -8.16 7.10
N LEU A 732 -23.59 -8.47 6.19
CA LEU A 732 -23.36 -9.53 5.22
C LEU A 732 -23.15 -8.98 3.82
N SER A 733 -22.90 -7.68 3.69
CA SER A 733 -22.85 -7.08 2.35
C SER A 733 -21.59 -7.51 1.61
N SER A 734 -21.64 -7.37 0.27
CA SER A 734 -20.51 -7.67 -0.61
C SER A 734 -20.05 -9.12 -0.42
N ASN A 735 -21.00 -10.02 -0.58
CA ASN A 735 -20.73 -11.44 -0.59
C ASN A 735 -21.38 -11.96 -1.87
N LYS A 736 -21.64 -13.26 -1.93
CA LYS A 736 -22.25 -13.85 -3.12
C LYS A 736 -23.52 -14.61 -2.76
N ILE A 737 -24.28 -14.09 -1.79
CA ILE A 737 -25.46 -14.82 -1.30
C ILE A 737 -26.55 -14.81 -2.37
N GLN A 738 -27.15 -15.95 -2.61
CA GLN A 738 -28.20 -16.06 -3.62
C GLN A 738 -29.60 -16.09 -3.00
N MET A 739 -29.75 -16.72 -1.84
CA MET A 739 -31.03 -16.99 -1.24
C MET A 739 -30.90 -16.83 0.26
N ILE A 740 -32.00 -16.41 0.88
CA ILE A 740 -32.07 -16.35 2.34
C ILE A 740 -33.46 -16.85 2.73
N GLN A 741 -33.50 -17.93 3.51
CA GLN A 741 -34.74 -18.49 4.00
C GLN A 741 -35.00 -18.05 5.45
N LYS A 742 -36.27 -18.19 5.87
CA LYS A 742 -36.70 -17.62 7.15
C LYS A 742 -36.08 -18.36 8.33
N THR A 743 -35.76 -19.65 8.17
CA THR A 743 -35.11 -20.37 9.27
C THR A 743 -33.80 -19.70 9.67
N SER A 744 -33.03 -19.21 8.69
CA SER A 744 -31.76 -18.55 8.99
C SER A 744 -31.94 -17.25 9.76
N PHE A 745 -33.07 -16.57 9.56
CA PHE A 745 -33.34 -15.22 10.06
C PHE A 745 -34.58 -15.19 10.95
N PRO A 746 -34.56 -15.85 12.11
CA PRO A 746 -35.75 -15.82 12.98
C PRO A 746 -36.12 -14.41 13.37
N GLU A 747 -37.42 -14.11 13.30
CA GLU A 747 -37.85 -12.74 13.50
C GLU A 747 -37.67 -12.24 14.94
N ASN A 748 -37.59 -13.12 15.94
CA ASN A 748 -37.26 -12.58 17.27
C ASN A 748 -35.82 -12.10 17.32
N VAL A 749 -34.96 -12.59 16.43
CA VAL A 749 -33.61 -12.03 16.36
C VAL A 749 -33.62 -10.77 15.52
N LEU A 750 -34.26 -10.83 14.34
CA LEU A 750 -34.26 -9.69 13.43
C LEU A 750 -34.76 -8.42 14.11
N ASN A 751 -35.71 -8.54 15.04
CA ASN A 751 -36.30 -7.35 15.65
C ASN A 751 -35.40 -6.68 16.66
N ASN A 752 -34.34 -7.35 17.13
CA ASN A 752 -33.34 -6.71 17.97
C ASN A 752 -32.25 -6.00 17.18
N LEU A 753 -32.22 -6.13 15.85
CA LEU A 753 -31.07 -5.64 15.11
C LEU A 753 -31.21 -4.14 14.89
N LYS A 754 -30.22 -3.39 15.35
CA LYS A 754 -30.13 -1.99 14.98
C LYS A 754 -29.94 -1.84 13.48
N MET A 755 -29.19 -2.74 12.86
CA MET A 755 -28.90 -2.63 11.44
C MET A 755 -28.53 -3.99 10.89
N LEU A 756 -28.92 -4.22 9.63
CA LEU A 756 -28.66 -5.48 8.94
C LEU A 756 -28.32 -5.14 7.51
N LEU A 757 -27.06 -5.37 7.13
CA LEU A 757 -26.55 -4.94 5.83
C LEU A 757 -26.53 -6.13 4.87
N LEU A 758 -27.17 -5.96 3.72
CA LEU A 758 -27.33 -7.06 2.78
C LEU A 758 -27.01 -6.66 1.35
N HIS A 759 -26.48 -5.46 1.11
CA HIS A 759 -26.37 -4.97 -0.25
C HIS A 759 -25.21 -5.63 -0.98
N HIS A 760 -25.32 -5.65 -2.31
CA HIS A 760 -24.25 -6.11 -3.18
C HIS A 760 -23.97 -7.59 -2.96
N ASN A 761 -25.03 -8.40 -3.05
CA ASN A 761 -24.96 -9.85 -3.07
C ASN A 761 -25.44 -10.34 -4.45
N ARG A 762 -25.68 -11.65 -4.58
CA ARG A 762 -26.09 -12.16 -5.89
C ARG A 762 -27.48 -12.77 -5.81
N PHE A 763 -28.45 -11.99 -5.29
CA PHE A 763 -29.79 -12.48 -4.98
C PHE A 763 -30.52 -13.00 -6.20
N LEU A 764 -31.13 -14.17 -6.04
CA LEU A 764 -31.83 -14.83 -7.13
C LEU A 764 -33.33 -14.72 -6.90
N CYS A 765 -34.02 -14.01 -7.79
CA CYS A 765 -35.39 -13.56 -7.54
C CYS A 765 -36.39 -14.46 -8.26
N THR A 766 -36.32 -15.74 -7.93
CA THR A 766 -37.24 -16.75 -8.41
C THR A 766 -38.36 -16.90 -7.38
N CYS A 767 -39.31 -17.80 -7.66
CA CYS A 767 -40.37 -18.01 -6.67
C CYS A 767 -39.85 -18.65 -5.39
N ASP A 768 -38.64 -19.22 -5.41
CA ASP A 768 -38.10 -19.74 -4.16
C ASP A 768 -37.73 -18.63 -3.18
N ALA A 769 -37.69 -17.38 -3.65
CA ALA A 769 -37.29 -16.25 -2.84
C ALA A 769 -38.47 -15.49 -2.26
N VAL A 770 -39.67 -16.06 -2.30
CA VAL A 770 -40.89 -15.31 -1.97
C VAL A 770 -40.82 -14.76 -0.54
N TRP A 771 -40.35 -15.58 0.41
CA TRP A 771 -40.29 -15.10 1.78
C TRP A 771 -39.33 -13.93 1.90
N PHE A 772 -38.13 -14.07 1.34
CA PHE A 772 -37.13 -13.03 1.45
C PHE A 772 -37.60 -11.74 0.80
N VAL A 773 -38.16 -11.82 -0.41
CA VAL A 773 -38.61 -10.61 -1.10
C VAL A 773 -39.71 -9.93 -0.30
N TRP A 774 -40.69 -10.71 0.18
CA TRP A 774 -41.76 -10.14 1.00
C TRP A 774 -41.22 -9.50 2.28
N TRP A 775 -40.30 -10.20 2.97
CA TRP A 775 -39.82 -9.70 4.26
C TRP A 775 -39.00 -8.42 4.08
N VAL A 776 -38.12 -8.37 3.07
CA VAL A 776 -37.35 -7.17 2.79
C VAL A 776 -38.28 -5.99 2.54
N GLN A 777 -39.43 -6.24 1.91
CA GLN A 777 -40.32 -5.16 1.50
C GLN A 777 -41.12 -4.63 2.68
N HIS A 778 -41.40 -5.48 3.67
CA HIS A 778 -42.30 -5.12 4.75
C HIS A 778 -41.63 -4.98 6.11
N THR A 779 -40.31 -5.09 6.18
CA THR A 779 -39.60 -5.10 7.45
C THR A 779 -39.29 -3.69 7.94
N GLU A 780 -39.29 -3.55 9.27
CA GLU A 780 -38.87 -2.34 9.96
C GLU A 780 -37.37 -2.25 10.15
N VAL A 781 -36.66 -3.38 10.06
CA VAL A 781 -35.22 -3.37 10.28
C VAL A 781 -34.55 -2.45 9.29
N THR A 782 -33.53 -1.74 9.74
CA THR A 782 -32.79 -0.80 8.90
C THR A 782 -31.85 -1.55 7.93
N ILE A 783 -32.07 -1.38 6.64
CA ILE A 783 -31.25 -2.02 5.62
C ILE A 783 -30.77 -0.95 4.64
N PRO A 784 -29.52 -0.53 4.73
CA PRO A 784 -29.03 0.50 3.81
C PRO A 784 -29.05 0.05 2.36
N TYR A 785 -29.25 1.01 1.47
CA TYR A 785 -29.14 0.87 0.03
C TYR A 785 -30.19 -0.03 -0.62
N LEU A 786 -31.38 -0.20 0.00
CA LEU A 786 -32.45 -0.94 -0.65
C LEU A 786 -32.77 -0.40 -2.05
N ALA A 787 -32.67 0.91 -2.22
CA ALA A 787 -33.00 1.55 -3.50
C ALA A 787 -31.88 1.42 -4.50
N THR A 788 -30.65 1.29 -4.04
CA THR A 788 -29.49 1.42 -4.91
C THR A 788 -28.70 0.13 -5.08
N ASP A 789 -28.71 -0.80 -4.10
CA ASP A 789 -27.76 -1.91 -4.18
C ASP A 789 -28.26 -3.18 -3.49
N VAL A 790 -29.56 -3.39 -3.43
CA VAL A 790 -30.15 -4.66 -3.02
C VAL A 790 -30.97 -5.16 -4.21
N THR A 791 -30.33 -5.97 -5.04
CA THR A 791 -30.69 -6.15 -6.42
C THR A 791 -30.74 -7.64 -6.80
N CYS A 792 -31.66 -7.97 -7.70
CA CYS A 792 -31.68 -9.29 -8.33
C CYS A 792 -30.57 -9.39 -9.39
N VAL A 793 -29.83 -10.49 -9.39
CA VAL A 793 -28.99 -10.78 -10.56
C VAL A 793 -29.72 -11.63 -11.57
N GLY A 794 -30.85 -12.23 -11.20
CA GLY A 794 -31.65 -13.00 -12.12
C GLY A 794 -32.93 -13.47 -11.44
N PRO A 795 -33.76 -14.25 -12.18
CA PRO A 795 -33.54 -14.76 -13.53
C PRO A 795 -33.87 -13.79 -14.67
N GLY A 796 -32.85 -13.47 -15.47
CA GLY A 796 -32.96 -12.67 -16.68
C GLY A 796 -34.07 -11.65 -16.72
N ALA A 797 -35.32 -12.13 -16.65
CA ALA A 797 -36.49 -11.26 -16.58
C ALA A 797 -36.28 -10.14 -15.56
N HIS A 798 -35.87 -10.51 -14.35
CA HIS A 798 -35.70 -9.59 -13.22
C HIS A 798 -34.27 -9.07 -13.06
N LYS A 799 -33.37 -9.34 -14.00
CA LYS A 799 -31.97 -8.97 -13.80
C LYS A 799 -31.82 -7.46 -13.68
N GLY A 800 -31.01 -7.04 -12.71
CA GLY A 800 -30.80 -5.63 -12.39
C GLY A 800 -31.91 -4.95 -11.64
N GLN A 801 -32.98 -5.65 -11.32
CA GLN A 801 -34.13 -5.03 -10.68
C GLN A 801 -33.99 -5.02 -9.16
N SER A 802 -34.48 -3.95 -8.54
CA SER A 802 -34.40 -3.87 -7.09
C SER A 802 -35.38 -4.86 -6.45
N VAL A 803 -34.94 -5.50 -5.37
CA VAL A 803 -35.79 -6.46 -4.70
C VAL A 803 -36.97 -5.75 -4.06
N ILE A 804 -36.78 -4.51 -3.65
CA ILE A 804 -37.82 -3.74 -2.98
C ILE A 804 -39.03 -3.52 -3.90
N SER A 805 -38.78 -3.39 -5.22
CA SER A 805 -39.82 -3.13 -6.20
C SER A 805 -40.37 -4.40 -6.85
N LEU A 806 -40.03 -5.58 -6.34
CA LEU A 806 -40.32 -6.82 -7.05
C LEU A 806 -41.75 -7.26 -6.77
N ASP A 807 -42.50 -7.56 -7.82
CA ASP A 807 -43.84 -8.11 -7.67
C ASP A 807 -43.83 -9.58 -8.08
N LEU A 808 -44.19 -10.45 -7.13
CA LEU A 808 -44.10 -11.90 -7.32
C LEU A 808 -45.48 -12.56 -7.29
N TYR A 809 -46.51 -11.85 -7.76
CA TYR A 809 -47.87 -12.41 -7.70
C TYR A 809 -48.00 -13.66 -8.55
N THR A 810 -47.20 -13.78 -9.61
CA THR A 810 -47.26 -14.97 -10.45
C THR A 810 -46.91 -16.24 -9.69
N CYS A 811 -46.26 -16.13 -8.53
CA CYS A 811 -46.00 -17.25 -7.64
C CYS A 811 -47.20 -17.61 -6.77
N GLU A 812 -48.32 -16.88 -6.87
CA GLU A 812 -49.49 -17.13 -6.03
C GLU A 812 -50.78 -17.36 -6.84
N LEU A 813 -50.67 -17.70 -8.12
CA LEU A 813 -51.89 -17.83 -8.93
C LEU A 813 -52.72 -19.07 -8.62
N ALA B 5 -7.66 -25.02 -37.08
CA ALA B 5 -6.40 -25.45 -37.68
C ALA B 5 -5.89 -26.77 -37.09
N ARG B 6 -6.61 -27.32 -36.10
CA ARG B 6 -6.32 -28.66 -35.57
C ARG B 6 -7.59 -29.51 -35.63
N TRP B 7 -7.43 -30.77 -36.00
CA TRP B 7 -8.56 -31.66 -36.25
C TRP B 7 -9.09 -32.34 -35.00
N PHE B 8 -8.32 -32.40 -33.92
CA PHE B 8 -8.76 -33.05 -32.69
C PHE B 8 -8.43 -32.15 -31.51
N PRO B 9 -9.41 -31.45 -30.94
CA PRO B 9 -9.13 -30.53 -29.84
C PRO B 9 -8.45 -31.25 -28.69
N LYS B 10 -7.51 -30.56 -28.06
CA LYS B 10 -6.92 -31.10 -26.85
C LYS B 10 -7.86 -30.86 -25.69
N THR B 11 -8.25 -31.94 -25.03
CA THR B 11 -9.18 -31.86 -23.91
C THR B 11 -8.51 -32.19 -22.59
N LEU B 12 -7.34 -32.80 -22.64
CA LEU B 12 -6.60 -33.15 -21.45
C LEU B 12 -6.29 -31.89 -20.63
N PRO B 13 -6.56 -31.89 -19.32
CA PRO B 13 -6.33 -30.69 -18.51
C PRO B 13 -4.86 -30.51 -18.12
N CYS B 14 -3.95 -30.98 -18.97
CA CYS B 14 -2.52 -30.91 -18.69
C CYS B 14 -1.82 -30.34 -19.90
N ASP B 15 -0.78 -29.55 -19.66
CA ASP B 15 0.08 -29.13 -20.74
C ASP B 15 0.87 -30.34 -21.25
N VAL B 16 0.85 -30.53 -22.56
CA VAL B 16 1.60 -31.61 -23.19
C VAL B 16 2.68 -30.95 -24.02
N THR B 17 3.90 -31.48 -23.92
CA THR B 17 5.06 -30.92 -24.60
C THR B 17 5.88 -32.04 -25.22
N LEU B 18 6.51 -31.74 -26.36
CA LEU B 18 7.34 -32.71 -27.07
C LEU B 18 8.75 -32.14 -27.19
N ASP B 19 9.72 -32.92 -26.72
CA ASP B 19 11.14 -32.66 -26.92
C ASP B 19 11.64 -33.85 -27.75
N VAL B 20 11.49 -33.76 -29.07
CA VAL B 20 11.74 -34.93 -29.90
C VAL B 20 13.21 -35.20 -30.08
N SER B 21 14.07 -34.25 -29.70
CA SER B 21 15.50 -34.52 -29.59
C SER B 21 15.77 -35.66 -28.60
N LYS B 22 15.29 -35.50 -27.35
CA LYS B 22 15.51 -36.47 -26.28
C LYS B 22 14.37 -37.49 -26.16
N ASN B 23 13.52 -37.61 -27.18
CA ASN B 23 12.39 -38.58 -27.18
C ASN B 23 11.58 -38.48 -25.89
N HIS B 24 11.28 -37.26 -25.47
CA HIS B 24 10.54 -36.99 -24.25
C HIS B 24 9.19 -36.38 -24.64
N VAL B 25 8.10 -36.96 -24.16
CA VAL B 25 6.82 -36.28 -24.22
C VAL B 25 6.45 -35.93 -22.79
N ILE B 26 6.32 -34.63 -22.53
CA ILE B 26 6.23 -34.08 -21.18
C ILE B 26 4.77 -33.74 -20.93
N VAL B 27 4.21 -34.32 -19.87
CA VAL B 27 2.82 -34.09 -19.52
C VAL B 27 2.77 -33.50 -18.12
N ASP B 28 2.47 -32.20 -18.02
CA ASP B 28 2.46 -31.46 -16.76
C ASP B 28 1.03 -31.16 -16.32
N CYS B 29 0.56 -31.87 -15.30
CA CYS B 29 -0.75 -31.59 -14.68
C CYS B 29 -0.61 -30.93 -13.30
N THR B 30 0.40 -30.10 -13.13
CA THR B 30 0.56 -29.45 -11.84
C THR B 30 -0.67 -28.59 -11.54
N ASP B 31 -1.23 -28.79 -10.35
CA ASP B 31 -2.23 -27.90 -9.77
C ASP B 31 -3.43 -27.70 -10.71
N LYS B 32 -4.12 -28.81 -10.98
CA LYS B 32 -5.33 -28.77 -11.80
C LYS B 32 -6.56 -29.27 -11.02
N HIS B 33 -6.47 -29.29 -9.71
CA HIS B 33 -7.58 -29.71 -8.86
C HIS B 33 -8.11 -31.08 -9.28
N LEU B 34 -7.19 -31.95 -9.67
CA LEU B 34 -7.58 -33.28 -10.11
C LEU B 34 -7.81 -34.16 -8.89
N THR B 35 -8.86 -34.98 -8.95
CA THR B 35 -9.11 -36.05 -7.98
C THR B 35 -8.87 -37.44 -8.56
N GLU B 36 -8.58 -37.55 -9.86
CA GLU B 36 -8.19 -38.83 -10.44
C GLU B 36 -7.09 -38.53 -11.44
N ILE B 37 -6.28 -39.54 -11.74
CA ILE B 37 -5.42 -39.32 -12.91
C ILE B 37 -6.32 -39.17 -14.14
N PRO B 38 -6.19 -38.09 -14.93
CA PRO B 38 -7.08 -37.90 -16.07
C PRO B 38 -6.93 -39.04 -17.05
N GLY B 39 -8.00 -39.36 -17.77
CA GLY B 39 -7.89 -40.34 -18.83
C GLY B 39 -7.24 -39.74 -20.07
N GLY B 40 -6.59 -40.60 -20.87
CA GLY B 40 -6.09 -40.13 -22.14
C GLY B 40 -4.74 -39.44 -22.13
N ILE B 41 -3.93 -39.65 -21.10
CA ILE B 41 -2.54 -39.21 -21.15
C ILE B 41 -1.88 -39.88 -22.35
N PRO B 42 -1.10 -39.19 -23.17
CA PRO B 42 -0.50 -39.84 -24.34
C PRO B 42 0.23 -41.11 -23.89
N THR B 43 0.11 -42.16 -24.71
CA THR B 43 0.69 -43.46 -24.31
C THR B 43 2.21 -43.42 -24.31
N ASN B 44 2.81 -42.61 -25.20
CA ASN B 44 4.26 -42.39 -25.25
C ASN B 44 4.79 -41.57 -24.06
N THR B 45 4.06 -41.32 -22.98
CA THR B 45 4.51 -40.35 -21.98
C THR B 45 5.76 -40.81 -21.26
N THR B 46 6.73 -39.91 -21.17
CA THR B 46 8.00 -40.12 -20.50
C THR B 46 8.10 -39.39 -19.16
N ASN B 47 7.78 -38.08 -19.12
CA ASN B 47 7.73 -37.30 -17.89
C ASN B 47 6.27 -36.94 -17.58
N LEU B 48 5.79 -37.35 -16.41
CA LEU B 48 4.42 -37.10 -15.98
C LEU B 48 4.46 -36.44 -14.60
N THR B 49 3.92 -35.22 -14.50
CA THR B 49 3.89 -34.48 -13.23
C THR B 49 2.47 -34.29 -12.73
N LEU B 50 2.23 -34.69 -11.48
CA LEU B 50 0.90 -34.58 -10.89
C LEU B 50 0.97 -33.89 -9.53
N THR B 51 1.95 -33.01 -9.32
CA THR B 51 2.08 -32.33 -8.05
C THR B 51 0.89 -31.40 -7.77
N ILE B 52 0.54 -31.30 -6.50
CA ILE B 52 -0.52 -30.41 -6.02
C ILE B 52 -1.86 -30.76 -6.66
N ASN B 53 -2.36 -31.95 -6.33
CA ASN B 53 -3.70 -32.39 -6.69
C ASN B 53 -4.22 -33.16 -5.50
N HIS B 54 -5.37 -33.81 -5.65
CA HIS B 54 -5.96 -34.58 -4.58
C HIS B 54 -6.33 -35.96 -5.07
N ILE B 55 -5.37 -36.61 -5.72
CA ILE B 55 -5.55 -37.98 -6.18
C ILE B 55 -5.33 -38.88 -4.97
N PRO B 56 -6.36 -39.60 -4.50
CA PRO B 56 -6.23 -40.31 -3.23
C PRO B 56 -5.46 -41.61 -3.32
N ASP B 57 -5.28 -42.18 -4.51
CA ASP B 57 -4.67 -43.49 -4.56
C ASP B 57 -3.93 -43.71 -5.86
N ILE B 58 -2.94 -44.60 -5.81
CA ILE B 58 -2.25 -45.12 -6.98
C ILE B 58 -2.51 -46.63 -7.02
N SER B 59 -2.65 -47.15 -8.22
CA SER B 59 -2.98 -48.55 -8.42
C SER B 59 -2.34 -49.01 -9.72
N PRO B 60 -2.32 -50.31 -9.97
CA PRO B 60 -1.82 -50.78 -11.29
C PRO B 60 -2.51 -50.11 -12.46
N ALA B 61 -3.76 -49.69 -12.26
CA ALA B 61 -4.49 -48.98 -13.29
C ALA B 61 -3.90 -47.61 -13.61
N SER B 62 -3.16 -47.01 -12.66
CA SER B 62 -2.71 -45.63 -12.80
C SER B 62 -1.87 -45.43 -14.05
N PHE B 63 -0.85 -46.26 -14.22
CA PHE B 63 0.10 -46.05 -15.31
C PHE B 63 0.09 -47.21 -16.28
N HIS B 64 -1.05 -47.91 -16.35
CA HIS B 64 -1.18 -49.15 -17.12
C HIS B 64 -0.59 -49.02 -18.52
N ARG B 65 -1.04 -48.04 -19.29
CA ARG B 65 -0.57 -47.94 -20.66
C ARG B 65 0.69 -47.13 -20.78
N LEU B 66 1.14 -46.50 -19.71
CA LEU B 66 2.21 -45.51 -19.79
C LEU B 66 3.58 -46.12 -19.56
N VAL B 67 3.84 -47.25 -20.24
CA VAL B 67 5.02 -48.05 -19.96
C VAL B 67 6.32 -47.35 -20.31
N HIS B 68 6.26 -46.27 -21.08
CA HIS B 68 7.46 -45.53 -21.44
C HIS B 68 7.82 -44.46 -20.40
N LEU B 69 7.19 -44.47 -19.22
CA LEU B 69 7.45 -43.41 -18.26
C LEU B 69 8.83 -43.54 -17.65
N VAL B 70 9.57 -42.44 -17.70
CA VAL B 70 10.87 -42.35 -17.09
C VAL B 70 10.82 -41.62 -15.75
N GLU B 71 10.01 -40.55 -15.68
CA GLU B 71 9.89 -39.75 -14.47
C GLU B 71 8.43 -39.65 -14.08
N ILE B 72 8.15 -39.90 -12.81
CA ILE B 72 6.84 -39.63 -12.22
C ILE B 72 7.04 -38.67 -11.05
N ASP B 73 6.44 -37.48 -11.16
CA ASP B 73 6.43 -36.47 -10.09
C ASP B 73 5.02 -36.47 -9.51
N PHE B 74 4.82 -37.20 -8.42
CA PHE B 74 3.53 -37.34 -7.75
C PHE B 74 3.62 -36.78 -6.34
N ARG B 75 4.13 -35.55 -6.21
CA ARG B 75 4.31 -34.94 -4.90
C ARG B 75 3.05 -34.21 -4.44
N CYS B 76 2.89 -34.09 -3.11
CA CYS B 76 1.94 -33.16 -2.49
C CYS B 76 0.50 -33.40 -2.98
N ASN B 77 0.09 -34.67 -2.96
CA ASN B 77 -1.32 -35.01 -3.06
C ASN B 77 -1.91 -35.33 -1.70
N CYS B 78 -1.08 -35.31 -0.65
CA CYS B 78 -1.57 -35.40 0.72
C CYS B 78 -0.52 -34.84 1.66
N VAL B 79 -0.38 -33.53 1.69
CA VAL B 79 0.67 -32.85 2.43
C VAL B 79 0.40 -33.03 3.91
N PRO B 80 1.43 -33.15 4.74
CA PRO B 80 1.17 -33.24 6.18
C PRO B 80 0.47 -31.99 6.68
N ILE B 81 -0.35 -32.18 7.72
CA ILE B 81 -1.29 -31.20 8.24
C ILE B 81 -0.70 -29.80 8.39
N ARG B 82 0.39 -29.66 9.13
CA ARG B 82 0.94 -28.33 9.39
C ARG B 82 1.66 -27.74 8.19
N LEU B 83 2.02 -28.55 7.20
CA LEU B 83 2.72 -28.04 6.03
C LEU B 83 1.80 -27.59 4.91
N GLY B 84 0.56 -28.09 4.88
CA GLY B 84 -0.32 -27.86 3.76
C GLY B 84 -1.41 -26.86 4.06
N SER B 85 -2.29 -26.70 3.08
CA SER B 85 -3.41 -25.78 3.19
C SER B 85 -4.27 -26.12 4.40
N LYS B 86 -4.54 -25.11 5.24
CA LYS B 86 -5.49 -25.35 6.33
C LYS B 86 -6.94 -25.15 5.88
N SER B 87 -7.17 -24.64 4.67
CA SER B 87 -8.50 -24.54 4.11
C SER B 87 -8.92 -25.78 3.32
N ASN B 88 -7.97 -26.59 2.86
CA ASN B 88 -8.26 -27.85 2.18
C ASN B 88 -7.30 -28.90 2.75
N MET B 89 -7.54 -29.32 3.99
CA MET B 89 -6.69 -30.33 4.61
C MET B 89 -6.93 -31.67 3.93
N CYS B 90 -5.85 -32.42 3.75
CA CYS B 90 -5.96 -33.76 3.21
C CYS B 90 -6.52 -34.69 4.28
N PRO B 91 -7.59 -35.43 3.99
CA PRO B 91 -8.23 -36.26 5.03
C PRO B 91 -7.59 -37.62 5.28
N ARG B 92 -7.06 -38.28 4.25
CA ARG B 92 -6.38 -39.56 4.45
C ARG B 92 -5.14 -39.68 3.56
N ARG B 93 -4.10 -40.32 4.10
CA ARG B 93 -2.84 -40.51 3.40
C ARG B 93 -3.05 -41.12 2.01
N LEU B 94 -2.18 -40.74 1.07
CA LEU B 94 -2.20 -41.36 -0.25
C LEU B 94 -2.06 -42.88 -0.12
N GLN B 95 -2.89 -43.62 -0.87
CA GLN B 95 -2.92 -45.08 -0.83
C GLN B 95 -2.27 -45.64 -2.09
N ILE B 96 -1.14 -46.32 -1.92
CA ILE B 96 -0.41 -46.90 -3.05
C ILE B 96 -0.67 -48.40 -3.06
N LYS B 97 -1.38 -48.89 -4.08
CA LYS B 97 -1.72 -50.30 -4.17
C LYS B 97 -0.52 -51.11 -4.67
N PRO B 98 -0.49 -52.41 -4.35
CA PRO B 98 0.59 -53.27 -4.84
C PRO B 98 0.63 -53.31 -6.37
N ARG B 99 1.87 -53.42 -6.88
CA ARG B 99 2.33 -53.51 -8.27
C ARG B 99 2.64 -52.13 -8.80
N SER B 100 1.97 -51.08 -8.28
CA SER B 100 1.73 -49.81 -8.97
C SER B 100 2.90 -49.34 -9.85
N PHE B 101 4.14 -49.71 -9.51
CA PHE B 101 5.31 -49.28 -10.26
C PHE B 101 6.13 -50.39 -10.93
N SER B 102 5.86 -51.67 -10.61
CA SER B 102 6.71 -52.78 -11.04
C SER B 102 6.79 -52.89 -12.56
N GLY B 103 5.71 -52.53 -13.27
CA GLY B 103 5.71 -52.55 -14.72
C GLY B 103 6.41 -51.40 -15.44
N LEU B 104 6.78 -50.34 -14.72
CA LEU B 104 7.38 -49.17 -15.37
C LEU B 104 8.87 -49.44 -15.52
N THR B 105 9.14 -50.38 -16.43
CA THR B 105 10.44 -50.89 -16.81
C THR B 105 11.51 -49.83 -16.99
N TYR B 106 11.12 -48.62 -17.40
CA TYR B 106 12.05 -47.55 -17.71
C TYR B 106 12.07 -46.44 -16.66
N LEU B 107 11.37 -46.63 -15.54
CA LEU B 107 11.19 -45.57 -14.55
C LEU B 107 12.51 -45.25 -13.88
N LYS B 108 12.96 -44.00 -13.99
CA LYS B 108 14.22 -43.60 -13.38
C LYS B 108 14.07 -42.67 -12.19
N SER B 109 12.98 -41.88 -12.13
CA SER B 109 12.80 -40.89 -11.08
C SER B 109 11.37 -40.95 -10.57
N LEU B 110 11.23 -41.11 -9.26
CA LEU B 110 9.95 -41.22 -8.61
C LEU B 110 9.97 -40.21 -7.47
N TYR B 111 9.07 -39.22 -7.54
CA TYR B 111 8.89 -38.25 -6.47
C TYR B 111 7.54 -38.54 -5.81
N LEU B 112 7.58 -38.90 -4.53
CA LEU B 112 6.38 -39.12 -3.75
C LEU B 112 6.41 -38.33 -2.45
N ASP B 113 7.04 -37.16 -2.48
CA ASP B 113 7.12 -36.32 -1.29
C ASP B 113 5.75 -35.78 -0.92
N GLY B 114 5.58 -35.53 0.37
CA GLY B 114 4.40 -34.80 0.81
C GLY B 114 3.11 -35.53 0.60
N ASN B 115 3.09 -36.83 0.87
CA ASN B 115 1.90 -37.65 0.66
C ASN B 115 1.54 -38.40 1.92
N GLN B 116 2.25 -38.13 3.02
CA GLN B 116 1.96 -38.69 4.34
C GLN B 116 2.17 -40.19 4.38
N LEU B 117 3.08 -40.69 3.55
CA LEU B 117 3.36 -42.11 3.52
C LEU B 117 3.98 -42.53 4.84
N LEU B 118 3.67 -43.76 5.26
CA LEU B 118 4.21 -44.30 6.50
C LEU B 118 5.43 -45.19 6.29
N GLU B 119 5.66 -45.67 5.06
CA GLU B 119 6.70 -46.64 4.78
C GLU B 119 7.24 -46.39 3.37
N ILE B 120 8.38 -47.00 3.09
CA ILE B 120 9.01 -46.88 1.79
C ILE B 120 8.21 -47.68 0.76
N PRO B 121 7.66 -47.06 -0.29
CA PRO B 121 6.88 -47.85 -1.26
C PRO B 121 7.74 -48.96 -1.81
N GLN B 122 7.14 -50.15 -1.89
CA GLN B 122 7.84 -51.34 -2.35
C GLN B 122 7.45 -51.67 -3.79
N GLY B 123 8.12 -52.66 -4.36
CA GLY B 123 7.79 -53.02 -5.73
C GLY B 123 8.32 -52.07 -6.76
N LEU B 124 9.33 -51.29 -6.41
CA LEU B 124 9.79 -50.33 -7.38
C LEU B 124 10.77 -51.00 -8.35
N PRO B 125 10.76 -50.55 -9.61
CA PRO B 125 11.54 -51.22 -10.64
C PRO B 125 13.03 -51.11 -10.37
N PRO B 126 13.83 -52.02 -10.94
CA PRO B 126 15.28 -51.97 -10.71
C PRO B 126 15.99 -50.86 -11.45
N SER B 127 15.32 -50.16 -12.36
CA SER B 127 15.91 -49.07 -13.11
C SER B 127 16.03 -47.77 -12.32
N LEU B 128 15.45 -47.70 -11.13
CA LEU B 128 15.23 -46.42 -10.46
C LEU B 128 16.55 -45.83 -9.97
N GLN B 129 16.85 -44.61 -10.41
CA GLN B 129 18.04 -43.89 -9.97
C GLN B 129 17.76 -42.88 -8.87
N LEU B 130 16.58 -42.27 -8.87
CA LEU B 130 16.22 -41.21 -7.94
C LEU B 130 14.92 -41.58 -7.24
N LEU B 131 14.92 -41.56 -5.92
CA LEU B 131 13.70 -41.73 -5.13
C LEU B 131 13.59 -40.60 -4.12
N SER B 132 12.40 -39.98 -4.04
CA SER B 132 12.21 -38.82 -3.17
C SER B 132 11.01 -39.06 -2.27
N LEU B 133 11.24 -38.97 -0.96
CA LEU B 133 10.19 -39.24 0.01
C LEU B 133 10.11 -38.16 1.10
N GLU B 134 10.57 -36.94 0.81
CA GLU B 134 10.56 -35.85 1.79
C GLU B 134 9.14 -35.57 2.30
N ALA B 135 9.05 -35.03 3.51
CA ALA B 135 7.79 -34.52 4.05
C ALA B 135 6.71 -35.61 4.09
N ASN B 136 7.11 -36.86 4.32
CA ASN B 136 6.19 -37.95 4.61
C ASN B 136 6.24 -38.27 6.11
N ASN B 137 5.84 -39.48 6.50
CA ASN B 137 5.84 -39.88 7.90
C ASN B 137 6.62 -41.16 8.09
N ILE B 138 7.78 -41.24 7.43
CA ILE B 138 8.67 -42.39 7.44
C ILE B 138 9.86 -42.04 8.30
N PHE B 139 9.94 -42.62 9.50
CA PHE B 139 11.02 -42.28 10.44
C PHE B 139 11.70 -43.53 11.01
N SER B 140 11.65 -44.64 10.30
CA SER B 140 12.43 -45.82 10.65
C SER B 140 12.87 -46.49 9.35
N ILE B 141 14.18 -46.51 9.12
CA ILE B 141 14.78 -47.04 7.91
C ILE B 141 15.35 -48.42 8.23
N ARG B 142 14.88 -49.44 7.50
CA ARG B 142 15.27 -50.82 7.74
C ARG B 142 15.87 -51.42 6.49
N LYS B 143 17.05 -52.04 6.66
CA LYS B 143 17.82 -52.60 5.54
C LYS B 143 16.97 -53.39 4.56
N GLU B 144 16.00 -54.15 5.06
CA GLU B 144 15.25 -54.99 4.14
C GLU B 144 14.29 -54.17 3.27
N GLN B 145 13.85 -52.99 3.73
CA GLN B 145 12.98 -52.13 2.91
C GLN B 145 13.74 -51.39 1.81
N LEU B 146 15.07 -51.53 1.80
CA LEU B 146 16.00 -50.86 0.90
C LEU B 146 16.66 -51.79 -0.11
N THR B 147 16.35 -53.10 -0.07
CA THR B 147 16.86 -54.04 -1.07
C THR B 147 16.45 -53.61 -2.48
N GLU B 148 15.15 -53.35 -2.67
CA GLU B 148 14.60 -53.03 -3.99
C GLU B 148 15.31 -51.85 -4.64
N LEU B 149 16.10 -51.08 -3.87
CA LEU B 149 16.73 -49.87 -4.36
C LEU B 149 18.20 -50.09 -4.70
N ALA B 150 18.54 -51.24 -5.27
CA ALA B 150 19.94 -51.59 -5.47
C ALA B 150 20.64 -50.58 -6.38
N ASN B 151 19.99 -50.17 -7.46
CA ASN B 151 20.59 -49.27 -8.44
C ASN B 151 20.41 -47.81 -8.09
N ILE B 152 19.97 -47.50 -6.87
CA ILE B 152 19.63 -46.12 -6.55
C ILE B 152 20.89 -45.29 -6.44
N GLU B 153 20.81 -44.04 -6.89
CA GLU B 153 21.91 -43.10 -6.79
C GLU B 153 21.58 -41.85 -5.97
N ILE B 154 20.32 -41.41 -5.96
CA ILE B 154 19.90 -40.20 -5.27
C ILE B 154 18.66 -40.54 -4.45
N LEU B 155 18.75 -40.33 -3.13
CA LEU B 155 17.72 -40.76 -2.20
C LEU B 155 17.41 -39.65 -1.19
N TYR B 156 16.18 -39.13 -1.21
CA TYR B 156 15.75 -38.04 -0.35
C TYR B 156 14.77 -38.55 0.70
N LEU B 157 15.14 -38.43 1.99
CA LEU B 157 14.27 -38.89 3.07
C LEU B 157 14.05 -37.86 4.16
N GLY B 158 14.41 -36.60 3.92
CA GLY B 158 14.34 -35.58 4.94
C GLY B 158 12.94 -35.09 5.23
N GLN B 159 12.84 -34.20 6.22
CA GLN B 159 11.59 -33.54 6.61
C GLN B 159 10.48 -34.53 6.94
N ASN B 160 10.86 -35.73 7.39
CA ASN B 160 9.88 -36.71 7.84
C ASN B 160 9.66 -36.67 9.33
N CYS B 161 10.51 -35.95 10.09
CA CYS B 161 10.33 -35.83 11.54
C CYS B 161 11.00 -34.54 12.01
N TYR B 162 10.23 -33.46 12.07
CA TYR B 162 10.72 -32.18 12.58
C TYR B 162 9.52 -31.37 13.06
N TYR B 163 9.79 -30.16 13.58
CA TYR B 163 8.77 -29.44 14.34
C TYR B 163 7.50 -29.21 13.51
N ARG B 164 7.62 -28.89 12.21
CA ARG B 164 6.45 -28.71 11.37
C ARG B 164 5.79 -30.04 10.96
N ASN B 165 6.48 -31.16 11.15
CA ASN B 165 5.96 -32.46 10.76
C ASN B 165 6.45 -33.50 11.76
N PRO B 166 5.95 -33.45 12.99
CA PRO B 166 6.58 -34.22 14.07
C PRO B 166 6.28 -35.71 14.00
N CYS B 167 7.27 -36.50 14.42
CA CYS B 167 7.06 -37.94 14.59
C CYS B 167 7.10 -38.40 16.04
N TYR B 168 7.52 -37.54 16.98
CA TYR B 168 7.43 -37.74 18.42
C TYR B 168 8.38 -38.85 18.93
N VAL B 169 9.33 -39.30 18.11
CA VAL B 169 10.37 -40.23 18.54
C VAL B 169 11.68 -39.87 17.85
N SER B 170 12.73 -40.55 18.26
CA SER B 170 13.97 -40.46 17.51
C SER B 170 13.82 -41.20 16.20
N TYR B 171 14.48 -40.65 15.18
CA TYR B 171 14.60 -41.33 13.90
C TYR B 171 15.40 -42.61 14.10
N SER B 172 15.11 -43.62 13.28
CA SER B 172 15.73 -44.95 13.43
C SER B 172 16.30 -45.42 12.11
N ILE B 173 17.60 -45.67 12.09
CA ILE B 173 18.29 -46.20 10.92
C ILE B 173 19.08 -47.42 11.38
N GLU B 174 18.75 -48.58 10.81
CA GLU B 174 19.46 -49.82 11.17
C GLU B 174 20.92 -49.76 10.76
N LYS B 175 21.74 -50.55 11.50
CA LYS B 175 23.14 -50.72 11.15
C LYS B 175 23.29 -51.15 9.71
N ASP B 176 24.21 -50.50 8.99
CA ASP B 176 24.56 -50.83 7.60
C ASP B 176 23.33 -50.85 6.68
N ALA B 177 22.27 -50.11 7.02
CA ALA B 177 21.08 -50.09 6.17
C ALA B 177 21.39 -49.62 4.75
N PHE B 178 22.31 -48.67 4.59
CA PHE B 178 22.60 -48.16 3.25
C PHE B 178 23.83 -48.79 2.61
N LEU B 179 24.50 -49.73 3.29
CA LEU B 179 25.80 -50.20 2.83
C LEU B 179 25.72 -50.90 1.48
N ASN B 180 24.66 -51.69 1.25
CA ASN B 180 24.52 -52.42 0.00
C ASN B 180 23.92 -51.58 -1.13
N LEU B 181 23.65 -50.30 -0.90
CA LEU B 181 23.27 -49.39 -1.98
C LEU B 181 24.55 -48.95 -2.65
N THR B 182 25.06 -49.84 -3.51
CA THR B 182 26.40 -49.76 -4.07
C THR B 182 26.60 -48.66 -5.10
N LYS B 183 25.54 -48.06 -5.64
CA LYS B 183 25.71 -46.92 -6.54
C LYS B 183 25.25 -45.60 -5.93
N LEU B 184 24.80 -45.62 -4.67
CA LEU B 184 24.17 -44.47 -4.04
C LEU B 184 25.15 -43.30 -3.93
N LYS B 185 24.81 -42.17 -4.55
CA LYS B 185 25.65 -40.98 -4.59
C LYS B 185 25.21 -39.89 -3.63
N VAL B 186 23.90 -39.65 -3.51
CA VAL B 186 23.33 -38.52 -2.77
C VAL B 186 22.41 -39.05 -1.67
N LEU B 187 22.67 -38.69 -0.43
CA LEU B 187 21.83 -39.11 0.69
C LEU B 187 21.50 -37.91 1.56
N SER B 188 20.20 -37.62 1.70
CA SER B 188 19.70 -36.47 2.45
C SER B 188 18.81 -37.00 3.57
N LEU B 189 19.23 -36.79 4.81
CA LEU B 189 18.46 -37.18 5.98
C LEU B 189 18.19 -35.98 6.90
N LYS B 190 18.11 -34.80 6.30
CA LYS B 190 17.94 -33.54 7.02
C LYS B 190 16.60 -33.47 7.76
N ASP B 191 16.57 -32.64 8.78
CA ASP B 191 15.31 -32.26 9.45
C ASP B 191 14.53 -33.50 9.86
N ASN B 192 15.21 -34.42 10.56
CA ASN B 192 14.67 -35.76 10.75
C ASN B 192 14.73 -36.30 12.17
N ASN B 193 15.24 -35.55 13.14
CA ASN B 193 15.36 -36.08 14.51
C ASN B 193 16.28 -37.30 14.55
N VAL B 194 17.33 -37.29 13.70
CA VAL B 194 18.40 -38.28 13.73
C VAL B 194 19.30 -38.02 14.93
N THR B 195 19.73 -39.10 15.60
CA THR B 195 20.57 -38.96 16.78
C THR B 195 22.03 -39.39 16.61
N THR B 196 22.36 -40.21 15.62
CA THR B 196 23.75 -40.52 15.32
C THR B 196 23.94 -40.62 13.82
N VAL B 197 25.15 -40.30 13.36
CA VAL B 197 25.57 -40.54 11.97
C VAL B 197 25.37 -42.02 11.65
N PRO B 198 24.52 -42.37 10.69
CA PRO B 198 24.32 -43.79 10.38
C PRO B 198 25.59 -44.40 9.80
N THR B 199 25.89 -45.63 10.24
CA THR B 199 27.09 -46.33 9.81
C THR B 199 26.74 -47.80 9.54
N VAL B 200 27.51 -48.43 8.65
CA VAL B 200 28.49 -47.79 7.80
C VAL B 200 27.77 -47.44 6.49
N LEU B 201 28.18 -46.35 5.87
CA LEU B 201 27.62 -45.85 4.63
C LEU B 201 28.44 -46.32 3.44
N PRO B 202 27.86 -46.36 2.25
CA PRO B 202 28.61 -46.81 1.08
C PRO B 202 29.62 -45.76 0.65
N SER B 203 30.82 -46.23 0.32
CA SER B 203 31.93 -45.35 -0.03
C SER B 203 31.72 -44.63 -1.35
N THR B 204 30.67 -44.96 -2.09
CA THR B 204 30.35 -44.29 -3.33
C THR B 204 29.72 -42.91 -3.14
N LEU B 205 29.29 -42.56 -1.91
CA LEU B 205 28.62 -41.29 -1.64
C LEU B 205 29.45 -40.08 -2.07
N THR B 206 28.78 -39.11 -2.70
CA THR B 206 29.33 -37.80 -3.02
C THR B 206 28.76 -36.67 -2.17
N GLU B 207 27.52 -36.80 -1.75
CA GLU B 207 26.81 -35.75 -1.03
C GLU B 207 26.05 -36.37 0.13
N LEU B 208 26.28 -35.87 1.33
CA LEU B 208 25.56 -36.33 2.51
C LEU B 208 25.07 -35.13 3.30
N TYR B 209 23.75 -35.10 3.56
CA TYR B 209 23.08 -34.01 4.27
C TYR B 209 22.48 -34.58 5.55
N LEU B 210 23.05 -34.18 6.69
CA LEU B 210 22.57 -34.61 8.00
C LEU B 210 22.12 -33.42 8.83
N TYR B 211 21.79 -32.30 8.19
CA TYR B 211 21.65 -31.11 8.99
C TYR B 211 20.27 -31.03 9.65
N ASN B 212 20.19 -30.22 10.70
CA ASN B 212 18.98 -30.04 11.50
C ASN B 212 18.50 -31.38 12.05
N ASN B 213 19.34 -31.96 12.91
CA ASN B 213 19.02 -33.23 13.55
C ASN B 213 19.41 -33.10 15.02
N MET B 214 19.48 -34.24 15.69
CA MET B 214 19.81 -34.33 17.11
C MET B 214 21.11 -35.10 17.30
N ILE B 215 22.07 -34.84 16.43
CA ILE B 215 23.35 -35.54 16.49
C ILE B 215 24.22 -34.76 17.47
N ALA B 216 24.52 -35.38 18.61
CA ALA B 216 25.34 -34.69 19.58
C ALA B 216 26.81 -35.00 19.42
N GLU B 217 27.17 -36.13 18.81
CA GLU B 217 28.57 -36.53 18.71
C GLU B 217 28.89 -37.14 17.36
N ILE B 218 30.02 -36.76 16.81
CA ILE B 218 30.60 -37.43 15.65
C ILE B 218 31.57 -38.49 16.16
N GLN B 219 31.37 -39.74 15.77
CA GLN B 219 32.37 -40.75 16.08
C GLN B 219 33.50 -40.69 15.08
N GLU B 220 34.71 -41.04 15.54
CA GLU B 220 35.82 -41.04 14.61
C GLU B 220 35.63 -42.07 13.47
N ASP B 221 34.77 -43.13 13.57
CA ASP B 221 34.65 -44.01 12.42
C ASP B 221 33.81 -43.36 11.35
N ASP B 222 33.07 -42.32 11.72
CA ASP B 222 31.77 -42.10 11.06
C ASP B 222 31.91 -41.88 9.57
N PHE B 223 32.94 -41.15 9.17
CA PHE B 223 33.19 -40.79 7.77
C PHE B 223 34.42 -41.49 7.22
N ASN B 224 34.72 -42.67 7.76
CA ASN B 224 36.00 -43.33 7.53
C ASN B 224 36.19 -43.77 6.08
N ASN B 225 35.14 -44.28 5.45
CA ASN B 225 35.25 -44.88 4.12
C ASN B 225 34.80 -43.96 3.00
N LEU B 226 34.34 -42.74 3.31
CA LEU B 226 33.71 -41.90 2.29
C LEU B 226 34.74 -40.97 1.65
N ASN B 227 35.71 -41.60 0.97
CA ASN B 227 36.79 -40.91 0.26
C ASN B 227 36.35 -40.33 -1.08
N GLN B 228 35.09 -40.50 -1.45
CA GLN B 228 34.53 -39.78 -2.58
C GLN B 228 33.60 -38.66 -2.14
N LEU B 229 33.47 -38.44 -0.84
CA LEU B 229 32.57 -37.40 -0.37
C LEU B 229 33.05 -36.04 -0.87
N GLN B 230 32.10 -35.29 -1.43
CA GLN B 230 32.36 -33.94 -1.89
C GLN B 230 31.64 -32.88 -1.07
N ILE B 231 30.45 -33.18 -0.54
CA ILE B 231 29.65 -32.24 0.25
C ILE B 231 29.22 -32.91 1.54
N LEU B 232 29.49 -32.28 2.67
CA LEU B 232 29.07 -32.78 3.97
C LEU B 232 28.42 -31.63 4.74
N ASP B 233 27.15 -31.81 5.13
CA ASP B 233 26.40 -30.78 5.84
C ASP B 233 25.94 -31.35 7.18
N LEU B 234 26.54 -30.85 8.27
CA LEU B 234 26.21 -31.29 9.62
C LEU B 234 25.60 -30.17 10.43
N SER B 235 25.13 -29.12 9.75
CA SER B 235 24.65 -27.92 10.41
C SER B 235 23.43 -28.21 11.29
N GLY B 236 23.23 -27.34 12.27
CA GLY B 236 22.01 -27.45 13.06
C GLY B 236 21.97 -28.69 13.92
N ASN B 237 23.13 -29.20 14.33
CA ASN B 237 23.23 -30.19 15.38
C ASN B 237 23.92 -29.51 16.56
N CYS B 238 23.23 -29.43 17.68
CA CYS B 238 23.56 -28.47 18.74
C CYS B 238 23.44 -27.04 18.18
N PRO B 239 22.25 -26.62 17.80
CA PRO B 239 22.10 -25.30 17.18
C PRO B 239 22.36 -24.16 18.15
N ARG B 240 22.89 -23.07 17.61
CA ARG B 240 22.89 -21.78 18.32
C ARG B 240 21.49 -21.19 18.19
N CYS B 241 20.74 -21.18 19.28
CA CYS B 241 19.31 -20.87 19.26
C CYS B 241 18.97 -19.41 19.52
N TYR B 242 19.93 -18.52 19.71
CA TYR B 242 19.60 -17.14 20.03
C TYR B 242 18.81 -16.49 18.88
N ASN B 243 17.64 -15.95 19.19
CA ASN B 243 16.80 -15.31 18.18
C ASN B 243 16.48 -16.25 17.01
N ALA B 244 16.35 -17.53 17.26
CA ALA B 244 15.93 -18.43 16.20
C ALA B 244 14.45 -18.18 15.92
N PRO B 245 14.05 -18.06 14.66
CA PRO B 245 12.63 -17.84 14.35
C PRO B 245 11.86 -19.13 14.17
N PHE B 246 12.34 -20.19 14.81
CA PHE B 246 11.67 -21.48 14.85
C PHE B 246 11.91 -22.09 16.22
N PRO B 247 11.07 -23.01 16.67
CA PRO B 247 11.37 -23.73 17.92
C PRO B 247 12.76 -24.35 17.85
N CYS B 248 13.59 -24.05 18.84
CA CYS B 248 15.01 -24.40 18.78
C CYS B 248 15.45 -24.97 20.12
N THR B 249 16.00 -26.18 20.10
CA THR B 249 16.48 -26.84 21.31
C THR B 249 17.99 -27.04 21.29
N PRO B 250 18.73 -26.32 22.14
CA PRO B 250 20.19 -26.46 22.15
C PRO B 250 20.59 -27.75 22.84
N CYS B 251 21.81 -28.19 22.52
CA CYS B 251 22.39 -29.29 23.27
C CYS B 251 22.61 -28.87 24.71
N LYS B 252 22.37 -29.81 25.62
CA LYS B 252 22.58 -29.62 27.06
C LYS B 252 24.00 -29.17 27.37
N ASN B 253 24.14 -28.49 28.51
CA ASN B 253 25.43 -28.09 29.07
C ASN B 253 26.14 -27.08 28.18
N ASN B 254 25.37 -26.31 27.39
CA ASN B 254 25.86 -25.42 26.33
C ASN B 254 26.90 -26.11 25.47
N SER B 255 26.73 -27.37 25.23
CA SER B 255 27.73 -28.14 24.52
C SER B 255 27.65 -27.87 23.03
N PRO B 256 28.79 -27.87 22.35
CA PRO B 256 28.78 -27.88 20.89
C PRO B 256 28.61 -29.29 20.34
N LEU B 257 28.36 -29.37 19.03
CA LEU B 257 28.52 -30.63 18.33
C LEU B 257 29.97 -31.05 18.43
N GLN B 258 30.23 -32.21 19.01
CA GLN B 258 31.61 -32.63 19.24
C GLN B 258 32.06 -33.54 18.11
N ILE B 259 33.17 -33.15 17.48
CA ILE B 259 33.76 -33.77 16.30
C ILE B 259 35.22 -34.09 16.61
N PRO B 260 35.61 -35.37 16.71
CA PRO B 260 37.02 -35.68 16.96
C PRO B 260 37.90 -35.09 15.88
N VAL B 261 39.12 -34.73 16.27
CA VAL B 261 40.00 -33.95 15.40
C VAL B 261 40.37 -34.68 14.12
N ASN B 262 40.22 -36.00 14.09
CA ASN B 262 40.53 -36.80 12.91
C ASN B 262 39.29 -37.28 12.16
N ALA B 263 38.11 -36.74 12.48
CA ALA B 263 36.87 -37.26 11.90
C ALA B 263 36.82 -37.11 10.38
N PHE B 264 37.56 -36.15 9.81
CA PHE B 264 37.49 -35.82 8.38
C PHE B 264 38.70 -36.35 7.62
N ASP B 265 39.55 -37.16 8.25
CA ASP B 265 40.83 -37.55 7.66
C ASP B 265 40.66 -38.21 6.30
N ALA B 266 39.59 -38.97 6.11
CA ALA B 266 39.31 -39.70 4.87
C ALA B 266 38.71 -38.85 3.76
N LEU B 267 38.29 -37.62 4.04
CA LEU B 267 37.46 -36.87 3.08
C LEU B 267 38.34 -36.04 2.14
N THR B 268 39.19 -36.74 1.40
CA THR B 268 40.23 -36.07 0.62
C THR B 268 39.66 -35.28 -0.54
N GLU B 269 38.50 -35.70 -1.04
CA GLU B 269 37.85 -35.03 -2.16
C GLU B 269 36.79 -34.02 -1.71
N LEU B 270 36.68 -33.79 -0.41
CA LEU B 270 35.67 -32.90 0.15
C LEU B 270 35.87 -31.48 -0.36
N LYS B 271 34.86 -30.95 -1.05
CA LYS B 271 34.87 -29.57 -1.50
C LYS B 271 34.03 -28.62 -0.64
N VAL B 272 32.95 -29.10 -0.01
CA VAL B 272 32.03 -28.24 0.72
C VAL B 272 31.81 -28.83 2.11
N LEU B 273 32.03 -28.00 3.14
CA LEU B 273 31.81 -28.42 4.52
C LEU B 273 30.91 -27.37 5.19
N ARG B 274 29.71 -27.77 5.60
CA ARG B 274 28.78 -26.86 6.23
C ARG B 274 28.57 -27.26 7.69
N LEU B 275 29.03 -26.36 8.59
CA LEU B 275 28.89 -26.48 10.03
C LEU B 275 28.28 -25.20 10.58
N HIS B 276 27.10 -24.90 10.06
CA HIS B 276 26.32 -23.75 10.48
C HIS B 276 25.50 -24.12 11.71
N SER B 277 25.50 -23.25 12.71
CA SER B 277 24.68 -23.48 13.90
C SER B 277 24.97 -24.86 14.52
N ASN B 278 26.21 -25.02 14.96
CA ASN B 278 26.62 -26.17 15.76
C ASN B 278 27.18 -25.73 17.12
N SER B 279 27.00 -24.47 17.50
CA SER B 279 27.48 -23.96 18.78
C SER B 279 28.99 -24.18 18.98
N LEU B 280 29.75 -24.19 17.89
CA LEU B 280 31.20 -24.34 17.99
C LEU B 280 31.83 -23.17 18.72
N GLN B 281 32.75 -23.47 19.63
CA GLN B 281 33.58 -22.45 20.25
C GLN B 281 35.01 -22.45 19.74
N HIS B 282 35.44 -23.51 19.07
CA HIS B 282 36.79 -23.57 18.54
C HIS B 282 36.77 -24.33 17.23
N VAL B 283 37.69 -23.97 16.35
CA VAL B 283 37.88 -24.66 15.09
C VAL B 283 39.32 -25.21 15.06
N PRO B 284 39.49 -26.48 15.43
CA PRO B 284 40.84 -27.11 15.48
C PRO B 284 41.48 -27.20 14.11
N PRO B 285 42.71 -26.72 13.94
CA PRO B 285 43.37 -26.89 12.64
C PRO B 285 43.46 -28.33 12.19
N ARG B 286 43.54 -29.27 13.15
CA ARG B 286 43.73 -30.69 12.85
C ARG B 286 42.63 -31.25 11.96
N TRP B 287 41.41 -30.68 12.04
CA TRP B 287 40.31 -31.16 11.21
C TRP B 287 40.69 -31.23 9.74
N PHE B 288 41.48 -30.26 9.27
CA PHE B 288 41.69 -30.03 7.84
C PHE B 288 43.07 -30.45 7.37
N LYS B 289 43.70 -31.41 8.05
CA LYS B 289 45.07 -31.73 7.69
C LYS B 289 45.15 -32.55 6.40
N ASN B 290 44.15 -33.39 6.14
CA ASN B 290 44.15 -34.20 4.94
C ASN B 290 43.12 -33.75 3.92
N ILE B 291 42.48 -32.60 4.12
CA ILE B 291 41.65 -32.00 3.08
C ILE B 291 42.36 -30.74 2.66
N ASN B 292 42.84 -30.70 1.44
CA ASN B 292 43.47 -29.50 0.92
C ASN B 292 42.72 -29.00 -0.29
N ASN B 293 41.58 -29.62 -0.61
CA ASN B 293 40.75 -29.23 -1.73
C ASN B 293 39.46 -28.54 -1.31
N LEU B 294 39.25 -28.32 0.00
CA LEU B 294 38.02 -27.69 0.44
C LEU B 294 37.89 -26.29 -0.17
N GLN B 295 36.73 -26.06 -0.80
CA GLN B 295 36.41 -24.80 -1.50
C GLN B 295 35.47 -23.91 -0.72
N GLU B 296 34.47 -24.49 -0.06
CA GLU B 296 33.38 -23.76 0.57
C GLU B 296 33.22 -24.22 2.02
N LEU B 297 33.33 -23.27 2.96
CA LEU B 297 33.26 -23.57 4.38
C LEU B 297 32.31 -22.58 5.06
N ASP B 298 31.24 -23.11 5.65
CA ASP B 298 30.25 -22.32 6.38
C ASP B 298 30.38 -22.57 7.88
N LEU B 299 30.81 -21.52 8.62
CA LEU B 299 30.90 -21.54 10.07
C LEU B 299 30.03 -20.45 10.69
N SER B 300 28.91 -20.14 10.05
CA SER B 300 28.02 -19.12 10.57
C SER B 300 27.16 -19.67 11.71
N GLN B 301 26.74 -18.76 12.59
CA GLN B 301 25.88 -19.07 13.74
C GLN B 301 26.53 -20.06 14.70
N ASN B 302 27.77 -19.77 15.09
CA ASN B 302 28.36 -20.49 16.20
C ASN B 302 28.80 -19.48 17.24
N PHE B 303 29.77 -19.84 18.09
CA PHE B 303 30.30 -18.93 19.09
C PHE B 303 31.80 -18.75 18.85
N LEU B 304 32.16 -18.31 17.65
CA LEU B 304 33.54 -18.22 17.21
C LEU B 304 34.08 -16.81 17.21
N ALA B 305 33.48 -15.91 18.02
CA ALA B 305 33.92 -14.52 18.08
C ALA B 305 35.42 -14.40 18.38
N LYS B 306 35.87 -15.00 19.49
CA LYS B 306 37.30 -14.96 19.81
C LYS B 306 38.12 -15.75 18.79
N GLU B 307 37.62 -16.91 18.37
CA GLU B 307 38.34 -17.73 17.39
C GLU B 307 38.66 -16.95 16.13
N ILE B 308 37.83 -15.96 15.76
CA ILE B 308 38.11 -15.16 14.57
C ILE B 308 39.43 -14.40 14.71
N GLY B 309 39.80 -14.03 15.94
CA GLY B 309 41.05 -13.34 16.23
C GLY B 309 42.28 -14.23 16.30
N ASP B 310 42.09 -15.53 16.09
CA ASP B 310 43.13 -16.53 16.23
C ASP B 310 43.25 -17.32 14.93
N ALA B 311 42.37 -18.30 14.73
CA ALA B 311 42.08 -18.86 13.41
C ALA B 311 43.31 -19.53 12.78
N LYS B 312 44.04 -20.31 13.57
CA LYS B 312 45.20 -21.03 13.01
C LYS B 312 44.77 -21.94 11.88
N PHE B 313 43.54 -22.48 11.97
CA PHE B 313 43.09 -23.47 11.00
C PHE B 313 43.08 -22.93 9.58
N LEU B 314 43.03 -21.61 9.39
CA LEU B 314 43.01 -21.05 8.04
C LEU B 314 44.27 -21.41 7.28
N HIS B 315 45.39 -21.56 8.00
CA HIS B 315 46.65 -21.92 7.35
C HIS B 315 46.54 -23.23 6.61
N PHE B 316 45.57 -24.09 6.94
CA PHE B 316 45.41 -25.37 6.25
C PHE B 316 44.44 -25.31 5.09
N LEU B 317 44.05 -24.11 4.65
CA LEU B 317 42.96 -23.96 3.68
C LEU B 317 43.34 -23.08 2.50
N PRO B 318 44.46 -23.37 1.83
CA PRO B 318 44.90 -22.49 0.73
C PRO B 318 43.99 -22.48 -0.49
N ASN B 319 43.12 -23.49 -0.67
CA ASN B 319 42.29 -23.56 -1.86
C ASN B 319 40.89 -23.01 -1.67
N LEU B 320 40.57 -22.52 -0.47
CA LEU B 320 39.20 -22.16 -0.13
C LEU B 320 38.71 -20.96 -0.94
N ILE B 321 37.53 -21.11 -1.54
CA ILE B 321 36.90 -20.02 -2.29
C ILE B 321 35.92 -19.22 -1.43
N GLN B 322 35.04 -19.87 -0.64
CA GLN B 322 34.05 -19.18 0.19
C GLN B 322 34.27 -19.45 1.67
N LEU B 323 34.21 -18.40 2.48
CA LEU B 323 34.32 -18.49 3.93
C LEU B 323 33.24 -17.65 4.60
N ASP B 324 32.39 -18.29 5.40
CA ASP B 324 31.30 -17.62 6.11
C ASP B 324 31.48 -17.75 7.62
N LEU B 325 31.68 -16.60 8.27
CA LEU B 325 31.78 -16.54 9.72
C LEU B 325 30.67 -15.68 10.34
N SER B 326 29.54 -15.54 9.65
CA SER B 326 28.49 -14.62 10.08
C SER B 326 27.82 -15.09 11.36
N PHE B 327 27.42 -14.13 12.18
CA PHE B 327 26.62 -14.36 13.37
C PHE B 327 27.32 -15.31 14.37
N ASN B 328 28.54 -14.92 14.74
CA ASN B 328 29.28 -15.61 15.79
C ASN B 328 29.46 -14.74 17.04
N PHE B 329 28.80 -13.60 17.11
CA PHE B 329 28.99 -12.68 18.22
C PHE B 329 28.64 -13.32 19.56
N GLU B 330 29.30 -12.85 20.60
CA GLU B 330 28.92 -13.23 21.94
C GLU B 330 27.72 -12.42 22.39
N LEU B 331 26.81 -13.08 23.07
CA LEU B 331 25.57 -12.43 23.45
C LEU B 331 25.89 -11.23 24.34
N GLN B 332 25.19 -10.12 24.12
CA GLN B 332 25.26 -8.91 24.94
C GLN B 332 26.58 -8.16 24.83
N VAL B 333 27.41 -8.41 23.81
CA VAL B 333 28.71 -7.77 23.69
C VAL B 333 28.74 -6.88 22.44
N TYR B 334 29.12 -5.63 22.63
CA TYR B 334 29.28 -4.67 21.54
C TYR B 334 30.76 -4.31 21.44
N ARG B 335 31.53 -5.13 20.74
CA ARG B 335 32.96 -4.89 20.61
C ARG B 335 33.26 -3.53 20.00
N ALA B 336 34.43 -3.00 20.33
CA ALA B 336 34.86 -1.72 19.78
C ALA B 336 35.37 -1.84 18.35
N SER B 337 35.94 -2.99 18.00
CA SER B 337 36.62 -3.12 16.72
C SER B 337 36.56 -4.57 16.29
N MET B 338 37.05 -4.85 15.09
CA MET B 338 37.10 -6.22 14.58
C MET B 338 38.51 -6.76 14.61
N ASN B 339 38.70 -7.83 15.39
CA ASN B 339 40.00 -8.49 15.55
C ASN B 339 39.97 -9.65 14.55
N LEU B 340 40.53 -9.38 13.37
CA LEU B 340 40.78 -10.39 12.34
C LEU B 340 42.22 -10.88 12.45
N SER B 341 42.39 -12.17 12.69
CA SER B 341 43.73 -12.74 12.79
C SER B 341 44.47 -12.66 11.45
N GLN B 342 45.80 -12.45 11.54
CA GLN B 342 46.64 -12.40 10.34
C GLN B 342 46.53 -13.67 9.51
N ALA B 343 46.02 -14.76 10.12
CA ALA B 343 45.92 -16.02 9.39
C ALA B 343 45.09 -15.90 8.15
N PHE B 344 44.19 -14.91 8.09
CA PHE B 344 43.36 -14.71 6.91
C PHE B 344 44.21 -14.50 5.66
N SER B 345 45.39 -13.88 5.79
CA SER B 345 46.29 -13.65 4.66
C SER B 345 46.74 -14.93 3.97
N SER B 346 46.63 -16.08 4.63
CA SER B 346 47.03 -17.35 4.05
C SER B 346 45.93 -17.97 3.17
N LEU B 347 44.83 -17.26 2.98
CA LEU B 347 43.69 -17.77 2.21
C LEU B 347 43.82 -17.29 0.77
N LYS B 348 44.86 -17.80 0.09
CA LYS B 348 45.28 -17.26 -1.20
C LYS B 348 44.16 -17.32 -2.24
N SER B 349 43.28 -18.32 -2.15
CA SER B 349 42.28 -18.56 -3.18
C SER B 349 40.94 -17.84 -2.95
N LEU B 350 40.74 -17.22 -1.78
CA LEU B 350 39.42 -16.77 -1.32
C LEU B 350 38.78 -15.72 -2.24
N LYS B 351 37.60 -16.03 -2.77
CA LYS B 351 36.82 -15.04 -3.55
C LYS B 351 35.75 -14.34 -2.72
N ILE B 352 35.11 -15.03 -1.76
CA ILE B 352 33.95 -14.51 -1.06
C ILE B 352 34.17 -14.66 0.44
N LEU B 353 34.17 -13.54 1.16
CA LEU B 353 34.28 -13.52 2.61
C LEU B 353 33.02 -12.89 3.21
N ARG B 354 32.41 -13.56 4.18
CA ARG B 354 31.18 -13.09 4.81
C ARG B 354 31.31 -13.12 6.32
N ILE B 355 31.19 -11.94 6.96
CA ILE B 355 31.24 -11.86 8.41
C ILE B 355 30.17 -10.89 8.91
N ARG B 356 28.91 -11.26 8.70
CA ARG B 356 27.82 -10.53 9.32
C ARG B 356 27.76 -10.85 10.82
N GLY B 357 27.10 -9.96 11.56
CA GLY B 357 26.81 -10.26 12.95
C GLY B 357 28.05 -10.56 13.78
N TYR B 358 29.17 -9.90 13.48
CA TYR B 358 30.30 -9.85 14.39
C TYR B 358 30.02 -8.85 15.51
N VAL B 359 29.40 -7.73 15.14
CA VAL B 359 28.87 -6.73 16.07
C VAL B 359 30.00 -5.94 16.71
N PHE B 360 30.35 -4.79 16.11
CA PHE B 360 31.45 -3.99 16.59
C PHE B 360 31.23 -2.53 16.22
N LYS B 361 31.79 -1.62 17.03
CA LYS B 361 31.38 -0.22 16.96
C LYS B 361 32.01 0.52 15.78
N GLU B 362 33.26 0.20 15.45
CA GLU B 362 34.05 1.04 14.57
C GLU B 362 34.96 0.19 13.70
N LEU B 363 34.90 0.39 12.40
CA LEU B 363 35.75 -0.29 11.45
C LEU B 363 36.82 0.67 10.95
N LYS B 364 38.07 0.27 11.09
CA LYS B 364 39.18 1.08 10.63
C LYS B 364 40.08 0.22 9.76
N SER B 365 40.66 0.87 8.75
CA SER B 365 41.33 0.20 7.67
C SER B 365 42.33 -0.84 8.18
N PHE B 366 43.01 -0.54 9.29
CA PHE B 366 43.98 -1.47 9.85
C PHE B 366 43.38 -2.87 10.01
N GLN B 367 42.15 -2.94 10.54
CA GLN B 367 41.53 -4.22 10.84
C GLN B 367 41.39 -5.09 9.59
N LEU B 368 41.40 -4.50 8.40
CA LEU B 368 41.28 -5.25 7.15
C LEU B 368 42.61 -5.57 6.50
N SER B 369 43.74 -5.21 7.12
CA SER B 369 45.02 -5.45 6.47
C SER B 369 45.27 -6.91 6.15
N PRO B 370 44.88 -7.92 6.99
CA PRO B 370 45.08 -9.33 6.61
C PRO B 370 44.52 -9.70 5.25
N LEU B 371 43.64 -8.88 4.70
CA LEU B 371 43.00 -9.15 3.42
C LEU B 371 43.66 -8.42 2.25
N HIS B 372 44.62 -7.54 2.52
CA HIS B 372 45.15 -6.64 1.48
C HIS B 372 45.72 -7.41 0.31
N ASN B 373 46.33 -8.57 0.57
CA ASN B 373 47.04 -9.34 -0.46
C ASN B 373 46.33 -10.62 -0.87
N LEU B 374 45.05 -10.77 -0.54
CA LEU B 374 44.26 -11.84 -1.13
C LEU B 374 43.79 -11.36 -2.50
N GLN B 375 44.48 -11.81 -3.55
CA GLN B 375 44.30 -11.21 -4.87
C GLN B 375 42.99 -11.61 -5.53
N ASN B 376 42.37 -12.73 -5.12
CA ASN B 376 41.13 -13.17 -5.74
C ASN B 376 39.87 -12.68 -5.03
N LEU B 377 40.02 -11.92 -3.95
CA LEU B 377 38.86 -11.53 -3.16
C LEU B 377 37.89 -10.71 -3.99
N GLU B 378 36.65 -11.19 -4.09
CA GLU B 378 35.61 -10.52 -4.87
C GLU B 378 34.50 -9.91 -4.02
N VAL B 379 34.14 -10.53 -2.90
CA VAL B 379 33.03 -10.10 -2.07
C VAL B 379 33.47 -10.04 -0.63
N LEU B 380 33.27 -8.89 0.01
CA LEU B 380 33.50 -8.75 1.44
C LEU B 380 32.19 -8.25 2.06
N ASP B 381 31.59 -9.08 2.91
CA ASP B 381 30.27 -8.85 3.48
C ASP B 381 30.45 -8.63 4.97
N LEU B 382 30.33 -7.36 5.39
CA LEU B 382 30.37 -7.00 6.80
C LEU B 382 29.05 -6.39 7.25
N GLY B 383 27.93 -6.84 6.67
CA GLY B 383 26.62 -6.33 7.02
C GLY B 383 26.11 -6.83 8.37
N THR B 384 25.06 -6.17 8.84
CA THR B 384 24.46 -6.42 10.16
C THR B 384 25.53 -6.53 11.24
N ASN B 385 26.31 -5.46 11.38
CA ASN B 385 27.33 -5.40 12.41
C ASN B 385 27.18 -4.22 13.35
N PHE B 386 26.16 -3.38 13.16
CA PHE B 386 25.93 -2.20 13.99
C PHE B 386 27.17 -1.33 14.08
N ILE B 387 27.94 -1.28 12.97
CA ILE B 387 29.06 -0.36 12.85
C ILE B 387 28.55 1.07 12.87
N LYS B 388 29.16 1.91 13.72
CA LYS B 388 28.81 3.31 13.78
C LYS B 388 29.74 4.21 12.96
N ILE B 389 30.98 3.79 12.72
CA ILE B 389 32.04 4.66 12.20
C ILE B 389 32.89 3.87 11.20
N ALA B 390 33.04 4.42 10.00
CA ALA B 390 33.83 3.76 8.96
C ALA B 390 34.28 4.82 7.95
N ASN B 391 35.58 5.07 7.87
CA ASN B 391 36.09 5.93 6.80
C ASN B 391 36.00 5.17 5.50
N LEU B 392 35.06 5.55 4.64
CA LEU B 392 34.86 4.84 3.37
C LEU B 392 36.11 4.80 2.52
N SER B 393 37.06 5.70 2.76
CA SER B 393 38.25 5.72 1.91
C SER B 393 39.13 4.48 2.11
N MET B 394 38.97 3.76 3.22
CA MET B 394 39.77 2.55 3.42
C MET B 394 39.60 1.55 2.28
N PHE B 395 38.51 1.63 1.54
CA PHE B 395 38.27 0.71 0.44
C PHE B 395 38.97 1.15 -0.84
N LYS B 396 39.79 2.20 -0.78
CA LYS B 396 40.70 2.49 -1.90
C LYS B 396 41.66 1.32 -2.12
N GLN B 397 42.01 0.63 -1.04
CA GLN B 397 42.86 -0.56 -1.06
C GLN B 397 42.12 -1.82 -1.48
N PHE B 398 40.88 -1.70 -1.99
CA PHE B 398 40.10 -2.87 -2.37
C PHE B 398 39.42 -2.68 -3.72
N LYS B 399 40.00 -1.86 -4.60
CA LYS B 399 39.42 -1.63 -5.93
C LYS B 399 39.19 -2.93 -6.68
N ARG B 400 39.90 -4.01 -6.34
CA ARG B 400 39.75 -5.29 -7.02
C ARG B 400 38.41 -5.97 -6.75
N LEU B 401 37.75 -5.63 -5.65
CA LEU B 401 36.56 -6.36 -5.20
C LEU B 401 35.34 -6.03 -6.07
N LYS B 402 34.46 -7.01 -6.21
CA LYS B 402 33.24 -6.80 -6.97
C LYS B 402 32.15 -6.13 -6.12
N VAL B 403 32.05 -6.49 -4.84
CA VAL B 403 30.98 -6.03 -3.95
C VAL B 403 31.57 -5.83 -2.55
N ILE B 404 31.45 -4.63 -2.00
CA ILE B 404 31.74 -4.37 -0.59
C ILE B 404 30.42 -4.05 0.11
N ASP B 405 30.03 -4.90 1.05
CA ASP B 405 28.68 -4.92 1.60
C ASP B 405 28.70 -4.43 3.05
N LEU B 406 28.24 -3.21 3.27
CA LEU B 406 28.04 -2.71 4.62
C LEU B 406 26.56 -2.50 4.96
N SER B 407 25.69 -3.25 4.29
CA SER B 407 24.24 -3.11 4.47
C SER B 407 23.82 -3.36 5.92
N VAL B 408 22.89 -2.54 6.39
CA VAL B 408 22.28 -2.72 7.72
C VAL B 408 23.33 -2.48 8.78
N ASN B 409 23.79 -1.25 8.90
CA ASN B 409 24.70 -0.86 9.95
C ASN B 409 24.20 0.48 10.47
N LYS B 410 24.96 1.14 11.32
CA LYS B 410 24.56 2.41 11.89
C LYS B 410 25.50 3.52 11.46
N ILE B 411 26.10 3.38 10.26
CA ILE B 411 27.12 4.32 9.80
C ILE B 411 26.53 5.72 9.66
N SER B 412 27.28 6.73 10.10
CA SER B 412 26.87 8.13 10.03
C SER B 412 28.09 9.02 10.24
N PRO B 413 28.13 10.24 9.64
CA PRO B 413 29.29 11.11 9.90
C PRO B 413 29.19 11.91 11.20
N VAL B 437 22.93 -11.69 -4.47
CA VAL B 437 22.21 -11.16 -3.31
C VAL B 437 21.61 -12.30 -2.51
N LEU B 438 21.92 -12.34 -1.20
CA LEU B 438 21.35 -13.39 -0.36
C LEU B 438 19.92 -13.02 0.04
N GLU B 439 19.15 -14.05 0.39
CA GLU B 439 17.72 -13.89 0.65
C GLU B 439 17.46 -12.96 1.83
N GLN B 440 16.29 -12.34 1.81
CA GLN B 440 15.78 -11.54 2.94
C GLN B 440 16.00 -12.24 4.29
N LEU B 441 15.61 -13.50 4.37
CA LEU B 441 15.86 -14.34 5.52
C LEU B 441 16.85 -15.40 5.05
N TYR B 442 18.01 -15.44 5.67
CA TYR B 442 19.07 -16.29 5.14
C TYR B 442 19.79 -17.01 6.26
N TYR B 443 20.53 -16.26 7.08
CA TYR B 443 21.23 -16.86 8.21
C TYR B 443 20.30 -17.38 9.29
N PHE B 444 19.04 -16.95 9.29
CA PHE B 444 18.12 -17.37 10.34
C PHE B 444 16.98 -18.24 9.82
N ARG B 445 17.10 -18.79 8.62
CA ARG B 445 16.13 -19.75 8.15
C ARG B 445 16.38 -21.11 8.78
N TYR B 446 15.30 -21.87 8.97
CA TYR B 446 15.45 -23.23 9.46
C TYR B 446 16.14 -24.10 8.42
N ASP B 447 15.55 -24.21 7.23
CA ASP B 447 16.12 -24.99 6.14
C ASP B 447 16.11 -24.11 4.89
N LYS B 448 17.22 -23.44 4.66
CA LYS B 448 17.38 -22.56 3.53
C LYS B 448 17.31 -23.30 2.19
N TYR B 449 17.44 -24.64 2.20
CA TYR B 449 17.45 -25.44 0.97
C TYR B 449 16.19 -26.26 0.79
N ALA B 450 15.13 -25.94 1.52
CA ALA B 450 13.94 -26.77 1.41
C ALA B 450 13.26 -26.61 0.05
N ARG B 451 12.72 -27.71 -0.43
CA ARG B 451 12.02 -27.76 -1.69
C ARG B 451 10.57 -27.33 -1.50
N SER B 452 10.03 -26.61 -2.49
CA SER B 452 8.60 -26.28 -2.47
C SER B 452 7.81 -27.38 -3.18
N CYS B 453 6.48 -27.32 -3.08
CA CYS B 453 5.68 -28.31 -3.81
C CYS B 453 5.64 -28.05 -5.32
N ARG B 454 5.82 -26.81 -5.76
CA ARG B 454 5.47 -26.52 -7.15
C ARG B 454 6.53 -26.99 -8.18
N SER B 468 19.16 -5.14 -9.44
CA SER B 468 20.48 -5.18 -8.80
C SER B 468 21.59 -4.59 -9.68
N CYS B 469 22.58 -3.95 -9.05
CA CYS B 469 23.57 -3.13 -9.74
C CYS B 469 24.98 -3.76 -9.78
N TYR B 470 25.12 -5.01 -9.33
CA TYR B 470 26.42 -5.66 -9.33
C TYR B 470 27.02 -5.71 -10.73
N LYS B 471 26.19 -5.94 -11.75
CA LYS B 471 26.66 -6.06 -13.12
C LYS B 471 27.31 -4.79 -13.64
N TYR B 472 27.10 -3.65 -12.99
CA TYR B 472 27.72 -2.41 -13.45
C TYR B 472 29.18 -2.29 -13.03
N GLY B 473 29.68 -3.14 -12.14
CA GLY B 473 31.07 -3.08 -11.70
C GLY B 473 31.20 -3.01 -10.19
N GLN B 474 32.27 -2.37 -9.70
CA GLN B 474 32.52 -2.33 -8.26
C GLN B 474 31.39 -1.61 -7.53
N THR B 475 30.85 -2.29 -6.52
CA THR B 475 29.66 -1.85 -5.79
C THR B 475 30.00 -1.63 -4.32
N LEU B 476 29.60 -0.48 -3.80
CA LEU B 476 29.69 -0.19 -2.38
C LEU B 476 28.25 -0.10 -1.87
N ASP B 477 27.82 -1.10 -1.11
CA ASP B 477 26.46 -1.15 -0.58
C ASP B 477 26.44 -0.54 0.81
N LEU B 478 25.87 0.66 0.92
CA LEU B 478 25.62 1.32 2.20
C LEU B 478 24.13 1.40 2.53
N SER B 479 23.31 0.56 1.90
CA SER B 479 21.88 0.61 2.13
C SER B 479 21.56 0.33 3.60
N LYS B 480 20.43 0.89 4.05
CA LYS B 480 19.93 0.67 5.40
C LYS B 480 21.01 1.01 6.43
N ASN B 481 21.55 2.21 6.32
CA ASN B 481 22.44 2.74 7.35
C ASN B 481 21.80 4.03 7.89
N SER B 482 22.58 4.81 8.63
CA SER B 482 22.09 6.01 9.30
C SER B 482 22.75 7.29 8.78
N ILE B 483 23.05 7.35 7.47
CA ILE B 483 23.70 8.53 6.88
C ILE B 483 22.67 9.65 6.71
N PHE B 484 22.85 10.77 7.42
CA PHE B 484 21.91 11.88 7.27
C PHE B 484 22.47 13.03 6.43
N PHE B 485 23.77 13.11 6.20
CA PHE B 485 24.34 14.18 5.38
C PHE B 485 25.54 13.62 4.65
N ILE B 486 25.67 14.00 3.39
CA ILE B 486 26.82 13.57 2.58
C ILE B 486 27.56 14.80 2.08
N LYS B 487 28.87 14.66 1.96
CA LYS B 487 29.69 15.69 1.33
C LYS B 487 30.82 14.98 0.58
N SER B 488 31.40 15.71 -0.37
CA SER B 488 32.24 15.10 -1.40
C SER B 488 33.41 14.32 -0.82
N SER B 489 33.98 14.79 0.31
CA SER B 489 35.11 14.10 0.91
C SER B 489 34.75 12.73 1.46
N ASP B 490 33.48 12.48 1.75
CA ASP B 490 33.06 11.16 2.20
C ASP B 490 33.43 10.08 1.20
N PHE B 491 33.61 10.43 -0.09
CA PHE B 491 33.92 9.48 -1.15
C PHE B 491 35.32 9.67 -1.72
N GLN B 492 36.17 10.41 -1.01
CA GLN B 492 37.54 10.60 -1.48
C GLN B 492 38.22 9.26 -1.64
N HIS B 493 39.00 9.15 -2.73
CA HIS B 493 39.78 7.97 -3.10
C HIS B 493 38.93 6.79 -3.54
N LEU B 494 37.66 7.02 -3.89
CA LEU B 494 36.77 5.94 -4.35
C LEU B 494 36.24 6.19 -5.76
N SER B 495 37.02 6.90 -6.58
CA SER B 495 36.67 7.20 -7.96
C SER B 495 36.41 5.94 -8.78
N PHE B 496 36.96 4.80 -8.38
CA PHE B 496 36.79 3.59 -9.17
C PHE B 496 35.36 3.02 -9.13
N LEU B 497 34.49 3.53 -8.24
CA LEU B 497 33.19 2.90 -7.99
C LEU B 497 32.27 2.98 -9.21
N LYS B 498 31.57 1.87 -9.48
CA LYS B 498 30.59 1.84 -10.54
C LYS B 498 29.15 1.89 -10.05
N CYS B 499 28.87 1.36 -8.86
CA CYS B 499 27.54 1.39 -8.25
C CYS B 499 27.66 1.76 -6.78
N LEU B 500 26.92 2.79 -6.36
CA LEU B 500 26.84 3.21 -4.97
C LEU B 500 25.40 3.01 -4.51
N ASN B 501 25.20 2.27 -3.42
CA ASN B 501 23.87 2.03 -2.88
C ASN B 501 23.72 2.81 -1.58
N LEU B 502 22.95 3.89 -1.63
CA LEU B 502 22.61 4.64 -0.42
C LEU B 502 21.15 4.49 -0.03
N SER B 503 20.49 3.44 -0.51
CA SER B 503 19.07 3.26 -0.28
C SER B 503 18.76 3.15 1.21
N GLY B 504 17.68 3.80 1.62
CA GLY B 504 17.24 3.60 2.98
C GLY B 504 18.15 4.21 4.01
N ASN B 505 18.75 5.34 3.69
CA ASN B 505 19.44 6.08 4.72
C ASN B 505 18.52 7.18 5.23
N LEU B 506 19.08 8.23 5.80
CA LEU B 506 18.28 9.33 6.33
C LEU B 506 18.69 10.64 5.69
N ILE B 507 19.07 10.58 4.42
CA ILE B 507 19.64 11.73 3.74
C ILE B 507 18.50 12.71 3.45
N SER B 508 18.55 13.88 4.09
CA SER B 508 17.50 14.89 4.02
C SER B 508 18.12 16.23 3.65
N GLN B 509 18.51 16.37 2.40
CA GLN B 509 19.53 17.33 2.00
C GLN B 509 19.20 17.91 0.63
N THR B 510 19.62 19.16 0.41
CA THR B 510 19.38 19.85 -0.85
C THR B 510 20.63 19.74 -1.72
N LEU B 511 20.76 18.59 -2.39
CA LEU B 511 21.89 18.34 -3.31
C LEU B 511 21.99 19.38 -4.42
N ASN B 512 23.22 19.85 -4.68
CA ASN B 512 23.46 20.87 -5.71
C ASN B 512 24.51 20.45 -6.73
N GLY B 513 24.91 19.19 -6.73
CA GLY B 513 25.96 18.75 -7.63
C GLY B 513 27.35 18.71 -7.03
N SER B 514 27.52 19.12 -5.78
CA SER B 514 28.84 19.10 -5.15
C SER B 514 29.07 17.89 -4.26
N GLU B 515 28.11 16.98 -4.14
CA GLU B 515 28.19 16.01 -3.05
C GLU B 515 28.93 14.73 -3.42
N PHE B 516 28.96 14.36 -4.69
CA PHE B 516 29.51 13.08 -5.14
C PHE B 516 30.75 13.28 -6.00
N GLN B 517 31.56 14.30 -5.69
CA GLN B 517 32.49 14.75 -6.71
C GLN B 517 33.61 13.74 -6.98
N PRO B 518 34.07 12.94 -6.01
CA PRO B 518 35.09 11.92 -6.33
C PRO B 518 34.61 10.78 -7.19
N LEU B 519 33.31 10.57 -7.29
CA LEU B 519 32.78 9.33 -7.87
C LEU B 519 32.69 9.45 -9.39
N ALA B 520 33.86 9.65 -10.01
CA ALA B 520 33.91 10.06 -11.40
C ALA B 520 33.50 8.97 -12.39
N GLU B 521 33.47 7.71 -11.98
CA GLU B 521 33.07 6.65 -12.92
C GLU B 521 31.73 6.01 -12.59
N LEU B 522 31.02 6.50 -11.57
CA LEU B 522 29.80 5.85 -11.08
C LEU B 522 28.76 5.76 -12.18
N ARG B 523 28.24 4.54 -12.42
CA ARG B 523 27.23 4.32 -13.44
C ARG B 523 25.84 4.12 -12.84
N TYR B 524 25.79 3.80 -11.57
CA TYR B 524 24.54 3.44 -10.92
C TYR B 524 24.53 4.03 -9.52
N LEU B 525 23.59 4.93 -9.27
CA LEU B 525 23.36 5.44 -7.92
C LEU B 525 21.96 5.05 -7.48
N ASP B 526 21.87 4.26 -6.41
CA ASP B 526 20.61 3.96 -5.74
C ASP B 526 20.45 4.93 -4.57
N PHE B 527 19.53 5.87 -4.71
CA PHE B 527 19.24 6.86 -3.69
C PHE B 527 17.84 6.70 -3.10
N SER B 528 17.20 5.55 -3.33
CA SER B 528 15.82 5.36 -2.94
C SER B 528 15.68 5.31 -1.42
N ASN B 529 14.45 5.53 -0.93
CA ASN B 529 14.14 5.53 0.51
C ASN B 529 15.03 6.50 1.29
N ASN B 530 15.08 7.74 0.83
CA ASN B 530 15.76 8.80 1.57
C ASN B 530 14.75 9.94 1.62
N ARG B 531 15.25 11.17 1.85
CA ARG B 531 14.41 12.37 1.82
C ARG B 531 15.06 13.43 0.94
N LEU B 532 15.27 13.09 -0.33
CA LEU B 532 15.86 14.06 -1.27
C LEU B 532 15.04 15.35 -1.33
N ASP B 533 15.73 16.49 -1.38
CA ASP B 533 15.07 17.77 -1.58
C ASP B 533 15.54 18.35 -2.91
N LEU B 534 14.75 18.15 -3.95
CA LEU B 534 15.08 18.65 -5.28
C LEU B 534 14.87 20.15 -5.43
N LEU B 535 15.50 20.95 -4.57
CA LEU B 535 15.49 22.40 -4.75
C LEU B 535 16.32 22.83 -5.96
N HIS B 536 17.43 22.15 -6.24
CA HIS B 536 18.38 22.60 -7.25
C HIS B 536 18.33 21.70 -8.46
N SER B 537 18.24 22.30 -9.65
CA SER B 537 18.27 21.50 -10.88
C SER B 537 19.67 21.01 -11.20
N THR B 538 20.66 21.33 -10.38
CA THR B 538 22.01 20.84 -10.55
C THR B 538 22.31 19.62 -9.69
N ALA B 539 21.29 19.00 -9.08
CA ALA B 539 21.53 17.81 -8.29
C ALA B 539 22.03 16.67 -9.19
N PHE B 540 23.02 15.93 -8.70
CA PHE B 540 23.59 14.75 -9.37
C PHE B 540 24.44 15.09 -10.60
N GLU B 541 24.48 16.35 -11.02
CA GLU B 541 25.14 16.66 -12.28
C GLU B 541 26.63 16.36 -12.27
N GLU B 542 27.25 16.21 -11.09
CA GLU B 542 28.66 15.84 -11.03
C GLU B 542 28.88 14.37 -11.38
N LEU B 543 27.84 13.54 -11.36
CA LEU B 543 28.01 12.13 -11.69
C LEU B 543 27.94 12.01 -13.21
N ARG B 544 29.04 12.44 -13.86
CA ARG B 544 29.05 12.60 -15.31
C ARG B 544 28.88 11.27 -16.02
N LYS B 545 29.09 10.16 -15.35
CA LYS B 545 28.94 8.86 -15.98
C LYS B 545 27.69 8.13 -15.56
N LEU B 546 26.83 8.76 -14.76
CA LEU B 546 25.62 8.14 -14.27
C LEU B 546 24.72 7.67 -15.40
N GLU B 547 24.41 6.36 -15.43
CA GLU B 547 23.49 5.78 -16.39
C GLU B 547 22.14 5.41 -15.78
N VAL B 548 22.11 5.04 -14.51
CA VAL B 548 20.88 4.64 -13.81
C VAL B 548 20.79 5.42 -12.50
N LEU B 549 19.64 6.07 -12.29
CA LEU B 549 19.36 6.89 -11.11
C LEU B 549 18.02 6.49 -10.49
N ASP B 550 18.05 5.98 -9.26
CA ASP B 550 16.85 5.65 -8.51
C ASP B 550 16.67 6.67 -7.40
N ILE B 551 15.67 7.54 -7.57
CA ILE B 551 15.30 8.44 -6.48
C ILE B 551 13.88 8.14 -6.01
N SER B 552 13.47 6.87 -6.12
CA SER B 552 12.15 6.46 -5.66
C SER B 552 12.02 6.52 -4.14
N SER B 553 10.78 6.68 -3.69
CA SER B 553 10.47 6.69 -2.25
C SER B 553 11.27 7.76 -1.54
N ASN B 554 11.30 8.94 -2.14
CA ASN B 554 11.87 10.14 -1.57
C ASN B 554 10.71 11.15 -1.47
N SER B 555 9.58 10.69 -0.93
CA SER B 555 8.34 11.47 -1.00
C SER B 555 8.32 12.64 -0.04
N HIS B 556 9.13 12.61 1.02
CA HIS B 556 8.99 13.51 2.14
C HIS B 556 8.75 14.96 1.73
N TYR B 557 9.71 15.56 1.02
CA TYR B 557 9.58 16.96 0.69
C TYR B 557 8.52 17.21 -0.37
N PHE B 558 8.04 16.16 -1.05
CA PHE B 558 6.97 16.34 -2.03
C PHE B 558 5.58 16.39 -1.41
N GLN B 559 5.46 16.05 -0.13
CA GLN B 559 4.17 15.97 0.53
C GLN B 559 3.77 17.28 1.19
N SER B 560 4.65 18.26 1.23
CA SER B 560 4.38 19.51 1.92
C SER B 560 4.13 20.59 0.88
N GLU B 561 3.03 21.32 1.04
CA GLU B 561 2.62 22.29 0.03
C GLU B 561 3.58 23.49 0.04
N GLY B 562 3.75 24.07 -1.15
CA GLY B 562 4.48 25.32 -1.31
C GLY B 562 5.98 25.22 -1.41
N ILE B 563 6.53 24.02 -1.53
CA ILE B 563 7.97 23.78 -1.56
C ILE B 563 8.42 23.63 -3.01
N THR B 564 9.56 24.25 -3.36
CA THR B 564 10.06 24.26 -4.73
C THR B 564 10.67 22.89 -5.07
N HIS B 565 10.33 22.37 -6.24
CA HIS B 565 10.89 21.12 -6.76
C HIS B 565 11.28 21.32 -8.20
N MET B 566 12.53 20.98 -8.53
CA MET B 566 13.05 21.15 -9.88
C MET B 566 13.09 19.78 -10.56
N LEU B 567 12.03 19.45 -11.27
CA LEU B 567 12.04 18.17 -11.98
C LEU B 567 12.83 18.22 -13.26
N ASN B 568 13.38 19.37 -13.64
CA ASN B 568 14.21 19.45 -14.84
C ASN B 568 15.68 19.22 -14.55
N PHE B 569 16.01 18.63 -13.41
CA PHE B 569 17.40 18.33 -13.11
C PHE B 569 18.04 17.37 -14.11
N THR B 570 17.26 16.77 -15.01
CA THR B 570 17.78 15.73 -15.90
C THR B 570 18.64 16.28 -17.02
N LYS B 571 18.49 17.56 -17.35
CA LYS B 571 19.19 18.11 -18.51
C LYS B 571 20.70 17.90 -18.43
N ASN B 572 21.27 17.96 -17.22
CA ASN B 572 22.73 17.91 -17.04
C ASN B 572 23.31 16.51 -17.12
N LEU B 573 22.49 15.46 -16.97
CA LEU B 573 23.01 14.10 -16.93
C LEU B 573 22.99 13.54 -18.36
N LYS B 574 24.15 13.62 -19.00
CA LYS B 574 24.23 13.45 -20.44
C LYS B 574 24.24 11.99 -20.89
N VAL B 575 24.50 11.05 -19.98
CA VAL B 575 24.47 9.63 -20.33
C VAL B 575 23.45 8.84 -19.52
N LEU B 576 22.54 9.51 -18.81
CA LEU B 576 21.52 8.84 -18.01
C LEU B 576 20.58 8.04 -18.90
N GLN B 577 20.49 6.73 -18.65
CA GLN B 577 19.64 5.81 -19.41
C GLN B 577 18.28 5.56 -18.75
N LYS B 578 18.28 5.34 -17.44
CA LYS B 578 17.12 4.88 -16.71
C LYS B 578 16.98 5.75 -15.47
N LEU B 579 15.80 6.31 -15.28
CA LEU B 579 15.49 7.14 -14.12
C LEU B 579 14.25 6.59 -13.42
N MET B 580 14.38 6.30 -12.14
CA MET B 580 13.26 5.81 -11.34
C MET B 580 12.89 6.86 -10.30
N MET B 581 11.66 7.35 -10.38
CA MET B 581 11.12 8.24 -9.34
C MET B 581 9.72 7.77 -8.91
N ASN B 582 9.62 6.48 -8.63
CA ASN B 582 8.38 5.91 -8.17
C ASN B 582 8.07 6.36 -6.74
N ASP B 583 6.77 6.44 -6.44
CA ASP B 583 6.26 6.54 -5.07
C ASP B 583 6.78 7.79 -4.36
N ASN B 584 6.82 8.91 -5.07
CA ASN B 584 7.28 10.16 -4.48
C ASN B 584 6.15 11.11 -4.14
N ASP B 585 4.91 10.75 -4.46
CA ASP B 585 3.75 11.56 -4.13
C ASP B 585 3.81 12.91 -4.83
N ILE B 586 4.47 12.95 -5.99
CA ILE B 586 4.69 14.22 -6.67
C ILE B 586 3.37 14.77 -7.19
N SER B 587 2.99 15.94 -6.70
CA SER B 587 1.78 16.58 -7.19
C SER B 587 2.04 18.00 -7.67
N SER B 588 3.28 18.45 -7.69
CA SER B 588 3.60 19.82 -8.03
C SER B 588 5.03 19.86 -8.52
N SER B 589 5.31 20.80 -9.41
CA SER B 589 6.65 20.95 -9.94
C SER B 589 6.83 22.41 -10.33
N THR B 590 7.93 23.01 -9.89
CA THR B 590 8.25 24.37 -10.29
C THR B 590 8.61 24.44 -11.78
N SER B 591 9.38 23.48 -12.27
CA SER B 591 9.63 23.42 -13.71
C SER B 591 8.49 22.70 -14.41
N ARG B 592 8.25 23.07 -15.66
CA ARG B 592 7.13 22.55 -16.44
C ARG B 592 7.53 21.44 -17.40
N THR B 593 8.84 21.25 -17.65
CA THR B 593 9.30 20.19 -18.53
C THR B 593 10.48 19.46 -17.91
N MET B 594 10.64 18.19 -18.29
CA MET B 594 11.86 17.44 -18.04
C MET B 594 12.59 17.24 -19.37
N GLU B 595 13.89 17.49 -19.36
CA GLU B 595 14.69 17.44 -20.58
C GLU B 595 15.77 16.39 -20.44
N SER B 596 15.89 15.54 -21.45
CA SER B 596 17.02 14.65 -21.55
C SER B 596 17.17 14.24 -23.00
N GLU B 597 18.41 14.19 -23.45
CA GLU B 597 18.75 13.68 -24.76
C GLU B 597 19.10 12.20 -24.72
N SER B 598 19.31 11.62 -23.53
CA SER B 598 19.74 10.24 -23.40
C SER B 598 18.69 9.32 -22.80
N LEU B 599 17.82 9.84 -21.93
CA LEU B 599 16.97 8.98 -21.11
C LEU B 599 16.05 8.11 -21.96
N ARG B 600 16.10 6.80 -21.72
CA ARG B 600 15.28 5.85 -22.46
C ARG B 600 14.16 5.25 -21.60
N THR B 601 14.33 5.23 -20.29
CA THR B 601 13.34 4.65 -19.41
C THR B 601 13.05 5.60 -18.26
N LEU B 602 11.77 5.91 -18.07
CA LEU B 602 11.32 6.71 -16.94
C LEU B 602 10.22 5.97 -16.19
N GLU B 603 10.49 5.65 -14.93
CA GLU B 603 9.47 5.10 -14.02
C GLU B 603 8.96 6.21 -13.10
N PHE B 604 7.68 6.53 -13.24
CA PHE B 604 6.99 7.63 -12.58
C PHE B 604 5.76 7.12 -11.84
N ARG B 605 5.82 5.90 -11.34
CA ARG B 605 4.69 5.25 -10.68
C ARG B 605 4.44 5.84 -9.30
N GLY B 606 3.19 5.82 -8.85
CA GLY B 606 2.92 6.23 -7.48
C GLY B 606 3.09 7.71 -7.21
N ASN B 607 2.59 8.55 -8.10
CA ASN B 607 2.71 10.01 -8.00
C ASN B 607 1.35 10.65 -8.24
N HIS B 608 1.28 11.97 -8.39
CA HIS B 608 -0.05 12.53 -8.60
C HIS B 608 -0.14 13.31 -9.89
N LEU B 609 0.10 12.65 -11.03
CA LEU B 609 -0.16 13.30 -12.30
C LEU B 609 -1.63 13.70 -12.40
N ASP B 610 -2.50 13.10 -11.58
CA ASP B 610 -3.88 13.55 -11.61
C ASP B 610 -4.00 15.01 -11.15
N VAL B 611 -3.14 15.42 -10.21
CA VAL B 611 -3.15 16.81 -9.78
C VAL B 611 -2.43 17.70 -10.80
N LEU B 612 -1.23 17.29 -11.24
CA LEU B 612 -0.49 18.07 -12.21
C LEU B 612 -1.29 18.31 -13.48
N TRP B 613 -2.14 17.33 -13.88
CA TRP B 613 -2.94 17.42 -15.09
C TRP B 613 -4.42 17.68 -14.80
N ARG B 614 -4.74 18.29 -13.66
CA ARG B 614 -6.12 18.68 -13.38
C ARG B 614 -6.72 19.39 -14.58
N ASP B 615 -7.91 18.95 -14.97
CA ASP B 615 -8.61 19.57 -16.09
C ASP B 615 -8.66 21.08 -15.86
N GLY B 616 -8.24 21.85 -16.87
CA GLY B 616 -8.15 23.29 -16.79
C GLY B 616 -6.73 23.82 -16.66
N ASP B 617 -5.80 23.02 -16.14
CA ASP B 617 -4.40 23.42 -15.99
C ASP B 617 -3.58 22.72 -17.07
N ASN B 618 -3.07 23.50 -18.02
CA ASN B 618 -2.34 22.98 -19.16
C ASN B 618 -0.84 23.01 -18.96
N ARG B 619 -0.37 23.49 -17.81
CA ARG B 619 1.04 23.82 -17.68
C ARG B 619 1.94 22.59 -17.79
N TYR B 620 1.48 21.40 -17.36
CA TYR B 620 2.36 20.26 -17.29
C TYR B 620 2.09 19.21 -18.37
N LEU B 621 1.34 19.57 -19.41
CA LEU B 621 0.96 18.60 -20.44
C LEU B 621 2.11 18.23 -21.37
N GLN B 622 3.26 18.89 -21.26
CA GLN B 622 4.47 18.50 -21.98
C GLN B 622 5.59 18.23 -20.97
N LEU B 623 5.23 17.67 -19.83
CA LEU B 623 6.24 17.40 -18.82
C LEU B 623 7.31 16.45 -19.34
N PHE B 624 6.93 15.47 -20.15
CA PHE B 624 7.82 14.43 -20.65
C PHE B 624 8.18 14.61 -22.12
N LYS B 625 7.63 15.63 -22.81
CA LYS B 625 7.78 15.72 -24.26
C LYS B 625 9.25 15.85 -24.71
N ASN B 626 10.09 16.49 -23.91
CA ASN B 626 11.47 16.70 -24.30
C ASN B 626 12.41 15.65 -23.75
N LEU B 627 11.88 14.52 -23.31
CA LEU B 627 12.68 13.33 -23.08
C LEU B 627 12.73 12.62 -24.43
N LEU B 628 13.58 13.14 -25.33
CA LEU B 628 13.43 12.84 -26.75
C LEU B 628 13.76 11.40 -27.11
N LYS B 629 14.57 10.72 -26.30
CA LYS B 629 14.91 9.34 -26.59
C LYS B 629 14.13 8.34 -25.74
N LEU B 630 13.13 8.81 -24.99
CA LEU B 630 12.44 7.96 -24.04
C LEU B 630 11.61 6.91 -24.77
N GLU B 631 11.84 5.65 -24.43
CA GLU B 631 11.06 4.55 -25.00
C GLU B 631 10.07 3.93 -24.03
N GLU B 632 10.33 4.01 -22.73
CA GLU B 632 9.52 3.32 -21.73
C GLU B 632 9.07 4.32 -20.69
N LEU B 633 7.76 4.42 -20.51
CA LEU B 633 7.18 5.35 -19.54
C LEU B 633 6.14 4.60 -18.71
N ASP B 634 6.43 4.47 -17.42
CA ASP B 634 5.53 3.87 -16.45
C ASP B 634 4.82 4.99 -15.69
N ILE B 635 3.52 5.20 -15.97
CA ILE B 635 2.77 6.16 -15.17
C ILE B 635 1.53 5.49 -14.56
N SER B 636 1.70 4.23 -14.16
CA SER B 636 0.68 3.55 -13.38
C SER B 636 0.57 4.18 -11.99
N LYS B 637 -0.55 3.89 -11.31
CA LYS B 637 -0.76 4.29 -9.92
C LYS B 637 -0.58 5.79 -9.76
N ASN B 638 -1.26 6.56 -10.61
CA ASN B 638 -1.20 8.01 -10.57
C ASN B 638 -2.59 8.63 -10.43
N SER B 639 -3.59 7.83 -10.04
CA SER B 639 -4.98 8.27 -9.85
C SER B 639 -5.54 8.94 -11.10
N LEU B 640 -5.06 8.51 -12.27
CA LEU B 640 -5.56 9.08 -13.51
C LEU B 640 -6.91 8.41 -13.81
N SER B 641 -7.98 9.04 -13.33
CA SER B 641 -9.32 8.54 -13.59
C SER B 641 -9.79 8.92 -14.98
N PHE B 642 -9.19 9.96 -15.55
CA PHE B 642 -9.33 10.29 -16.96
C PHE B 642 -8.00 10.85 -17.44
N LEU B 643 -7.84 10.91 -18.76
CA LEU B 643 -6.67 11.57 -19.30
C LEU B 643 -7.09 12.85 -20.00
N PRO B 644 -6.67 14.01 -19.52
CA PRO B 644 -6.96 15.26 -20.25
C PRO B 644 -6.42 15.16 -21.67
N SER B 645 -7.21 15.68 -22.61
CA SER B 645 -6.72 15.74 -23.98
C SER B 645 -5.48 16.62 -24.02
N GLY B 646 -4.49 16.19 -24.79
CA GLY B 646 -3.20 16.84 -24.83
C GLY B 646 -2.15 16.04 -24.10
N VAL B 647 -2.56 15.12 -23.24
CA VAL B 647 -1.61 14.22 -22.60
C VAL B 647 -0.88 13.42 -23.67
N PHE B 648 -1.62 12.92 -24.66
CA PHE B 648 -1.02 12.06 -25.67
C PHE B 648 -0.15 12.88 -26.63
N ASP B 649 -0.65 14.03 -27.08
CA ASP B 649 0.18 14.93 -27.88
C ASP B 649 1.45 15.31 -27.15
N GLY B 650 1.38 15.45 -25.81
CA GLY B 650 2.55 15.75 -25.02
C GLY B 650 3.57 14.64 -24.88
N MET B 651 3.31 13.43 -25.41
CA MET B 651 4.25 12.34 -25.16
C MET B 651 5.47 12.47 -26.09
N PRO B 652 6.66 12.13 -25.60
CA PRO B 652 7.85 12.18 -26.46
C PRO B 652 7.68 11.28 -27.66
N PRO B 653 8.37 11.56 -28.77
CA PRO B 653 8.03 10.92 -30.06
C PRO B 653 8.38 9.45 -30.16
N ASN B 654 9.28 8.93 -29.35
CA ASN B 654 9.76 7.56 -29.55
C ASN B 654 9.19 6.58 -28.53
N LEU B 655 8.14 6.97 -27.82
CA LEU B 655 7.52 6.12 -26.80
C LEU B 655 7.10 4.76 -27.33
N LYS B 656 7.62 3.68 -26.74
CA LYS B 656 7.29 2.34 -27.22
C LYS B 656 6.35 1.56 -26.29
N ASN B 657 6.64 1.64 -24.98
CA ASN B 657 6.05 0.92 -23.84
C ASN B 657 5.39 1.92 -22.90
N LEU B 658 4.07 1.96 -22.85
CA LEU B 658 3.36 2.87 -21.93
C LEU B 658 2.46 2.10 -20.96
N SER B 659 2.68 2.28 -19.65
CA SER B 659 1.80 1.70 -18.63
C SER B 659 0.94 2.79 -18.00
N LEU B 660 -0.38 2.58 -18.08
CA LEU B 660 -1.40 3.36 -17.38
C LEU B 660 -2.16 2.50 -16.38
N ALA B 661 -1.52 1.44 -15.90
CA ALA B 661 -2.19 0.48 -15.02
C ALA B 661 -2.55 1.11 -13.67
N LYS B 662 -3.57 0.57 -13.04
CA LYS B 662 -3.88 0.88 -11.63
C LYS B 662 -4.12 2.37 -11.45
N ASN B 663 -4.91 2.94 -12.36
CA ASN B 663 -5.20 4.35 -12.30
C ASN B 663 -6.65 4.67 -12.02
N GLY B 664 -7.53 3.67 -11.95
CA GLY B 664 -8.95 3.93 -11.90
C GLY B 664 -9.50 4.60 -13.13
N LEU B 665 -8.86 4.41 -14.28
CA LEU B 665 -9.33 4.98 -15.54
C LEU B 665 -10.74 4.52 -15.84
N LYS B 666 -11.68 5.46 -15.93
CA LYS B 666 -13.06 5.16 -16.27
C LYS B 666 -13.36 5.36 -17.75
N SER B 667 -12.53 6.11 -18.46
CA SER B 667 -12.79 6.38 -19.86
C SER B 667 -11.45 6.60 -20.54
N PHE B 668 -11.44 6.39 -21.85
CA PHE B 668 -10.19 6.42 -22.61
C PHE B 668 -10.57 6.73 -24.04
N ILE B 669 -10.03 7.83 -24.59
CA ILE B 669 -10.27 8.18 -26.00
C ILE B 669 -9.24 7.44 -26.85
N TRP B 670 -9.65 6.27 -27.35
CA TRP B 670 -8.74 5.41 -28.08
C TRP B 670 -8.13 6.09 -29.30
N GLU B 671 -8.88 7.02 -29.92
CA GLU B 671 -8.43 7.69 -31.14
C GLU B 671 -7.16 8.49 -30.91
N LYS B 672 -6.99 9.06 -29.72
CA LYS B 672 -5.79 9.83 -29.42
C LYS B 672 -4.55 8.97 -29.42
N LEU B 673 -4.70 7.65 -29.52
CA LEU B 673 -3.53 6.79 -29.67
C LEU B 673 -2.82 7.03 -31.00
N ARG B 674 -3.48 7.70 -31.95
CA ARG B 674 -2.83 8.04 -33.21
C ARG B 674 -1.58 8.91 -33.01
N TYR B 675 -1.54 9.74 -31.96
CA TYR B 675 -0.34 10.55 -31.69
C TYR B 675 0.87 9.72 -31.32
N LEU B 676 0.65 8.49 -30.86
CA LEU B 676 1.73 7.68 -30.29
C LEU B 676 2.20 6.73 -31.40
N LYS B 677 3.01 7.28 -32.31
CA LYS B 677 3.29 6.56 -33.55
C LYS B 677 4.36 5.48 -33.42
N ASN B 678 5.05 5.39 -32.28
CA ASN B 678 5.97 4.27 -32.05
C ASN B 678 5.48 3.32 -30.97
N LEU B 679 4.24 3.48 -30.51
CA LEU B 679 3.70 2.67 -29.42
C LEU B 679 3.65 1.19 -29.78
N GLU B 680 4.33 0.36 -28.99
CA GLU B 680 4.29 -1.09 -29.15
C GLU B 680 3.57 -1.82 -28.03
N THR B 681 3.67 -1.34 -26.79
CA THR B 681 3.05 -1.99 -25.64
C THR B 681 2.17 -0.99 -24.90
N LEU B 682 0.89 -1.32 -24.76
CA LEU B 682 -0.07 -0.51 -24.02
C LEU B 682 -0.60 -1.33 -22.86
N ASP B 683 -0.26 -0.91 -21.64
CA ASP B 683 -0.71 -1.58 -20.42
C ASP B 683 -1.82 -0.75 -19.79
N LEU B 684 -3.05 -1.26 -19.85
CA LEU B 684 -4.21 -0.61 -19.22
C LEU B 684 -4.83 -1.49 -18.14
N SER B 685 -4.05 -2.42 -17.59
CA SER B 685 -4.59 -3.39 -16.66
C SER B 685 -5.02 -2.74 -15.34
N HIS B 686 -6.03 -3.34 -14.69
CA HIS B 686 -6.53 -2.87 -13.39
C HIS B 686 -7.03 -1.42 -13.47
N ASN B 687 -8.02 -1.21 -14.33
CA ASN B 687 -8.70 0.07 -14.43
C ASN B 687 -10.19 -0.21 -14.44
N GLN B 688 -11.00 0.76 -14.84
CA GLN B 688 -12.43 0.59 -14.90
C GLN B 688 -12.98 0.87 -16.29
N LEU B 689 -12.25 0.47 -17.32
CA LEU B 689 -12.73 0.68 -18.67
C LEU B 689 -13.87 -0.29 -18.94
N THR B 690 -14.87 0.16 -19.71
CA THR B 690 -15.98 -0.69 -20.08
C THR B 690 -16.06 -0.98 -21.58
N THR B 691 -15.24 -0.33 -22.41
CA THR B 691 -15.30 -0.50 -23.86
C THR B 691 -13.91 -0.52 -24.47
N VAL B 692 -13.82 -1.11 -25.67
CA VAL B 692 -12.60 -1.14 -26.50
C VAL B 692 -12.86 -0.27 -27.74
N PRO B 693 -11.84 0.07 -28.52
CA PRO B 693 -12.10 0.89 -29.72
C PRO B 693 -12.92 0.15 -30.76
N GLU B 694 -13.74 0.91 -31.49
CA GLU B 694 -14.53 0.34 -32.60
C GLU B 694 -13.63 -0.28 -33.66
N ARG B 695 -12.44 0.31 -33.88
CA ARG B 695 -11.45 -0.22 -34.82
C ARG B 695 -10.06 0.00 -34.23
N LEU B 696 -9.46 -1.05 -33.66
CA LEU B 696 -8.13 -0.88 -33.09
C LEU B 696 -7.11 -0.46 -34.15
N SER B 697 -7.32 -0.89 -35.40
CA SER B 697 -6.40 -0.51 -36.47
C SER B 697 -6.44 0.99 -36.74
N ASN B 698 -7.60 1.62 -36.56
CA ASN B 698 -7.79 3.06 -36.71
C ASN B 698 -7.24 3.85 -35.53
N CYS B 699 -6.72 3.17 -34.51
CA CYS B 699 -6.18 3.82 -33.33
C CYS B 699 -4.66 3.77 -33.25
N SER B 700 -4.07 2.67 -33.69
CA SER B 700 -2.62 2.53 -33.64
C SER B 700 -2.26 1.40 -34.59
N ARG B 701 -1.42 1.70 -35.59
CA ARG B 701 -0.99 0.66 -36.51
C ARG B 701 0.31 0.02 -36.08
N SER B 702 0.87 0.46 -34.96
CA SER B 702 2.10 -0.11 -34.42
C SER B 702 1.86 -1.03 -33.25
N LEU B 703 0.70 -0.91 -32.61
CA LEU B 703 0.49 -1.55 -31.33
C LEU B 703 0.61 -3.08 -31.46
N LYS B 704 1.48 -3.67 -30.64
CA LYS B 704 1.72 -5.12 -30.62
C LYS B 704 1.18 -5.83 -29.38
N ASN B 705 1.24 -5.20 -28.21
CA ASN B 705 0.84 -5.82 -26.95
C ASN B 705 -0.16 -4.90 -26.28
N LEU B 706 -1.41 -5.35 -26.19
CA LEU B 706 -2.49 -4.57 -25.57
C LEU B 706 -2.91 -5.35 -24.34
N ILE B 707 -2.67 -4.79 -23.17
CA ILE B 707 -2.99 -5.43 -21.91
C ILE B 707 -4.21 -4.75 -21.34
N LEU B 708 -5.33 -5.46 -21.32
CA LEU B 708 -6.58 -4.93 -20.79
C LEU B 708 -7.12 -5.75 -19.61
N LYS B 709 -6.26 -6.56 -18.97
CA LYS B 709 -6.76 -7.40 -17.87
C LYS B 709 -7.30 -6.54 -16.73
N ASN B 710 -8.30 -7.09 -16.03
CA ASN B 710 -8.87 -6.51 -14.82
C ASN B 710 -9.50 -5.14 -15.10
N ASN B 711 -10.48 -5.14 -16.01
CA ASN B 711 -11.31 -3.98 -16.27
C ASN B 711 -12.76 -4.42 -16.19
N GLN B 712 -13.66 -3.65 -16.79
CA GLN B 712 -15.09 -3.85 -16.70
C GLN B 712 -15.70 -4.07 -18.07
N ILE B 713 -14.95 -4.65 -19.01
CA ILE B 713 -15.42 -4.72 -20.38
C ILE B 713 -16.45 -5.83 -20.46
N ARG B 714 -17.65 -5.49 -20.94
CA ARG B 714 -18.73 -6.46 -20.97
C ARG B 714 -19.04 -6.97 -22.35
N SER B 715 -18.51 -6.32 -23.39
CA SER B 715 -18.69 -6.78 -24.77
C SER B 715 -17.65 -6.08 -25.62
N LEU B 716 -17.36 -6.67 -26.77
CA LEU B 716 -16.40 -6.12 -27.72
C LEU B 716 -17.14 -5.44 -28.88
N THR B 717 -16.51 -4.42 -29.43
CA THR B 717 -17.09 -3.76 -30.59
C THR B 717 -17.17 -4.74 -31.76
N LYS B 718 -18.10 -4.45 -32.68
CA LYS B 718 -18.40 -5.34 -33.79
C LYS B 718 -17.15 -5.74 -34.57
N TYR B 719 -16.27 -4.78 -34.89
CA TYR B 719 -15.10 -5.08 -35.71
C TYR B 719 -13.78 -4.73 -35.02
N PHE B 720 -13.75 -4.88 -33.68
CA PHE B 720 -12.61 -4.59 -32.81
C PHE B 720 -11.23 -4.76 -33.49
N LEU B 721 -10.85 -6.01 -33.82
CA LEU B 721 -9.49 -6.27 -34.27
C LEU B 721 -9.37 -6.39 -35.78
N GLN B 722 -10.35 -5.90 -36.53
CA GLN B 722 -10.28 -6.00 -38.00
C GLN B 722 -9.06 -5.25 -38.53
N ASP B 723 -8.20 -5.97 -39.25
CA ASP B 723 -6.98 -5.45 -39.89
C ASP B 723 -5.89 -5.06 -38.91
N ALA B 724 -5.93 -5.54 -37.68
CA ALA B 724 -4.88 -5.19 -36.72
C ALA B 724 -3.72 -6.18 -36.84
N PHE B 725 -3.10 -6.20 -38.02
CA PHE B 725 -2.24 -7.32 -38.38
C PHE B 725 -0.97 -7.43 -37.54
N GLN B 726 -0.44 -6.29 -37.06
CA GLN B 726 0.77 -6.29 -36.24
C GLN B 726 0.54 -6.70 -34.80
N LEU B 727 -0.72 -6.85 -34.37
CA LEU B 727 -1.01 -7.23 -32.99
C LEU B 727 -0.54 -8.65 -32.70
N ARG B 728 0.24 -8.82 -31.62
CA ARG B 728 0.77 -10.11 -31.20
C ARG B 728 0.24 -10.61 -29.87
N TYR B 729 -0.21 -9.72 -28.98
CA TYR B 729 -0.49 -10.08 -27.60
C TYR B 729 -1.74 -9.34 -27.15
N LEU B 730 -2.71 -10.06 -26.58
CA LEU B 730 -3.93 -9.42 -26.15
C LEU B 730 -4.43 -10.11 -24.89
N ASP B 731 -4.51 -9.35 -23.80
CA ASP B 731 -4.96 -9.83 -22.50
C ASP B 731 -6.30 -9.16 -22.23
N LEU B 732 -7.39 -9.94 -22.34
CA LEU B 732 -8.72 -9.51 -21.94
C LEU B 732 -9.19 -10.24 -20.70
N SER B 733 -8.26 -10.82 -19.93
CA SER B 733 -8.66 -11.62 -18.79
C SER B 733 -9.19 -10.76 -17.65
N SER B 734 -10.01 -11.38 -16.80
CA SER B 734 -10.61 -10.72 -15.66
C SER B 734 -11.40 -9.48 -16.10
N ASN B 735 -12.35 -9.73 -16.99
CA ASN B 735 -13.32 -8.72 -17.41
C ASN B 735 -14.69 -9.36 -17.21
N LYS B 736 -15.71 -8.84 -17.90
CA LYS B 736 -17.06 -9.39 -17.79
C LYS B 736 -17.60 -9.76 -19.16
N ILE B 737 -16.74 -10.27 -20.05
CA ILE B 737 -17.18 -10.50 -21.42
C ILE B 737 -18.14 -11.69 -21.44
N GLN B 738 -19.27 -11.53 -22.14
CA GLN B 738 -20.26 -12.59 -22.26
C GLN B 738 -20.17 -13.35 -23.57
N MET B 739 -19.85 -12.65 -24.67
CA MET B 739 -19.86 -13.16 -26.03
C MET B 739 -18.72 -12.56 -26.84
N ILE B 740 -18.26 -13.32 -27.82
CA ILE B 740 -17.27 -12.86 -28.79
C ILE B 740 -17.63 -13.47 -30.14
N GLN B 741 -17.98 -12.65 -31.12
CA GLN B 741 -18.28 -13.13 -32.46
C GLN B 741 -17.08 -12.90 -33.37
N LYS B 742 -17.12 -13.54 -34.55
CA LYS B 742 -15.96 -13.57 -35.44
C LYS B 742 -15.65 -12.21 -36.05
N THR B 743 -16.66 -11.34 -36.20
CA THR B 743 -16.38 -9.99 -36.68
C THR B 743 -15.41 -9.26 -35.77
N SER B 744 -15.59 -9.38 -34.44
CA SER B 744 -14.68 -8.75 -33.49
C SER B 744 -13.33 -9.44 -33.47
N PHE B 745 -13.30 -10.75 -33.73
CA PHE B 745 -12.09 -11.55 -33.64
C PHE B 745 -11.81 -12.20 -34.99
N PRO B 746 -11.49 -11.42 -36.03
CA PRO B 746 -11.17 -12.04 -37.33
C PRO B 746 -10.00 -13.00 -37.23
N GLU B 747 -10.14 -14.15 -37.90
CA GLU B 747 -9.18 -15.23 -37.75
C GLU B 747 -7.83 -14.88 -38.34
N ASN B 748 -7.78 -13.96 -39.33
CA ASN B 748 -6.50 -13.53 -39.89
C ASN B 748 -5.67 -12.74 -38.88
N VAL B 749 -6.31 -12.19 -37.85
CA VAL B 749 -5.59 -11.57 -36.72
C VAL B 749 -5.28 -12.59 -35.63
N LEU B 750 -6.31 -13.32 -35.18
CA LEU B 750 -6.16 -14.17 -34.01
C LEU B 750 -5.03 -15.19 -34.16
N ASN B 751 -4.83 -15.71 -35.37
CA ASN B 751 -3.85 -16.78 -35.53
C ASN B 751 -2.41 -16.26 -35.56
N ASN B 752 -2.21 -14.94 -35.71
CA ASN B 752 -0.91 -14.30 -35.59
C ASN B 752 -0.50 -14.01 -34.14
N LEU B 753 -1.37 -14.29 -33.17
CA LEU B 753 -1.12 -13.87 -31.79
C LEU B 753 -0.19 -14.86 -31.08
N LYS B 754 0.89 -14.34 -30.50
CA LYS B 754 1.74 -15.15 -29.64
C LYS B 754 0.95 -15.71 -28.45
N MET B 755 0.00 -14.93 -27.92
CA MET B 755 -0.77 -15.32 -26.74
C MET B 755 -2.05 -14.50 -26.73
N LEU B 756 -3.13 -15.13 -26.25
CA LEU B 756 -4.44 -14.47 -26.21
C LEU B 756 -5.10 -14.89 -24.91
N LEU B 757 -5.28 -13.95 -24.00
CA LEU B 757 -5.73 -14.26 -22.66
C LEU B 757 -7.21 -13.94 -22.53
N LEU B 758 -7.99 -14.91 -22.06
CA LEU B 758 -9.43 -14.75 -22.00
C LEU B 758 -10.01 -15.26 -20.69
N HIS B 759 -9.19 -15.64 -19.73
CA HIS B 759 -9.72 -16.35 -18.58
C HIS B 759 -10.39 -15.36 -17.63
N HIS B 760 -11.35 -15.89 -16.87
CA HIS B 760 -12.07 -15.17 -15.83
C HIS B 760 -12.93 -14.05 -16.43
N ASN B 761 -13.76 -14.43 -17.40
CA ASN B 761 -14.80 -13.60 -17.97
C ASN B 761 -16.15 -14.23 -17.65
N ARG B 762 -17.21 -13.77 -18.29
CA ARG B 762 -18.55 -14.29 -18.00
C ARG B 762 -19.19 -14.92 -19.24
N PHE B 763 -18.49 -15.86 -19.88
CA PHE B 763 -18.95 -16.43 -21.15
C PHE B 763 -20.30 -17.13 -21.02
N LEU B 764 -21.22 -16.83 -21.92
CA LEU B 764 -22.53 -17.44 -21.97
C LEU B 764 -22.56 -18.43 -23.11
N CYS B 765 -22.73 -19.70 -22.79
CA CYS B 765 -22.44 -20.77 -23.74
C CYS B 765 -23.73 -21.27 -24.40
N THR B 766 -24.41 -20.35 -25.05
CA THR B 766 -25.59 -20.63 -25.82
C THR B 766 -25.21 -20.92 -27.26
N CYS B 767 -26.20 -21.23 -28.10
CA CYS B 767 -25.92 -21.50 -29.50
C CYS B 767 -25.41 -20.27 -30.25
N ASP B 768 -25.58 -19.06 -29.69
CA ASP B 768 -24.96 -17.91 -30.33
C ASP B 768 -23.44 -17.92 -30.17
N ALA B 769 -22.91 -18.77 -29.29
CA ALA B 769 -21.50 -18.83 -28.96
C ALA B 769 -20.76 -19.87 -29.77
N VAL B 770 -21.41 -20.39 -30.80
CA VAL B 770 -20.93 -21.59 -31.46
C VAL B 770 -19.56 -21.35 -32.09
N TRP B 771 -19.37 -20.19 -32.74
CA TRP B 771 -18.09 -19.89 -33.37
C TRP B 771 -16.96 -19.78 -32.34
N PHE B 772 -17.20 -19.03 -31.28
CA PHE B 772 -16.16 -18.82 -30.28
C PHE B 772 -15.74 -20.14 -29.63
N VAL B 773 -16.70 -20.96 -29.24
CA VAL B 773 -16.41 -22.26 -28.63
C VAL B 773 -15.66 -23.15 -29.61
N TRP B 774 -16.12 -23.22 -30.86
CA TRP B 774 -15.42 -24.04 -31.83
C TRP B 774 -13.99 -23.56 -32.03
N TRP B 775 -13.80 -22.24 -32.16
CA TRP B 775 -12.46 -21.73 -32.42
C TRP B 775 -11.55 -21.94 -31.21
N VAL B 776 -12.06 -21.70 -30.00
CA VAL B 776 -11.25 -21.92 -28.79
C VAL B 776 -10.75 -23.36 -28.73
N GLN B 777 -11.56 -24.30 -29.21
CA GLN B 777 -11.21 -25.71 -29.07
C GLN B 777 -10.17 -26.14 -30.10
N HIS B 778 -10.14 -25.49 -31.26
CA HIS B 778 -9.35 -25.92 -32.40
C HIS B 778 -8.19 -24.98 -32.74
N THR B 779 -7.90 -23.99 -31.92
CA THR B 779 -6.91 -23.00 -32.33
C THR B 779 -5.51 -23.43 -31.93
N GLU B 780 -4.53 -22.97 -32.73
CA GLU B 780 -3.12 -23.16 -32.41
C GLU B 780 -2.67 -22.16 -31.34
N VAL B 781 -3.35 -21.02 -31.26
CA VAL B 781 -2.98 -19.91 -30.38
C VAL B 781 -2.99 -20.33 -28.91
N THR B 782 -2.01 -19.84 -28.18
CA THR B 782 -1.84 -20.15 -26.77
C THR B 782 -2.88 -19.37 -25.95
N ILE B 783 -3.70 -20.08 -25.20
CA ILE B 783 -4.71 -19.47 -24.33
C ILE B 783 -4.50 -20.08 -22.95
N PRO B 784 -3.86 -19.37 -22.02
CA PRO B 784 -3.61 -19.95 -20.69
C PRO B 784 -4.90 -20.23 -19.92
N TYR B 785 -4.84 -21.24 -19.05
CA TYR B 785 -5.92 -21.62 -18.14
C TYR B 785 -7.18 -22.14 -18.83
N LEU B 786 -7.07 -22.67 -20.05
CA LEU B 786 -8.22 -23.34 -20.66
C LEU B 786 -8.77 -24.43 -19.76
N ALA B 787 -7.90 -25.11 -19.01
CA ALA B 787 -8.35 -26.20 -18.15
C ALA B 787 -8.97 -25.71 -16.84
N THR B 788 -8.59 -24.54 -16.35
CA THR B 788 -8.94 -24.13 -15.00
C THR B 788 -9.93 -22.97 -14.92
N ASP B 789 -9.96 -22.05 -15.90
CA ASP B 789 -10.71 -20.81 -15.73
C ASP B 789 -11.16 -20.18 -17.05
N VAL B 790 -11.49 -20.97 -18.06
CA VAL B 790 -12.13 -20.46 -19.27
C VAL B 790 -13.47 -21.19 -19.32
N THR B 791 -14.49 -20.56 -18.73
CA THR B 791 -15.63 -21.25 -18.17
C THR B 791 -16.93 -20.65 -18.65
N CYS B 792 -17.93 -21.49 -18.85
CA CYS B 792 -19.29 -20.99 -19.04
C CYS B 792 -19.86 -20.58 -17.69
N VAL B 793 -20.43 -19.38 -17.60
CA VAL B 793 -21.21 -19.04 -16.41
C VAL B 793 -22.67 -19.45 -16.55
N GLY B 794 -23.10 -19.79 -17.77
CA GLY B 794 -24.43 -20.25 -18.06
C GLY B 794 -24.47 -20.66 -19.52
N PRO B 795 -25.66 -21.05 -20.02
CA PRO B 795 -26.93 -21.05 -19.30
C PRO B 795 -27.09 -22.27 -18.41
N GLY B 796 -27.26 -22.05 -17.12
CA GLY B 796 -27.57 -23.09 -16.14
C GLY B 796 -27.00 -24.46 -16.41
N ALA B 797 -27.50 -25.11 -17.47
CA ALA B 797 -26.99 -26.41 -17.89
C ALA B 797 -25.46 -26.43 -17.93
N HIS B 798 -24.86 -25.46 -18.61
CA HIS B 798 -23.42 -25.43 -18.79
C HIS B 798 -22.69 -24.59 -17.75
N LYS B 799 -23.36 -24.18 -16.66
CA LYS B 799 -22.71 -23.30 -15.70
C LYS B 799 -21.52 -23.99 -15.05
N GLY B 800 -20.43 -23.24 -14.90
CA GLY B 800 -19.18 -23.73 -14.34
C GLY B 800 -18.40 -24.66 -15.23
N GLN B 801 -18.89 -24.93 -16.43
CA GLN B 801 -18.29 -25.89 -17.32
C GLN B 801 -17.28 -25.20 -18.22
N SER B 802 -16.15 -25.87 -18.45
CA SER B 802 -15.11 -25.31 -19.29
C SER B 802 -15.55 -25.31 -20.75
N VAL B 803 -15.24 -24.23 -21.46
CA VAL B 803 -15.64 -24.17 -22.88
C VAL B 803 -14.85 -25.18 -23.69
N ILE B 804 -13.63 -25.54 -23.25
CA ILE B 804 -12.84 -26.53 -23.97
C ILE B 804 -13.54 -27.89 -24.02
N SER B 805 -14.33 -28.23 -22.99
CA SER B 805 -15.05 -29.50 -22.92
C SER B 805 -16.49 -29.41 -23.42
N LEU B 806 -16.87 -28.31 -24.07
CA LEU B 806 -18.27 -28.02 -24.35
C LEU B 806 -18.73 -28.72 -25.63
N ASP B 807 -19.89 -29.39 -25.55
CA ASP B 807 -20.51 -30.01 -26.70
C ASP B 807 -21.75 -29.21 -27.07
N LEU B 808 -21.78 -28.69 -28.28
CA LEU B 808 -22.89 -27.85 -28.74
C LEU B 808 -23.61 -28.47 -29.92
N TYR B 809 -23.63 -29.81 -30.01
CA TYR B 809 -24.23 -30.45 -31.18
C TYR B 809 -25.72 -30.16 -31.29
N THR B 810 -26.40 -29.94 -30.17
CA THR B 810 -27.83 -29.65 -30.23
C THR B 810 -28.12 -28.37 -31.00
N CYS B 811 -27.11 -27.54 -31.23
CA CYS B 811 -27.25 -26.38 -32.10
C CYS B 811 -27.16 -26.72 -33.59
N GLU B 812 -26.91 -27.98 -33.96
CA GLU B 812 -26.74 -28.35 -35.36
C GLU B 812 -27.72 -29.42 -35.80
N LEU B 813 -28.80 -29.65 -35.05
CA LEU B 813 -29.75 -30.71 -35.37
C LEU B 813 -30.57 -30.38 -36.61
C1 NAG E . -34.72 22.64 5.34
C2 NAG E . -33.40 22.52 6.09
C3 NAG E . -33.24 23.67 7.08
C4 NAG E . -33.38 25.00 6.35
C5 NAG E . -34.69 25.05 5.57
C6 NAG E . -34.81 26.30 4.72
C7 NAG E . -32.80 20.15 6.17
C8 NAG E . -32.74 18.92 7.02
N2 NAG E . -33.28 21.24 6.77
O3 NAG E . -31.95 23.59 7.68
O4 NAG E . -33.37 26.05 7.32
O5 NAG E . -34.78 23.92 4.68
O6 NAG E . -34.12 26.16 3.47
O7 NAG E . -32.43 20.16 4.99
C1 NAG E . -32.15 26.79 7.37
C2 NAG E . -32.48 28.19 7.87
C3 NAG E . -31.22 29.02 8.16
C4 NAG E . -30.23 28.23 9.00
C5 NAG E . -29.92 26.93 8.29
C6 NAG E . -28.92 26.07 9.02
C7 NAG E . -34.68 28.91 7.01
C8 NAG E . -35.39 29.68 5.94
N2 NAG E . -33.34 28.89 6.93
O3 NAG E . -31.57 30.22 8.84
O4 NAG E . -29.04 28.97 9.24
O5 NAG E . -31.14 26.18 8.19
O6 NAG E . -27.89 26.87 9.62
O7 NAG E . -35.28 28.31 7.91
C1 NAG F . -11.19 36.70 -18.06
C2 NAG F . -11.16 35.43 -18.94
C3 NAG F . -10.11 35.56 -20.04
C4 NAG F . -10.26 36.87 -20.81
C5 NAG F . -10.24 38.02 -19.81
C6 NAG F . -10.41 39.37 -20.45
C7 NAG F . -11.73 33.19 -18.07
C8 NAG F . -11.29 32.05 -17.19
N2 NAG F . -10.90 34.25 -18.12
O3 NAG F . -10.20 34.45 -20.94
O4 NAG F . -9.16 37.06 -21.70
O5 NAG F . -11.32 37.85 -18.89
O6 NAG F . -11.05 40.28 -19.58
O7 NAG F . -12.78 33.15 -18.68
C1 NAG F . -9.41 36.95 -23.11
C2 NAG F . -8.15 37.57 -23.69
C3 NAG F . -8.10 37.40 -25.23
C4 NAG F . -8.40 35.97 -25.64
C5 NAG F . -9.68 35.49 -24.99
C6 NAG F . -9.95 34.03 -25.24
C7 NAG F . -7.28 39.46 -22.39
C8 NAG F . -7.36 40.94 -22.15
N2 NAG F . -8.08 38.98 -23.34
O3 NAG F . -6.77 37.72 -25.65
O4 NAG F . -8.48 35.87 -27.06
O5 NAG F . -9.55 35.62 -23.57
O6 NAG F . -9.10 33.26 -24.39
O7 NAG F . -6.51 38.74 -21.75
C1 NAG G . 12.50 -36.11 18.58
C2 NAG G . 11.04 -35.70 18.59
C3 NAG G . 10.55 -35.45 20.02
C4 NAG G . 10.89 -36.62 20.94
C5 NAG G . 12.38 -36.91 20.81
C6 NAG G . 12.84 -38.09 21.63
C7 NAG G . 10.02 -34.49 16.72
C8 NAG G . 9.92 -33.18 15.99
N2 NAG G . 10.85 -34.52 17.77
O3 NAG G . 9.14 -35.26 19.99
O4 NAG G . 10.66 -36.26 22.29
O5 NAG G . 12.70 -37.21 19.45
O6 NAG G . 14.26 -38.10 21.72
O7 NAG G . 9.36 -35.48 16.38
C1 NAG G . 9.69 -37.06 22.99
C2 NAG G . 10.06 -37.07 24.46
C3 NAG G . 8.99 -37.76 25.30
C4 NAG G . 7.64 -37.12 25.05
C5 NAG G . 7.32 -37.22 23.56
C6 NAG G . 6.04 -36.54 23.18
C7 NAG G . 12.46 -36.97 24.94
C8 NAG G . 13.73 -37.75 25.12
N2 NAG G . 11.36 -37.68 24.68
O3 NAG G . 9.34 -37.65 26.68
O4 NAG G . 6.61 -37.75 25.81
O5 NAG G . 8.37 -36.57 22.80
O6 NAG G . 6.22 -35.13 23.03
O7 NAG G . 12.44 -35.74 25.03
C1 NAG H . 12.40 -35.99 -17.43
C2 NAG H . 13.13 -34.70 -17.07
C3 NAG H . 14.63 -34.90 -17.19
C4 NAG H . 15.08 -36.02 -16.29
C5 NAG H . 14.30 -37.30 -16.61
C6 NAG H . 14.58 -38.42 -15.64
C7 NAG H . 11.55 -32.92 -17.61
C8 NAG H . 11.22 -31.79 -18.53
N2 NAG H . 12.68 -33.59 -17.88
O3 NAG H . 15.32 -33.70 -16.86
O4 NAG H . 16.47 -36.26 -16.50
O5 NAG H . 12.88 -37.07 -16.58
O6 NAG H . 13.65 -38.45 -14.57
O7 NAG H . 10.82 -33.24 -16.68
C1 NAG H . 17.42 -35.97 -15.48
C2 NAG H . 18.58 -36.94 -15.70
C3 NAG H . 19.72 -36.66 -14.73
C4 NAG H . 20.18 -35.22 -14.87
C5 NAG H . 18.99 -34.30 -14.57
C6 NAG H . 19.34 -32.84 -14.77
C7 NAG H . 18.49 -39.25 -16.54
C8 NAG H . 19.36 -38.77 -17.67
N2 NAG H . 18.16 -38.33 -15.63
O3 NAG H . 20.79 -37.57 -14.98
O4 NAG H . 21.28 -34.91 -14.02
O5 NAG H . 17.90 -34.61 -15.46
O6 NAG H . 20.76 -32.64 -14.77
O7 NAG H . 18.13 -40.41 -16.44
C1 NAG I . 1.54 14.29 14.53
C2 NAG I . 0.03 14.00 14.65
C3 NAG I . -0.48 13.22 13.43
C4 NAG I . -0.03 13.87 12.12
C5 NAG I . 1.48 14.00 12.16
C6 NAG I . 2.07 14.60 10.91
C7 NAG I . -1.16 13.53 16.76
C8 NAG I . -1.24 12.63 17.94
N2 NAG I . -0.22 13.23 15.86
O3 NAG I . -1.90 13.13 13.44
O4 NAG I . -0.44 13.05 11.03
O5 NAG I . 1.83 14.88 13.25
O6 NAG I . 2.11 16.01 10.97
O7 NAG I . -1.92 14.49 16.62
C1 NAG J . 11.33 -9.60 28.26
C2 NAG J . 12.23 -9.58 29.45
C3 NAG J . 13.59 -10.14 29.04
C4 NAG J . 13.49 -11.48 28.30
C5 NAG J . 12.21 -11.72 27.47
C6 NAG J . 11.78 -13.19 27.51
C7 NAG J . 11.44 -7.65 30.76
C8 NAG J . 11.77 -6.29 31.29
N2 NAG J . 12.38 -8.25 30.01
O3 NAG J . 14.38 -10.32 30.22
O4 NAG J . 14.55 -11.55 27.36
O5 NAG J . 11.08 -10.94 27.90
O6 NAG J . 10.41 -13.41 27.18
O7 NAG J . 10.37 -8.18 31.00
C1 NAG K . 18.86 25.80 25.80
C2 NAG K . 20.32 25.57 26.17
C3 NAG K . 20.45 25.21 27.65
C4 NAG K . 19.68 26.19 28.54
C5 NAG K . 18.27 26.46 28.02
C6 NAG K . 17.60 27.60 28.74
C7 NAG K . 21.69 24.79 24.28
C8 NAG K . 22.22 23.59 23.56
N2 NAG K . 20.91 24.52 25.34
O3 NAG K . 21.81 25.23 28.01
O4 NAG K . 19.56 25.64 29.85
O5 NAG K . 18.32 26.81 26.63
O6 NAG K . 16.24 27.77 28.33
O7 NAG K . 21.95 25.93 23.93
C1 NAG L . -23.89 -25.93 21.84
C2 NAG L . -23.61 -25.65 23.31
C3 NAG L . -23.50 -26.95 24.08
C4 NAG L . -24.77 -27.78 23.89
C5 NAG L . -24.98 -28.04 22.41
C6 NAG L . -26.28 -28.77 22.13
C7 NAG L . -22.43 -23.57 23.80
C8 NAG L . -21.09 -22.92 23.98
N2 NAG L . -22.40 -24.87 23.48
O3 NAG L . -23.30 -26.64 25.46
O4 NAG L . -24.67 -29.02 24.57
O5 NAG L . -25.05 -26.80 21.70
O6 NAG L . -27.37 -27.86 22.07
O7 NAG L . -23.48 -22.95 23.92
C1 NAG M . 13.74 44.22 11.74
C2 NAG M . 14.96 44.99 12.27
C3 NAG M . 14.62 46.48 12.40
C4 NAG M . 14.07 47.03 11.08
C5 NAG M . 12.87 46.20 10.66
C6 NAG M . 12.22 46.66 9.38
C7 NAG M . 16.27 43.46 13.69
C8 NAG M . 16.57 43.03 15.10
N2 NAG M . 15.39 44.46 13.55
O3 NAG M . 15.71 47.27 12.86
O4 NAG M . 13.65 48.37 11.26
O5 NAG M . 13.29 44.83 10.49
O6 NAG M . 12.35 45.74 8.31
O7 NAG M . 16.80 42.93 12.71
C1 NAG N . -14.33 -1.72 17.43
C2 NAG N . -15.23 -0.50 17.60
C3 NAG N . -15.25 0.31 16.30
C4 NAG N . -13.83 0.76 15.96
C5 NAG N . -12.92 -0.46 15.84
C6 NAG N . -11.46 -0.07 15.69
C7 NAG N . -16.95 -1.06 19.26
C8 NAG N . -18.39 -1.42 19.50
N2 NAG N . -16.59 -0.87 17.99
O3 NAG N . -16.11 1.44 16.45
O4 NAG N . -13.80 1.50 14.75
O5 NAG N . -13.00 -1.29 17.01
O6 NAG N . -10.60 -1.21 15.54
O7 NAG N . -16.15 -0.95 20.20
C1 NAG O . 21.11 4.86 28.46
C2 NAG O . 22.34 4.28 29.17
C3 NAG O . 23.08 5.38 29.91
C4 NAG O . 23.44 6.51 28.95
C5 NAG O . 22.26 6.95 28.07
C6 NAG O . 22.70 7.80 26.89
C7 NAG O . 21.24 3.03 31.08
C8 NAG O . 20.49 4.26 31.51
N2 NAG O . 22.06 3.12 30.01
O3 NAG O . 24.25 4.82 30.48
O4 NAG O . 23.87 7.63 29.71
O5 NAG O . 21.54 5.83 27.50
O6 NAG O . 23.19 6.97 25.83
O7 NAG O . 21.13 1.97 31.68
N4 IDQ P . 24.20 -3.68 25.24
C21 IDQ P . 24.39 -5.15 25.17
C18 IDQ P . 24.23 -5.56 23.73
C17 IDQ P . 22.99 -5.99 23.22
C16 IDQ P . 22.86 -6.35 21.87
C20 IDQ P . 25.33 -5.49 22.88
C19 IDQ P . 25.20 -5.85 21.53
C15 IDQ P . 23.98 -6.29 21.02
C14 IDQ P . 23.87 -6.67 19.55
N2 IDQ P . 22.50 -6.33 19.14
C9 IDQ P . 21.49 -7.23 18.96
C10 IDQ P . 21.55 -8.72 19.08
C11 IDQ P . 21.57 -9.30 17.67
C12 IDQ P . 22.60 -8.54 16.83
C13 IDQ P . 23.11 -9.38 15.68
N1 IDQ P . 20.35 -6.63 18.61
C7 IDQ P . 20.58 -5.30 18.56
C6 IDQ P . 19.75 -4.11 18.27
N3 IDQ P . 18.44 -4.29 17.94
N IDQ P . 20.31 -2.88 18.33
C IDQ P . 21.60 -2.66 18.64
C8 IDQ P . 21.99 -5.10 18.92
C1 IDQ P . 22.53 -3.80 18.96
C3 IDQ P . 23.85 -3.47 19.28
C5 IDQ P . 24.29 -2.15 19.30
C4 IDQ P . 23.42 -1.11 18.99
C2 IDQ P . 22.09 -1.36 18.66
S SO4 Q . 16.79 -4.70 28.54
O1 SO4 Q . 16.62 -3.48 29.36
O2 SO4 Q . 17.73 -4.38 27.45
O3 SO4 Q . 17.30 -5.80 29.36
O4 SO4 Q . 15.52 -5.20 28.01
S SO4 R . 18.50 30.45 22.72
O1 SO4 R . 18.86 31.79 22.24
O2 SO4 R . 19.69 29.59 22.60
O3 SO4 R . 18.09 30.51 24.13
O4 SO4 R . 17.37 29.94 21.93
S SO4 S . -20.06 -1.06 14.52
O1 SO4 S . -20.25 0.10 13.65
O2 SO4 S . -18.97 -0.82 15.48
O3 SO4 S . -19.61 -2.18 13.66
O4 SO4 S . -21.34 -1.34 15.21
S SO4 T . 23.99 -1.22 24.09
O1 SO4 T . 23.41 -0.90 22.78
O2 SO4 T . 25.39 -0.78 24.06
O3 SO4 T . 23.21 -0.48 25.09
O4 SO4 T . 23.95 -2.66 24.46
C1 NAG U . 20.27 -1.31 -2.67
C2 NAG U . 19.90 -2.27 -3.80
C3 NAG U . 18.46 -2.74 -3.67
C4 NAG U . 18.18 -3.30 -2.29
C5 NAG U . 18.51 -2.21 -1.27
C6 NAG U . 18.22 -2.61 0.17
C7 NAG U . 20.56 -2.21 -6.19
C8 NAG U . 20.66 -1.35 -7.41
N2 NAG U . 20.09 -1.60 -5.09
O3 NAG U . 18.20 -3.73 -4.65
O4 NAG U . 16.81 -3.64 -2.18
O5 NAG U . 19.91 -1.89 -1.38
O6 NAG U . 19.31 -3.23 0.86
O7 NAG U . 20.89 -3.39 -6.19
C1 NAG V . 14.75 24.39 -14.54
C2 NAG V . 16.02 25.10 -15.00
C3 NAG V . 16.20 26.39 -14.21
C4 NAG V . 14.98 27.29 -14.37
C5 NAG V . 13.69 26.55 -14.01
C6 NAG V . 12.45 27.33 -14.40
C7 NAG V . 17.63 23.46 -15.86
C8 NAG V . 18.88 22.66 -15.58
N2 NAG V . 17.21 24.26 -14.87
O3 NAG V . 17.38 27.05 -14.67
O4 NAG V . 15.07 28.41 -13.49
O5 NAG V . 13.61 25.28 -14.70
O6 NAG V . 11.27 26.78 -13.84
O7 NAG V . 17.04 23.37 -16.92
C1 NAG W . 26.82 23.08 -2.96
C2 NAG W . 27.77 24.27 -3.06
C3 NAG W . 28.88 24.21 -1.99
C4 NAG W . 28.35 23.78 -0.61
C5 NAG W . 27.44 22.58 -0.74
C6 NAG W . 26.76 22.18 0.56
C7 NAG W . 27.88 24.92 -5.43
C8 NAG W . 28.63 24.75 -6.73
N2 NAG W . 28.38 24.26 -4.38
O3 NAG W . 29.46 25.50 -1.89
O4 NAG W . 29.43 23.44 0.25
O5 NAG W . 26.39 22.91 -1.64
O6 NAG W . 27.31 22.88 1.69
O7 NAG W . 26.88 25.62 -5.35
C1 NAG X . 6.97 -2.83 -20.74
C2 NAG X . 7.87 -4.02 -20.95
C3 NAG X . 7.72 -5.03 -19.80
C4 NAG X . 8.02 -4.32 -18.48
C5 NAG X . 7.13 -3.05 -18.37
C6 NAG X . 7.58 -2.19 -17.17
C7 NAG X . 8.39 -4.46 -23.33
C8 NAG X . 8.08 -5.26 -24.52
N2 NAG X . 7.65 -4.69 -22.22
O3 NAG X . 8.57 -6.18 -19.90
O4 NAG X . 7.94 -5.17 -17.32
O5 NAG X . 7.28 -2.25 -19.54
O6 NAG X . 6.83 -0.98 -17.08
O7 NAG X . 9.32 -3.58 -23.34
N4 IDQ Y . 19.11 28.72 -1.60
C21 IDQ Y . 18.26 29.90 -2.09
C18 IDQ Y . 16.86 29.66 -1.51
C17 IDQ Y . 16.42 30.33 -0.36
C16 IDQ Y . 15.17 30.03 0.20
C20 IDQ Y . 16.05 28.70 -2.08
C19 IDQ Y . 14.80 28.43 -1.53
C15 IDQ Y . 14.33 29.08 -0.38
C14 IDQ Y . 12.96 28.71 0.21
N2 IDQ Y . 12.71 27.34 -0.25
C9 IDQ Y . 11.80 27.04 -1.19
C10 IDQ Y . 10.83 28.01 -1.80
C11 IDQ Y . 9.49 27.74 -1.12
C12 IDQ Y . 9.59 27.85 0.39
C13 IDQ Y . 8.25 28.07 1.06
N1 IDQ Y . 11.81 25.72 -1.50
C7 IDQ Y . 12.76 25.13 -0.78
C6 IDQ Y . 13.26 23.74 -0.66
N3 IDQ Y . 12.72 22.76 -1.42
N IDQ Y . 14.26 23.49 0.19
C IDQ Y . 14.86 24.45 0.96
C8 IDQ Y . 13.36 26.19 0.06
C1 IDQ Y . 14.42 25.87 0.91
C3 IDQ Y . 15.08 26.78 1.73
C5 IDQ Y . 16.11 26.37 2.57
C4 IDQ Y . 16.52 25.05 2.61
C2 IDQ Y . 15.90 24.09 1.82
S SO4 Z . 18.81 25.84 -9.67
O1 SO4 Z . 17.86 26.93 -9.39
O2 SO4 Z . 19.51 26.09 -10.94
O3 SO4 Z . 19.78 25.71 -8.56
O4 SO4 Z . 18.05 24.61 -9.85
S SO4 AA . -28.49 -28.79 -24.65
O1 SO4 AA . -29.54 -28.38 -25.60
O2 SO4 AA . -27.17 -28.41 -25.15
O3 SO4 AA . -28.67 -28.13 -23.34
O4 SO4 AA . -28.54 -30.24 -24.44
S SO4 BA . 19.98 26.36 -0.34
O1 SO4 BA . 19.58 27.60 -1.12
O2 SO4 BA . 20.93 25.47 -1.04
O3 SO4 BA . 20.54 26.72 0.98
O4 SO4 BA . 18.85 25.48 -0.04
S SO4 CA . 21.19 -24.92 6.48
O1 SO4 CA . 21.57 -23.73 5.69
O2 SO4 CA . 21.99 -26.09 6.05
O3 SO4 CA . 21.49 -24.63 7.89
O4 SO4 CA . 19.73 -25.09 6.31
S SO4 DA . 37.19 -5.45 21.52
O1 SO4 DA . 38.37 -4.61 21.76
O2 SO4 DA . 37.29 -6.05 20.18
O3 SO4 DA . 37.13 -6.51 22.55
O4 SO4 DA . 36.01 -4.62 21.67
S SO4 EA . 8.85 9.68 4.96
O1 SO4 EA . 8.46 11.09 4.89
O2 SO4 EA . 10.32 9.50 4.90
O3 SO4 EA . 8.36 9.11 6.23
O4 SO4 EA . 8.21 8.97 3.84
S SO4 FA . 14.73 -31.14 14.11
O1 SO4 FA . 15.56 -30.00 13.65
O2 SO4 FA . 14.28 -32.01 12.99
O3 SO4 FA . 15.54 -32.10 14.89
O4 SO4 FA . 13.55 -30.58 14.81
#